data_7C3E
#
_entry.id   7C3E
#
_cell.length_a   81.962
_cell.length_b   102.484
_cell.length_c   106.020
_cell.angle_alpha   90.000
_cell.angle_beta   91.430
_cell.angle_gamma   90.000
#
_symmetry.space_group_name_H-M   'P 1 21 1'
#
loop_
_entity.id
_entity.type
_entity.pdbx_description
1 polymer AofleA
2 non-polymer GLYCEROL
3 non-polymer 'SULFATE ION'
4 water water
#
_entity_poly.entity_id   1
_entity_poly.type   'polypeptide(L)'
_entity_poly.pdbx_seq_one_letter_code
;MAPVEFPKSLRASSHSSEGGTTKEEDIYGYELLYRSAFASYIAPTGAWNLVWFQAADGSIKQARWYGEWVISTVLAPGKA
LQGTPLTALLWGPQDTVALYYLSPQFELQEWCWDTKNGADNKYDGALNAAKVKVAPYSKLGAVSFGGANLAVYYQGTNNK
LEEYTFGGGQGWKKGATLPGDPLPGTYISFVNRNKWDANPPSIAGYFQTVTGSLAEQVWETGGWRIGQFVIPAAPFLTPI
SATVSPEKDFPKIHVYWLSVESTIIESVNWHGWKAPKQIDNISVVKADISATSFTRDDGTVDVRIYGTAQLNVLFERIFR
YGVWEEKIHSISVGKEIPIEVVGVAAALEHHHHHH
;
_entity_poly.pdbx_strand_id   A,B,C,D
#
# COMPACT_ATOMS: atom_id res chain seq x y z
N PRO A 3 45.03 -5.70 -17.88
CA PRO A 3 45.52 -4.77 -16.87
C PRO A 3 44.63 -3.53 -16.75
N VAL A 4 44.81 -2.71 -15.73
CA VAL A 4 44.17 -1.41 -15.69
C VAL A 4 45.13 -0.38 -16.25
N GLU A 5 44.58 0.60 -16.94
CA GLU A 5 45.36 1.65 -17.55
C GLU A 5 45.55 2.80 -16.57
N PHE A 6 46.72 3.41 -16.60
CA PHE A 6 47.08 4.53 -15.74
C PHE A 6 47.89 5.50 -16.59
N PRO A 7 47.75 6.80 -16.36
CA PRO A 7 48.52 7.76 -17.16
C PRO A 7 50.00 7.49 -17.01
N LYS A 8 50.67 7.24 -18.14
CA LYS A 8 52.05 6.77 -18.07
C LYS A 8 53.00 7.82 -17.52
N SER A 9 52.61 9.10 -17.55
CA SER A 9 53.42 10.16 -16.97
C SER A 9 53.28 10.25 -15.45
N LEU A 10 52.40 9.48 -14.85
CA LEU A 10 52.19 9.50 -13.41
C LEU A 10 52.73 8.23 -12.78
N ARG A 11 53.18 8.34 -11.53
CA ARG A 11 53.62 7.19 -10.77
C ARG A 11 52.50 6.70 -9.85
N ALA A 12 52.16 5.42 -9.96
CA ALA A 12 51.04 4.88 -9.20
C ALA A 12 51.44 4.38 -7.81
N SER A 13 52.72 4.10 -7.60
CA SER A 13 53.17 3.54 -6.32
C SER A 13 54.65 3.83 -6.17
N SER A 14 55.18 3.51 -4.97
CA SER A 14 56.59 3.73 -4.70
C SER A 14 57.49 2.80 -5.52
N HIS A 15 56.95 1.73 -6.09
CA HIS A 15 57.74 0.87 -6.97
C HIS A 15 57.47 1.13 -8.44
N SER A 16 56.84 2.26 -8.77
CA SER A 16 56.72 2.67 -10.16
C SER A 16 58.07 3.12 -10.69
N SER A 17 58.20 3.10 -12.01
CA SER A 17 59.44 3.56 -12.62
C SER A 17 59.66 5.03 -12.31
N GLU A 18 60.94 5.44 -12.34
CA GLU A 18 61.31 6.81 -11.99
C GLU A 18 60.55 7.82 -12.85
N GLY A 19 60.44 7.56 -14.15
CA GLY A 19 59.81 8.49 -15.07
C GLY A 19 58.31 8.38 -15.20
N GLY A 20 57.67 7.48 -14.46
CA GLY A 20 56.25 7.28 -14.59
C GLY A 20 55.90 5.80 -14.55
N THR A 21 54.62 5.47 -14.69
CA THR A 21 54.20 4.08 -14.61
C THR A 21 54.44 3.38 -15.94
N THR A 22 55.11 2.23 -15.88
CA THR A 22 55.28 1.40 -17.06
C THR A 22 54.44 0.14 -16.95
N LYS A 23 54.91 -0.81 -16.15
CA LYS A 23 54.20 -2.06 -15.93
C LYS A 23 54.46 -2.47 -14.48
N GLU A 24 53.40 -2.68 -13.71
CA GLU A 24 53.57 -2.96 -12.29
C GLU A 24 52.30 -3.63 -11.78
N GLU A 25 52.36 -4.03 -10.51
CA GLU A 25 51.23 -4.64 -9.83
C GLU A 25 50.81 -3.76 -8.66
N ASP A 26 49.51 -3.51 -8.53
CA ASP A 26 48.96 -2.73 -7.44
C ASP A 26 47.79 -3.47 -6.83
N ILE A 27 47.35 -3.00 -5.66
CA ILE A 27 46.39 -3.70 -4.82
C ILE A 27 45.07 -2.94 -4.79
N TYR A 28 43.96 -3.70 -4.83
CA TYR A 28 42.60 -3.19 -4.67
C TYR A 28 42.06 -3.79 -3.38
N GLY A 29 42.00 -2.99 -2.32
CA GLY A 29 41.32 -3.41 -1.11
C GLY A 29 39.85 -3.08 -1.21
N TYR A 30 39.03 -4.04 -1.63
CA TYR A 30 37.66 -3.71 -1.97
C TYR A 30 36.71 -3.72 -0.79
N GLU A 31 37.19 -4.00 0.42
CA GLU A 31 36.36 -3.82 1.61
C GLU A 31 36.61 -2.48 2.28
N LEU A 32 37.50 -1.67 1.74
CA LEU A 32 37.62 -0.25 2.08
C LEU A 32 36.74 0.56 1.14
N LEU A 33 35.91 1.44 1.70
CA LEU A 33 35.08 2.29 0.86
C LEU A 33 35.97 3.04 -0.12
N TYR A 34 35.61 2.99 -1.40
CA TYR A 34 36.37 3.70 -2.41
C TYR A 34 36.27 5.20 -2.16
N ARG A 35 37.42 5.85 -2.01
CA ARG A 35 37.50 7.26 -1.63
C ARG A 35 36.94 7.49 -0.22
N SER A 36 37.29 6.58 0.70
CA SER A 36 36.86 6.71 2.10
C SER A 36 37.39 8.01 2.71
N ALA A 37 36.63 8.55 3.65
CA ALA A 37 37.19 9.58 4.51
C ALA A 37 38.17 8.97 5.51
N PHE A 38 39.06 9.81 6.05
CA PHE A 38 40.02 9.37 7.04
C PHE A 38 40.15 10.41 8.13
N ALA A 39 40.26 9.93 9.38
CA ALA A 39 40.65 10.74 10.52
C ALA A 39 41.77 10.00 11.26
N SER A 40 42.63 10.76 11.93
CA SER A 40 43.81 10.14 12.52
C SER A 40 44.25 10.88 13.77
N TYR A 41 44.97 10.16 14.62
CA TYR A 41 45.58 10.74 15.81
C TYR A 41 46.73 9.86 16.26
N ILE A 42 47.93 10.43 16.32
CA ILE A 42 49.10 9.75 16.86
C ILE A 42 49.34 10.26 18.27
N ALA A 43 49.78 9.37 19.14
CA ALA A 43 50.01 9.74 20.53
C ALA A 43 51.06 10.85 20.62
N PRO A 44 50.95 11.74 21.61
CA PRO A 44 51.96 12.81 21.75
C PRO A 44 53.37 12.29 21.88
N THR A 45 53.54 11.05 22.34
CA THR A 45 54.83 10.40 22.42
C THR A 45 55.17 9.64 21.15
N GLY A 46 54.21 9.47 20.24
CA GLY A 46 54.42 8.62 19.09
C GLY A 46 54.29 7.14 19.38
N ALA A 47 53.83 6.77 20.58
CA ALA A 47 53.83 5.37 20.99
C ALA A 47 52.73 4.56 20.33
N TRP A 48 51.62 5.19 19.93
CA TRP A 48 50.55 4.48 19.25
C TRP A 48 49.84 5.40 18.28
N ASN A 49 49.10 4.80 17.35
CA ASN A 49 48.38 5.52 16.30
C ASN A 49 46.91 5.07 16.29
N LEU A 50 46.04 6.01 15.92
CA LEU A 50 44.64 5.73 15.67
C LEU A 50 44.24 6.31 14.32
N VAL A 51 43.59 5.49 13.50
CA VAL A 51 43.11 5.89 12.19
C VAL A 51 41.68 5.37 12.04
N TRP A 52 40.78 6.24 11.62
CA TRP A 52 39.40 5.85 11.37
C TRP A 52 39.07 6.02 9.90
N PHE A 53 38.23 5.12 9.38
CA PHE A 53 37.89 5.10 7.96
C PHE A 53 36.52 4.43 7.84
N GLN A 54 35.98 4.44 6.62
CA GLN A 54 34.70 3.81 6.35
C GLN A 54 34.91 2.57 5.49
N ALA A 55 34.40 1.43 5.95
CA ALA A 55 34.45 0.20 5.17
C ALA A 55 33.42 0.27 4.05
N ALA A 56 33.55 -0.66 3.09
CA ALA A 56 32.65 -0.64 1.94
C ALA A 56 31.19 -0.77 2.35
N ASP A 57 30.91 -1.51 3.44
CA ASP A 57 29.55 -1.71 3.91
C ASP A 57 29.02 -0.55 4.75
N GLY A 58 29.74 0.57 4.83
CA GLY A 58 29.26 1.74 5.53
C GLY A 58 29.63 1.84 7.00
N SER A 59 30.09 0.75 7.61
CA SER A 59 30.51 0.82 9.00
C SER A 59 31.78 1.68 9.12
N ILE A 60 31.95 2.27 10.29
CA ILE A 60 33.16 3.02 10.60
C ILE A 60 34.10 2.11 11.38
N LYS A 61 35.32 1.98 10.89
CA LYS A 61 36.31 1.08 11.46
C LYS A 61 37.51 1.88 11.96
N GLN A 62 38.37 1.18 12.69
CA GLN A 62 39.50 1.80 13.36
C GLN A 62 40.75 0.95 13.12
N ALA A 63 41.83 1.60 12.71
CA ALA A 63 43.15 0.97 12.67
C ALA A 63 43.95 1.52 13.85
N ARG A 64 44.38 0.63 14.74
CA ARG A 64 45.17 1.02 15.90
C ARG A 64 46.54 0.38 15.80
N TRP A 65 47.58 1.20 15.86
CA TRP A 65 48.95 0.71 15.84
C TRP A 65 49.55 0.73 17.23
N TYR A 66 50.10 -0.41 17.65
CA TYR A 66 50.93 -0.50 18.85
C TYR A 66 51.87 -1.69 18.59
N GLY A 67 52.98 -1.40 17.92
CA GLY A 67 53.85 -2.44 17.41
C GLY A 67 53.37 -2.99 16.09
N GLU A 68 52.05 -3.13 15.96
CA GLU A 68 51.44 -3.58 14.72
C GLU A 68 50.03 -3.02 14.63
N TRP A 69 49.47 -3.07 13.42
CA TRP A 69 48.12 -2.56 13.18
C TRP A 69 47.07 -3.61 13.50
N VAL A 70 46.01 -3.17 14.20
CA VAL A 70 44.87 -4.01 14.53
C VAL A 70 43.60 -3.29 14.08
N ILE A 71 42.73 -4.00 13.37
CA ILE A 71 41.50 -3.43 12.82
C ILE A 71 40.32 -3.82 13.68
N SER A 72 39.44 -2.85 13.96
CA SER A 72 38.21 -3.10 14.69
C SER A 72 37.11 -2.24 14.10
N THR A 73 35.87 -2.51 14.52
CA THR A 73 34.69 -1.75 14.11
C THR A 73 34.19 -0.92 15.28
N VAL A 74 34.00 0.38 15.05
CA VAL A 74 33.51 1.26 16.12
C VAL A 74 32.05 1.64 15.92
N LEU A 75 31.57 1.65 14.67
CA LEU A 75 30.18 1.99 14.39
C LEU A 75 29.61 1.04 13.35
N ALA A 76 28.45 0.45 13.65
CA ALA A 76 27.83 -0.53 12.78
C ALA A 76 27.23 0.14 11.55
N PRO A 77 26.99 -0.61 10.47
CA PRO A 77 26.33 -0.04 9.29
C PRO A 77 24.98 0.56 9.66
N GLY A 78 24.65 1.68 9.02
CA GLY A 78 23.45 2.43 9.30
C GLY A 78 23.66 3.63 10.19
N LYS A 79 24.77 3.66 10.94
CA LYS A 79 25.06 4.81 11.79
C LYS A 79 25.45 6.03 10.95
N ALA A 80 26.26 5.84 9.92
CA ALA A 80 26.87 6.93 9.19
C ALA A 80 26.41 6.97 7.74
N LEU A 81 26.27 8.19 7.22
CA LEU A 81 26.11 8.42 5.80
C LEU A 81 27.13 7.61 5.01
N GLN A 82 26.69 7.01 3.91
CA GLN A 82 27.63 6.38 2.98
C GLN A 82 28.49 7.48 2.35
N GLY A 83 29.80 7.45 2.63
CA GLY A 83 30.67 8.54 2.25
C GLY A 83 30.73 9.66 3.28
N THR A 84 30.43 9.39 4.55
CA THR A 84 30.49 10.42 5.56
C THR A 84 31.88 11.03 5.65
N PRO A 85 31.99 12.30 6.00
CA PRO A 85 33.27 12.84 6.44
C PRO A 85 33.59 12.36 7.85
N LEU A 86 34.86 12.46 8.21
CA LEU A 86 35.31 12.04 9.53
C LEU A 86 36.32 13.05 10.05
N THR A 87 36.22 13.35 11.34
CA THR A 87 37.23 14.15 12.03
C THR A 87 37.21 13.75 13.49
N ALA A 88 38.37 13.83 14.14
CA ALA A 88 38.51 13.29 15.49
C ALA A 88 39.38 14.19 16.35
N LEU A 89 39.18 14.07 17.67
CA LEU A 89 40.03 14.74 18.64
C LEU A 89 40.07 13.89 19.91
N LEU A 90 41.02 14.22 20.78
CA LEU A 90 41.14 13.61 22.11
C LEU A 90 41.18 14.73 23.15
N TRP A 91 40.38 14.59 24.21
CA TRP A 91 40.24 15.65 25.19
C TRP A 91 39.83 15.08 26.54
N GLY A 92 39.87 15.94 27.56
CA GLY A 92 39.16 15.69 28.79
C GLY A 92 39.88 14.88 29.85
N PRO A 93 39.22 14.76 31.02
CA PRO A 93 39.84 14.04 32.14
C PRO A 93 40.11 12.57 31.87
N GLN A 94 39.30 11.90 31.05
CA GLN A 94 39.47 10.46 30.83
C GLN A 94 40.03 10.15 29.44
N ASP A 95 40.76 11.09 28.84
CA ASP A 95 41.40 10.89 27.55
C ASP A 95 40.41 10.39 26.51
N THR A 96 39.36 11.18 26.32
CA THR A 96 38.23 10.76 25.50
C THR A 96 38.50 11.01 24.03
N VAL A 97 38.45 9.96 23.22
CA VAL A 97 38.43 10.12 21.78
C VAL A 97 37.02 10.53 21.38
N ALA A 98 36.92 11.57 20.56
CA ALA A 98 35.65 11.99 19.98
C ALA A 98 35.76 11.87 18.46
N LEU A 99 34.89 11.07 17.88
CA LEU A 99 34.85 10.87 16.43
C LEU A 99 33.57 11.50 15.89
N TYR A 100 33.72 12.47 15.00
CA TYR A 100 32.58 13.17 14.43
C TYR A 100 32.35 12.68 13.01
N TYR A 101 31.07 12.45 12.69
CA TYR A 101 30.66 11.94 11.40
C TYR A 101 29.26 12.47 11.14
N LEU A 102 28.73 12.14 9.97
CA LEU A 102 27.38 12.53 9.59
C LEU A 102 26.46 11.32 9.59
N SER A 103 25.24 11.49 10.10
CA SER A 103 24.23 10.47 10.01
C SER A 103 23.76 10.37 8.55
N PRO A 104 23.03 9.31 8.19
CA PRO A 104 22.44 9.26 6.84
C PRO A 104 21.45 10.38 6.58
N GLN A 105 21.02 11.12 7.61
CA GLN A 105 20.15 12.28 7.44
C GLN A 105 20.92 13.59 7.53
N PHE A 106 22.25 13.54 7.35
CA PHE A 106 23.11 14.73 7.28
C PHE A 106 23.06 15.56 8.57
N GLU A 107 23.06 14.88 9.71
CA GLU A 107 23.15 15.55 11.00
C GLU A 107 24.48 15.20 11.65
N LEU A 108 25.05 16.18 12.35
CA LEU A 108 26.27 15.95 13.12
C LEU A 108 26.08 14.82 14.12
N GLN A 109 27.06 13.92 14.19
CA GLN A 109 27.05 12.84 15.14
C GLN A 109 28.39 12.76 15.84
N GLU A 110 28.39 12.15 17.02
CA GLU A 110 29.60 12.06 17.84
C GLU A 110 29.66 10.70 18.51
N TRP A 111 30.80 10.04 18.35
CA TRP A 111 31.09 8.77 19.01
C TRP A 111 32.25 8.98 19.95
N CYS A 112 32.10 8.56 21.20
CA CYS A 112 33.08 8.83 22.25
C CYS A 112 33.65 7.55 22.83
N TRP A 113 34.92 7.62 23.20
CA TRP A 113 35.65 6.48 23.75
C TRP A 113 36.64 7.02 24.78
N ASP A 114 36.38 6.76 26.07
CA ASP A 114 37.36 7.14 27.07
C ASP A 114 38.49 6.13 27.02
N THR A 115 39.73 6.61 27.11
CA THR A 115 40.87 5.70 27.02
C THR A 115 41.83 5.81 28.21
N LYS A 116 41.35 6.29 29.35
CA LYS A 116 42.21 6.45 30.51
C LYS A 116 42.15 5.19 31.37
N ASN A 117 43.31 4.72 31.79
CA ASN A 117 43.44 3.52 32.64
C ASN A 117 42.81 2.30 31.99
N GLY A 118 43.01 2.17 30.68
CA GLY A 118 42.60 0.98 29.95
C GLY A 118 41.13 0.64 30.03
N ALA A 119 40.26 1.63 30.21
CA ALA A 119 38.82 1.37 30.26
C ALA A 119 38.25 1.65 28.88
N ASP A 120 37.46 0.73 28.35
CA ASP A 120 36.89 0.87 27.02
C ASP A 120 35.40 1.24 27.11
N ASN A 121 35.16 2.44 27.62
CA ASN A 121 33.81 2.95 27.74
C ASN A 121 33.51 3.74 26.46
N LYS A 122 32.53 3.28 25.70
CA LYS A 122 32.21 3.87 24.42
C LYS A 122 30.73 4.22 24.38
N TYR A 123 30.43 5.42 23.87
CA TYR A 123 29.07 5.93 23.98
C TYR A 123 28.86 7.01 22.93
N ASP A 124 27.59 7.27 22.64
CA ASP A 124 27.22 8.39 21.78
C ASP A 124 27.37 9.69 22.56
N GLY A 125 27.95 10.69 21.90
CA GLY A 125 28.10 11.98 22.53
C GLY A 125 26.81 12.77 22.55
N ALA A 126 26.78 13.81 23.37
CA ALA A 126 25.58 14.63 23.49
C ALA A 126 25.28 15.41 22.21
N LEU A 127 26.25 15.53 21.31
CA LEU A 127 26.03 16.29 20.07
C LEU A 127 24.88 15.71 19.25
N ASN A 128 24.71 14.38 19.30
CA ASN A 128 23.63 13.75 18.55
C ASN A 128 22.28 14.38 18.84
N ALA A 129 22.03 14.73 20.11
CA ALA A 129 20.74 15.26 20.51
C ALA A 129 20.47 16.65 19.95
N ALA A 130 21.51 17.40 19.58
CA ALA A 130 21.30 18.73 19.03
C ALA A 130 20.69 18.68 17.63
N LYS A 131 20.81 17.54 16.95
CA LYS A 131 20.24 17.33 15.61
C LYS A 131 20.60 18.47 14.65
N VAL A 132 21.90 18.68 14.49
CA VAL A 132 22.40 19.77 13.66
C VAL A 132 22.44 19.32 12.21
N LYS A 133 21.54 19.87 11.40
CA LYS A 133 21.50 19.59 9.97
C LYS A 133 22.58 20.40 9.26
N VAL A 134 23.34 19.74 8.39
CA VAL A 134 24.42 20.39 7.66
C VAL A 134 24.19 20.23 6.17
N ALA A 135 24.98 20.96 5.39
CA ALA A 135 24.95 20.75 3.96
C ALA A 135 25.28 19.30 3.65
N PRO A 136 24.58 18.67 2.71
CA PRO A 136 24.79 17.22 2.48
C PRO A 136 26.21 16.87 2.05
N TYR A 137 26.95 17.80 1.44
CA TYR A 137 28.34 17.60 1.04
C TYR A 137 29.33 18.17 2.06
N SER A 138 28.86 18.56 3.24
CA SER A 138 29.75 19.16 4.22
C SER A 138 30.85 18.19 4.63
N LYS A 139 32.06 18.74 4.79
CA LYS A 139 33.13 18.04 5.46
C LYS A 139 33.09 18.43 6.94
N LEU A 140 34.07 17.97 7.71
CA LEU A 140 34.06 18.19 9.15
C LEU A 140 35.47 18.49 9.66
N GLY A 141 35.54 19.43 10.61
CA GLY A 141 36.72 19.62 11.41
C GLY A 141 36.34 19.77 12.87
N ALA A 142 37.35 19.68 13.74
CA ALA A 142 37.08 19.74 15.17
C ALA A 142 38.35 20.02 15.93
N VAL A 143 38.23 20.79 17.01
CA VAL A 143 39.34 21.09 17.91
C VAL A 143 38.84 21.15 19.34
N SER A 144 39.75 20.90 20.27
CA SER A 144 39.51 21.19 21.67
C SER A 144 40.44 22.34 22.06
N PHE A 145 39.92 23.27 22.86
CA PHE A 145 40.71 24.37 23.38
C PHE A 145 41.16 24.12 24.81
N GLY A 146 41.09 22.88 25.27
CA GLY A 146 41.54 22.54 26.60
C GLY A 146 40.56 23.06 27.63
N GLY A 147 40.38 22.32 28.72
CA GLY A 147 39.46 22.78 29.74
C GLY A 147 38.01 22.50 29.40
N ALA A 148 37.73 21.30 28.87
CA ALA A 148 36.38 20.88 28.50
C ALA A 148 35.70 21.79 27.47
N ASN A 149 36.46 22.44 26.59
CA ASN A 149 35.86 23.22 25.51
C ASN A 149 36.15 22.54 24.17
N LEU A 150 35.10 22.34 23.38
CA LEU A 150 35.18 21.73 22.06
C LEU A 150 34.50 22.62 21.04
N ALA A 151 34.93 22.49 19.79
CA ALA A 151 34.24 23.14 18.67
C ALA A 151 34.28 22.21 17.46
N VAL A 152 33.13 22.02 16.84
CA VAL A 152 33.01 21.27 15.59
C VAL A 152 32.76 22.28 14.47
N TYR A 153 33.43 22.07 13.34
CA TYR A 153 33.34 22.96 12.20
C TYR A 153 32.78 22.21 11.00
N TYR A 154 31.87 22.88 10.29
CA TYR A 154 31.12 22.23 9.21
C TYR A 154 30.63 23.29 8.24
N GLN A 155 29.97 22.84 7.18
CA GLN A 155 29.43 23.72 6.15
C GLN A 155 27.92 23.73 6.26
N GLY A 156 27.35 24.93 6.45
CA GLY A 156 25.92 25.08 6.55
C GLY A 156 25.25 24.99 5.19
N THR A 157 23.92 24.95 5.23
CA THR A 157 23.15 24.76 3.99
C THR A 157 23.33 25.90 3.00
N ASN A 158 23.72 27.10 3.47
CA ASN A 158 24.04 28.19 2.58
C ASN A 158 25.52 28.24 2.21
N ASN A 159 26.28 27.21 2.58
CA ASN A 159 27.66 26.96 2.18
C ASN A 159 28.68 27.80 2.95
N LYS A 160 28.27 28.54 3.97
CA LYS A 160 29.21 29.17 4.88
C LYS A 160 29.79 28.12 5.84
N LEU A 161 31.01 28.37 6.31
CA LEU A 161 31.57 27.56 7.38
C LEU A 161 30.93 27.96 8.71
N GLU A 162 30.50 26.96 9.48
CA GLU A 162 29.76 27.19 10.71
C GLU A 162 30.46 26.47 11.85
N GLU A 163 30.22 26.97 13.06
CA GLU A 163 30.84 26.46 14.27
C GLU A 163 29.77 26.03 15.26
N TYR A 164 30.00 24.89 15.90
CA TYR A 164 29.19 24.44 17.02
C TYR A 164 30.13 24.24 18.21
N THR A 165 29.78 24.84 19.35
CA THR A 165 30.67 24.87 20.50
C THR A 165 30.11 24.03 21.65
N PHE A 166 31.04 23.53 22.47
CA PHE A 166 30.73 22.79 23.67
C PHE A 166 31.66 23.27 24.78
N GLY A 167 31.11 23.43 25.97
CA GLY A 167 31.90 23.76 27.14
C GLY A 167 31.31 24.92 27.91
N GLY A 168 32.03 25.32 28.96
CA GLY A 168 31.57 26.39 29.82
C GLY A 168 30.23 26.09 30.48
N GLY A 169 29.94 24.83 30.74
CA GLY A 169 28.67 24.47 31.32
C GLY A 169 27.45 24.71 30.45
N GLN A 170 27.66 24.93 29.15
CA GLN A 170 26.57 25.27 28.25
C GLN A 170 26.00 24.08 27.48
N GLY A 171 26.76 22.99 27.35
CA GLY A 171 26.36 21.99 26.38
C GLY A 171 26.67 22.49 24.98
N TRP A 172 26.11 21.80 23.99
CA TRP A 172 26.38 22.16 22.61
C TRP A 172 25.50 23.34 22.19
N LYS A 173 26.15 24.39 21.66
CA LYS A 173 25.45 25.58 21.20
C LYS A 173 25.97 25.99 19.84
N LYS A 174 25.08 26.57 19.02
CA LYS A 174 25.51 27.13 17.76
C LYS A 174 26.53 28.23 17.99
N GLY A 175 27.65 28.15 17.28
CA GLY A 175 28.71 29.14 17.40
C GLY A 175 28.68 30.13 16.26
N ALA A 176 29.83 30.72 16.00
CA ALA A 176 29.91 31.78 15.02
C ALA A 176 29.67 31.25 13.62
N THR A 177 29.28 32.15 12.72
CA THR A 177 29.32 31.88 11.30
C THR A 177 30.63 32.46 10.79
N LEU A 178 31.49 31.60 10.24
CA LEU A 178 32.83 32.08 9.96
C LEU A 178 32.84 32.93 8.69
N PRO A 179 33.78 33.87 8.58
CA PRO A 179 33.84 34.71 7.39
C PRO A 179 34.36 33.94 6.18
N GLY A 180 34.31 34.59 5.04
CA GLY A 180 34.79 34.04 3.79
C GLY A 180 33.68 33.38 2.97
N ASP A 181 34.08 32.88 1.80
CA ASP A 181 33.16 32.39 0.78
C ASP A 181 33.59 30.97 0.41
N PRO A 182 33.23 29.98 1.22
CA PRO A 182 33.76 28.63 1.02
C PRO A 182 33.16 27.97 -0.21
N LEU A 183 34.00 27.21 -0.92
CA LEU A 183 33.53 26.37 -2.00
C LEU A 183 32.52 25.37 -1.43
N PRO A 184 31.37 25.17 -2.07
CA PRO A 184 30.43 24.14 -1.62
C PRO A 184 31.11 22.76 -1.64
N GLY A 185 31.04 22.07 -0.50
CA GLY A 185 31.69 20.79 -0.39
C GLY A 185 33.18 20.85 -0.12
N THR A 186 33.71 22.03 0.22
CA THR A 186 35.14 22.15 0.45
C THR A 186 35.58 21.20 1.55
N TYR A 187 36.76 20.60 1.36
CA TYR A 187 37.42 19.96 2.48
C TYR A 187 37.86 21.03 3.49
N ILE A 188 37.85 20.67 4.76
CA ILE A 188 38.23 21.58 5.83
C ILE A 188 39.08 20.84 6.84
N SER A 189 39.93 21.59 7.52
CA SER A 189 40.78 21.04 8.58
C SER A 189 41.09 22.16 9.55
N PHE A 190 40.76 21.95 10.81
CA PHE A 190 40.97 22.93 11.87
C PHE A 190 41.95 22.36 12.89
N VAL A 191 42.84 23.23 13.38
CA VAL A 191 43.91 22.83 14.28
C VAL A 191 44.02 23.83 15.42
N ASN A 192 44.49 23.35 16.57
CA ASN A 192 44.89 24.21 17.67
C ASN A 192 46.36 24.54 17.49
N ARG A 193 46.64 25.84 17.29
CA ARG A 193 48.00 26.26 16.95
C ARG A 193 48.97 26.14 18.12
N ASN A 194 48.50 26.21 19.35
CA ASN A 194 49.45 26.21 20.45
C ASN A 194 48.84 25.65 21.74
N LYS A 195 48.43 24.39 21.71
CA LYS A 195 47.84 23.82 22.92
C LYS A 195 48.91 23.44 23.94
N TRP A 196 50.18 23.67 23.62
CA TRP A 196 51.29 23.26 24.46
C TRP A 196 51.77 24.35 25.39
N ASP A 197 51.66 25.61 24.97
CA ASP A 197 52.15 26.75 25.74
C ASP A 197 51.04 27.31 26.61
N ALA A 198 51.41 28.24 27.49
CA ALA A 198 50.47 28.88 28.40
C ALA A 198 50.10 30.26 27.89
N ASN A 199 49.63 30.32 26.65
CA ASN A 199 49.22 31.53 25.99
C ASN A 199 47.71 31.52 25.81
N PRO A 200 47.10 32.58 25.28
CA PRO A 200 45.69 32.51 24.91
C PRO A 200 45.53 31.61 23.68
N PRO A 201 44.39 30.94 23.55
CA PRO A 201 44.28 29.93 22.48
C PRO A 201 44.24 30.56 21.09
N SER A 202 44.90 29.87 20.16
CA SER A 202 44.97 30.27 18.76
C SER A 202 44.59 29.09 17.89
N ILE A 203 43.54 29.26 17.08
CA ILE A 203 43.01 28.19 16.25
C ILE A 203 43.14 28.62 14.79
N ALA A 204 43.39 27.66 13.93
CA ALA A 204 43.46 27.91 12.50
C ALA A 204 42.69 26.82 11.74
N GLY A 205 42.01 27.23 10.69
CA GLY A 205 41.33 26.31 9.81
C GLY A 205 41.71 26.60 8.38
N TYR A 206 41.64 25.56 7.54
CA TYR A 206 42.03 25.65 6.14
C TYR A 206 40.92 25.10 5.27
N PHE A 207 40.63 25.78 4.16
CA PHE A 207 39.51 25.43 3.29
C PHE A 207 39.76 26.00 1.90
N GLN A 208 38.88 25.62 0.97
CA GLN A 208 38.91 26.10 -0.41
C GLN A 208 37.72 27.03 -0.63
N THR A 209 37.97 28.17 -1.28
CA THR A 209 36.95 29.17 -1.54
C THR A 209 36.25 28.93 -2.88
N VAL A 210 35.20 29.74 -3.14
CA VAL A 210 34.44 29.63 -4.38
C VAL A 210 35.26 29.98 -5.60
N THR A 211 36.43 30.59 -5.44
CA THR A 211 37.30 30.85 -6.59
C THR A 211 38.33 29.75 -6.80
N GLY A 212 38.34 28.71 -5.97
CA GLY A 212 39.33 27.67 -6.09
C GLY A 212 40.57 27.88 -5.23
N SER A 213 40.78 29.09 -4.71
CA SER A 213 41.90 29.35 -3.84
CA SER A 213 41.90 29.34 -3.84
C SER A 213 41.74 28.60 -2.51
N LEU A 214 42.87 28.39 -1.84
CA LEU A 214 42.88 27.88 -0.48
C LEU A 214 42.97 29.07 0.48
N ALA A 215 42.18 29.01 1.55
CA ALA A 215 42.14 30.11 2.50
C ALA A 215 42.25 29.58 3.92
N GLU A 216 42.33 30.51 4.87
CA GLU A 216 42.62 30.19 6.25
C GLU A 216 41.70 30.97 7.18
N GLN A 217 41.11 30.27 8.14
CA GLN A 217 40.40 30.88 9.26
C GLN A 217 41.34 30.95 10.45
N VAL A 218 41.33 32.09 11.16
CA VAL A 218 42.17 32.26 12.34
C VAL A 218 41.30 32.79 13.48
N TRP A 219 41.32 32.09 14.61
CA TRP A 219 40.67 32.54 15.83
C TRP A 219 41.72 32.96 16.84
N GLU A 220 41.70 34.25 17.20
CA GLU A 220 42.52 34.79 18.28
C GLU A 220 41.76 35.88 18.99
N THR A 221 42.01 35.98 20.29
CA THR A 221 41.55 37.09 21.13
CA THR A 221 41.54 37.08 21.15
C THR A 221 40.11 37.50 20.78
N GLY A 222 39.21 36.54 20.84
CA GLY A 222 37.79 36.85 20.78
C GLY A 222 37.05 36.59 19.49
N GLY A 223 37.71 36.28 18.37
CA GLY A 223 36.90 35.95 17.20
C GLY A 223 37.68 35.48 15.99
N TRP A 224 36.91 35.07 14.97
CA TRP A 224 37.40 34.54 13.71
C TRP A 224 37.66 35.64 12.68
N ARG A 225 38.77 35.52 11.96
CA ARG A 225 39.02 36.38 10.81
C ARG A 225 39.84 35.59 9.78
N ILE A 226 39.84 36.09 8.55
CA ILE A 226 40.56 35.43 7.46
C ILE A 226 42.07 35.58 7.66
N GLY A 227 42.78 34.46 7.67
CA GLY A 227 44.20 34.48 7.92
C GLY A 227 45.01 34.86 6.70
N GLN A 228 46.33 34.88 6.88
CA GLN A 228 47.25 35.33 5.84
C GLN A 228 47.64 34.23 4.86
N PHE A 229 47.37 32.97 5.17
CA PHE A 229 47.68 31.87 4.27
C PHE A 229 46.76 31.93 3.05
N VAL A 230 47.34 32.04 1.86
CA VAL A 230 46.60 32.15 0.62
C VAL A 230 47.32 31.33 -0.45
N ILE A 231 46.62 30.38 -1.06
CA ILE A 231 47.08 29.64 -2.23
C ILE A 231 46.19 30.05 -3.40
N PRO A 232 46.71 30.80 -4.39
CA PRO A 232 45.83 31.37 -5.42
C PRO A 232 45.04 30.34 -6.22
N ALA A 233 45.61 29.16 -6.46
CA ALA A 233 44.95 28.16 -7.29
C ALA A 233 45.24 26.77 -6.78
N ALA A 234 44.20 25.94 -6.74
CA ALA A 234 44.30 24.55 -6.29
C ALA A 234 43.27 23.74 -7.05
N PRO A 235 43.45 22.42 -7.13
CA PRO A 235 42.48 21.59 -7.85
C PRO A 235 41.10 21.65 -7.23
N PHE A 236 40.08 21.48 -8.08
CA PHE A 236 38.68 21.53 -7.65
C PHE A 236 38.41 20.46 -6.61
N LEU A 237 37.88 20.90 -5.46
CA LEU A 237 37.57 20.00 -4.33
C LEU A 237 38.77 19.16 -3.93
N THR A 238 39.92 19.82 -3.84
CA THR A 238 41.11 19.12 -3.39
C THR A 238 40.97 18.72 -1.93
N PRO A 239 41.42 17.52 -1.56
CA PRO A 239 41.54 17.16 -0.15
C PRO A 239 42.45 18.14 0.58
N ILE A 240 42.13 18.39 1.85
CA ILE A 240 42.88 19.32 2.68
C ILE A 240 43.03 18.71 4.08
N SER A 241 44.24 18.73 4.61
CA SER A 241 44.49 18.27 5.97
C SER A 241 45.62 19.09 6.57
N ALA A 242 45.47 19.45 7.84
CA ALA A 242 46.46 20.23 8.56
C ALA A 242 46.77 19.56 9.89
N THR A 243 48.00 19.75 10.36
CA THR A 243 48.40 19.26 11.67
C THR A 243 49.49 20.17 12.22
N VAL A 244 49.50 20.33 13.54
CA VAL A 244 50.43 21.23 14.23
C VAL A 244 51.11 20.47 15.36
N SER A 245 52.43 20.62 15.46
CA SER A 245 53.23 20.18 16.59
C SER A 245 54.36 21.18 16.77
N PRO A 246 54.85 21.37 17.99
CA PRO A 246 55.98 22.30 18.19
C PRO A 246 57.29 21.71 17.71
N GLU A 247 58.01 22.46 16.87
CA GLU A 247 59.36 22.13 16.46
C GLU A 247 60.31 23.16 17.02
N LYS A 248 61.32 22.70 17.75
CA LYS A 248 62.27 23.60 18.44
C LYS A 248 61.51 24.61 19.30
N ASP A 249 60.48 24.11 20.00
CA ASP A 249 59.70 24.88 20.96
C ASP A 249 58.94 26.04 20.30
N PHE A 250 58.56 25.86 19.03
CA PHE A 250 57.71 26.82 18.35
C PHE A 250 56.74 26.06 17.45
N PRO A 251 55.47 26.47 17.41
CA PRO A 251 54.47 25.72 16.65
C PRO A 251 54.83 25.62 15.18
N LYS A 252 54.73 24.40 14.64
CA LYS A 252 54.96 24.14 13.23
C LYS A 252 53.65 23.66 12.61
N ILE A 253 53.06 24.50 11.76
CA ILE A 253 51.83 24.17 11.05
C ILE A 253 52.19 23.45 9.76
N HIS A 254 51.58 22.30 9.52
CA HIS A 254 51.69 21.58 8.25
C HIS A 254 50.33 21.58 7.57
N VAL A 255 50.27 22.04 6.34
CA VAL A 255 49.04 22.04 5.54
C VAL A 255 49.29 21.22 4.29
N TYR A 256 48.43 20.24 4.04
CA TYR A 256 48.57 19.32 2.92
C TYR A 256 47.35 19.39 2.02
N TRP A 257 47.59 19.41 0.71
CA TRP A 257 46.54 19.26 -0.30
C TRP A 257 47.16 18.57 -1.51
N LEU A 258 46.37 18.42 -2.58
CA LEU A 258 46.80 17.68 -3.75
C LEU A 258 47.06 18.61 -4.93
N SER A 259 48.03 18.24 -5.76
CA SER A 259 48.29 18.93 -7.01
C SER A 259 47.37 18.41 -8.11
N VAL A 260 47.52 18.97 -9.32
CA VAL A 260 46.80 18.46 -10.48
C VAL A 260 47.18 17.03 -10.81
N GLU A 261 48.37 16.58 -10.38
CA GLU A 261 48.76 15.19 -10.55
C GLU A 261 48.30 14.31 -9.40
N SER A 262 47.52 14.86 -8.46
CA SER A 262 47.11 14.15 -7.25
C SER A 262 48.33 13.70 -6.42
N THR A 263 49.39 14.49 -6.48
CA THR A 263 50.51 14.34 -5.55
C THR A 263 50.31 15.29 -4.38
N ILE A 264 50.85 14.92 -3.22
CA ILE A 264 50.59 15.66 -2.00
C ILE A 264 51.55 16.85 -1.90
N ILE A 265 50.99 18.05 -1.74
CA ILE A 265 51.74 19.28 -1.58
C ILE A 265 51.71 19.65 -0.11
N GLU A 266 52.85 20.09 0.41
CA GLU A 266 52.99 20.51 1.79
C GLU A 266 53.35 21.99 1.84
N SER A 267 52.68 22.73 2.72
CA SER A 267 53.08 24.08 3.05
C SER A 267 53.24 24.16 4.57
N VAL A 268 54.40 24.65 5.02
CA VAL A 268 54.74 24.68 6.43
C VAL A 268 54.79 26.12 6.90
N ASN A 269 54.23 26.37 8.07
CA ASN A 269 54.38 27.65 8.77
C ASN A 269 55.21 27.45 10.03
N TRP A 270 56.37 28.11 10.08
CA TRP A 270 57.26 28.07 11.24
C TRP A 270 58.04 29.38 11.19
N HIS A 271 57.60 30.37 11.97
CA HIS A 271 58.08 31.75 11.81
C HIS A 271 57.92 32.21 10.37
N GLY A 272 56.71 32.04 9.85
CA GLY A 272 56.41 32.41 8.49
C GLY A 272 56.16 31.19 7.62
N TRP A 273 55.40 31.40 6.56
CA TRP A 273 55.06 30.34 5.62
C TRP A 273 56.21 30.06 4.68
N LYS A 274 56.43 28.78 4.39
CA LYS A 274 57.41 28.40 3.39
C LYS A 274 56.68 28.12 2.09
N ALA A 275 57.43 28.14 0.99
CA ALA A 275 56.82 27.89 -0.31
C ALA A 275 56.25 26.48 -0.35
N PRO A 276 55.11 26.26 -1.01
CA PRO A 276 54.56 24.91 -1.11
C PRO A 276 55.55 24.00 -1.82
N LYS A 277 55.67 22.77 -1.33
CA LYS A 277 56.55 21.81 -1.97
C LYS A 277 55.92 20.42 -1.93
N GLN A 278 56.15 19.68 -3.00
CA GLN A 278 55.65 18.33 -3.16
C GLN A 278 56.45 17.37 -2.28
N ILE A 279 55.76 16.55 -1.49
CA ILE A 279 56.48 15.67 -0.58
C ILE A 279 56.96 14.41 -1.30
N ASP A 280 56.25 13.97 -2.33
CA ASP A 280 56.71 12.91 -3.21
C ASP A 280 55.90 12.99 -4.50
N ASN A 281 56.37 12.31 -5.53
CA ASN A 281 55.76 12.42 -6.86
C ASN A 281 54.84 11.25 -7.19
N ILE A 282 54.30 10.56 -6.18
CA ILE A 282 53.40 9.45 -6.39
C ILE A 282 51.96 9.96 -6.35
N SER A 283 51.19 9.64 -7.38
CA SER A 283 49.79 10.07 -7.44
C SER A 283 48.93 9.20 -6.51
N VAL A 284 48.29 9.83 -5.54
CA VAL A 284 47.33 9.13 -4.68
C VAL A 284 45.98 9.20 -5.36
N VAL A 285 45.01 8.46 -4.83
CA VAL A 285 43.63 8.64 -5.25
C VAL A 285 43.13 9.98 -4.74
N LYS A 286 42.54 10.77 -5.63
CA LYS A 286 42.02 12.08 -5.24
C LYS A 286 40.84 11.87 -4.31
N ALA A 287 41.13 11.91 -3.01
CA ALA A 287 40.15 11.61 -1.96
C ALA A 287 40.80 11.99 -0.64
N ASP A 288 39.98 11.97 0.41
CA ASP A 288 40.36 12.49 1.74
C ASP A 288 41.74 12.02 2.18
N ILE A 289 42.51 12.94 2.73
CA ILE A 289 43.76 12.61 3.42
C ILE A 289 43.67 13.15 4.84
N SER A 290 44.47 12.56 5.72
CA SER A 290 44.44 12.93 7.13
C SER A 290 45.87 12.92 7.65
N ALA A 291 46.33 14.07 8.15
CA ALA A 291 47.68 14.20 8.67
C ALA A 291 47.65 14.34 10.19
N THR A 292 48.64 13.76 10.85
CA THR A 292 48.82 13.85 12.29
C THR A 292 50.31 13.94 12.58
N SER A 293 50.65 14.45 13.76
CA SER A 293 52.05 14.74 14.05
C SER A 293 52.30 14.70 15.54
N PHE A 294 53.58 14.60 15.90
CA PHE A 294 54.04 14.67 17.28
C PHE A 294 55.49 15.13 17.28
N THR A 295 55.92 15.61 18.44
CA THR A 295 57.27 16.14 18.62
C THR A 295 58.14 15.09 19.30
N ARG A 296 59.33 14.87 18.77
CA ARG A 296 60.25 13.95 19.41
C ARG A 296 60.99 14.64 20.54
N ASP A 297 61.74 13.86 21.32
CA ASP A 297 62.50 14.43 22.43
C ASP A 297 63.51 15.46 21.95
N ASP A 298 64.08 15.28 20.76
CA ASP A 298 65.07 16.24 20.26
C ASP A 298 64.43 17.49 19.65
N GLY A 299 63.11 17.64 19.78
CA GLY A 299 62.43 18.83 19.27
C GLY A 299 62.07 18.81 17.80
N THR A 300 62.28 17.69 17.10
CA THR A 300 61.87 17.61 15.71
C THR A 300 60.48 16.97 15.63
N VAL A 301 59.75 17.27 14.57
CA VAL A 301 58.34 16.89 14.45
C VAL A 301 58.21 15.79 13.40
N ASP A 302 57.72 14.64 13.82
CA ASP A 302 57.31 13.58 12.93
C ASP A 302 55.90 13.84 12.41
N VAL A 303 55.65 13.42 11.17
CA VAL A 303 54.33 13.50 10.57
C VAL A 303 53.93 12.14 10.03
N ARG A 304 52.64 11.83 10.11
CA ARG A 304 52.05 10.69 9.42
C ARG A 304 50.88 11.19 8.60
N ILE A 305 50.78 10.74 7.34
CA ILE A 305 49.65 11.08 6.49
C ILE A 305 48.96 9.78 6.06
N TYR A 306 47.64 9.74 6.20
CA TYR A 306 46.84 8.60 5.77
C TYR A 306 45.89 9.01 4.67
N GLY A 307 45.63 8.07 3.77
CA GLY A 307 44.71 8.32 2.68
C GLY A 307 44.61 7.12 1.77
N THR A 308 44.08 7.33 0.58
CA THR A 308 43.86 6.26 -0.38
C THR A 308 44.93 6.31 -1.47
N ALA A 309 45.65 5.21 -1.63
CA ALA A 309 46.62 5.05 -2.71
C ALA A 309 46.06 4.10 -3.75
N GLN A 310 46.63 4.16 -4.96
CA GLN A 310 46.27 3.21 -6.01
C GLN A 310 46.49 1.78 -5.53
N LEU A 311 45.54 0.90 -5.83
CA LEU A 311 44.32 1.24 -6.55
C LEU A 311 43.24 1.67 -5.56
N ASN A 312 43.15 0.93 -4.46
CA ASN A 312 42.33 1.38 -3.33
C ASN A 312 42.86 0.74 -2.04
N VAL A 313 43.92 1.31 -1.49
CA VAL A 313 44.50 0.85 -0.23
C VAL A 313 44.73 2.04 0.66
N LEU A 314 44.71 1.79 1.97
CA LEU A 314 44.99 2.82 2.97
C LEU A 314 46.50 2.95 3.10
N PHE A 315 47.04 4.09 2.66
CA PHE A 315 48.47 4.30 2.73
C PHE A 315 48.84 4.98 4.04
N GLU A 316 50.11 4.82 4.42
CA GLU A 316 50.72 5.60 5.48
C GLU A 316 52.00 6.21 4.96
N ARG A 317 52.05 7.53 4.88
CA ARG A 317 53.28 8.25 4.57
C ARG A 317 53.92 8.73 5.87
N ILE A 318 55.24 8.56 5.98
CA ILE A 318 55.96 8.77 7.22
C ILE A 318 57.01 9.84 7.00
N PHE A 319 56.89 10.94 7.75
CA PHE A 319 57.94 11.95 7.84
C PHE A 319 58.64 11.75 9.17
N ARG A 320 59.89 11.31 9.13
CA ARG A 320 60.60 10.90 10.33
C ARG A 320 62.05 11.36 10.25
N TYR A 321 62.49 12.10 11.26
CA TYR A 321 63.85 12.63 11.32
C TYR A 321 64.19 13.46 10.08
N GLY A 322 63.24 14.30 9.67
CA GLY A 322 63.47 15.31 8.65
C GLY A 322 63.34 14.87 7.22
N VAL A 323 62.96 13.61 6.96
CA VAL A 323 62.80 13.12 5.60
C VAL A 323 61.50 12.33 5.49
N TRP A 324 60.89 12.42 4.31
CA TRP A 324 59.80 11.52 3.94
C TRP A 324 60.40 10.18 3.51
N GLU A 325 60.02 9.12 4.22
CA GLU A 325 60.60 7.81 3.95
C GLU A 325 60.11 7.26 2.61
N GLU A 326 61.02 6.61 1.88
CA GLU A 326 60.72 6.20 0.51
C GLU A 326 59.73 5.05 0.47
N LYS A 327 59.80 4.14 1.45
CA LYS A 327 58.84 3.04 1.51
C LYS A 327 57.52 3.54 2.09
N ILE A 328 56.45 3.43 1.31
CA ILE A 328 55.12 3.83 1.72
C ILE A 328 54.33 2.58 2.08
N HIS A 329 54.05 2.40 3.38
CA HIS A 329 53.28 1.27 3.86
C HIS A 329 51.85 1.35 3.33
N SER A 330 51.19 0.19 3.29
CA SER A 330 49.75 0.12 3.19
C SER A 330 49.22 -0.68 4.37
N ILE A 331 48.06 -0.29 4.87
CA ILE A 331 47.44 -0.93 6.02
C ILE A 331 46.25 -1.71 5.52
N SER A 332 46.34 -3.04 5.57
CA SER A 332 45.26 -3.88 5.08
C SER A 332 44.05 -3.79 6.00
N VAL A 333 42.88 -3.58 5.41
CA VAL A 333 41.65 -3.43 6.17
C VAL A 333 40.60 -4.45 5.76
N GLY A 334 40.99 -5.45 4.96
CA GLY A 334 40.04 -6.44 4.48
C GLY A 334 40.62 -7.18 3.28
N LYS A 335 39.72 -7.84 2.55
CA LYS A 335 40.13 -8.64 1.41
C LYS A 335 40.68 -7.75 0.30
N GLU A 336 41.67 -8.29 -0.42
CA GLU A 336 42.40 -7.55 -1.43
C GLU A 336 42.62 -8.43 -2.65
N ILE A 337 42.75 -7.80 -3.80
CA ILE A 337 43.17 -8.51 -5.01
C ILE A 337 44.28 -7.70 -5.66
N PRO A 338 45.32 -8.35 -6.19
CA PRO A 338 46.32 -7.63 -6.97
C PRO A 338 45.87 -7.51 -8.41
N ILE A 339 46.19 -6.38 -9.02
CA ILE A 339 45.81 -6.10 -10.39
C ILE A 339 47.01 -5.54 -11.13
N GLU A 340 47.21 -6.02 -12.37
CA GLU A 340 48.27 -5.49 -13.22
CA GLU A 340 48.28 -5.50 -13.20
C GLU A 340 47.92 -4.10 -13.70
N VAL A 341 48.89 -3.19 -13.67
CA VAL A 341 48.72 -1.81 -14.08
C VAL A 341 49.73 -1.52 -15.18
N VAL A 342 49.28 -0.87 -16.26
CA VAL A 342 50.14 -0.48 -17.37
C VAL A 342 50.01 1.01 -17.61
N GLY A 343 51.15 1.67 -17.83
CA GLY A 343 51.13 3.08 -18.17
C GLY A 343 50.74 3.26 -19.63
N VAL A 344 49.79 4.18 -19.88
CA VAL A 344 49.24 4.41 -21.21
C VAL A 344 49.30 5.89 -21.52
N ALA A 345 49.69 6.22 -22.75
CA ALA A 345 49.84 7.60 -23.20
C ALA A 345 48.53 8.13 -23.76
N ALA A 346 48.51 9.45 -23.98
CA ALA A 346 47.36 10.07 -24.61
C ALA A 346 47.32 9.75 -26.09
N ALA A 347 46.11 9.75 -26.65
CA ALA A 347 45.93 9.48 -28.07
C ALA A 347 46.43 10.66 -28.91
N PRO B 3 41.53 30.67 -9.07
CA PRO B 3 40.97 29.68 -9.99
C PRO B 3 41.19 28.26 -9.48
N VAL B 4 40.54 27.27 -10.12
CA VAL B 4 40.86 25.87 -9.86
C VAL B 4 41.85 25.41 -10.93
N GLU B 5 42.76 24.52 -10.53
CA GLU B 5 43.77 23.99 -11.43
C GLU B 5 43.26 22.73 -12.13
N PHE B 6 43.66 22.58 -13.40
CA PHE B 6 43.28 21.46 -14.25
C PHE B 6 44.50 21.11 -15.12
N PRO B 7 44.71 19.84 -15.42
CA PRO B 7 45.88 19.46 -16.25
C PRO B 7 45.82 20.13 -17.62
N LYS B 8 46.89 20.85 -17.96
CA LYS B 8 46.86 21.65 -19.18
C LYS B 8 46.82 20.78 -20.44
N SER B 9 47.19 19.51 -20.36
CA SER B 9 47.10 18.64 -21.52
C SER B 9 45.68 18.13 -21.76
N LEU B 10 44.74 18.43 -20.86
CA LEU B 10 43.37 17.99 -21.00
C LEU B 10 42.46 19.17 -21.30
N ARG B 11 41.39 18.90 -22.03
CA ARG B 11 40.35 19.89 -22.33
C ARG B 11 39.18 19.67 -21.37
N ALA B 12 38.77 20.72 -20.67
CA ALA B 12 37.70 20.61 -19.68
C ALA B 12 36.32 20.85 -20.28
N SER B 13 36.24 21.48 -21.44
CA SER B 13 34.94 21.83 -22.00
C SER B 13 35.07 21.99 -23.51
N SER B 14 33.92 22.21 -24.16
CA SER B 14 33.90 22.44 -25.59
C SER B 14 34.53 23.76 -25.99
N HIS B 15 34.66 24.70 -25.06
CA HIS B 15 35.29 25.98 -25.36
C HIS B 15 36.73 26.04 -24.85
N SER B 16 37.31 24.90 -24.50
CA SER B 16 38.72 24.84 -24.16
C SER B 16 39.58 25.03 -25.41
N SER B 17 40.83 25.44 -25.19
CA SER B 17 41.76 25.58 -26.32
C SER B 17 41.95 24.22 -26.98
N GLU B 18 42.26 24.25 -28.28
CA GLU B 18 42.39 23.01 -29.03
CA GLU B 18 42.40 23.01 -29.04
C GLU B 18 43.48 22.12 -28.46
N GLY B 19 44.55 22.71 -27.92
CA GLY B 19 45.63 21.92 -27.37
C GLY B 19 45.52 21.59 -25.91
N GLY B 20 44.43 21.97 -25.26
CA GLY B 20 44.27 21.76 -23.84
C GLY B 20 43.66 22.96 -23.14
N THR B 21 43.52 22.87 -21.83
CA THR B 21 42.93 23.96 -21.06
C THR B 21 43.97 25.04 -20.80
N THR B 22 43.63 26.28 -21.14
CA THR B 22 44.51 27.41 -20.82
C THR B 22 43.90 28.25 -19.69
N LYS B 23 42.89 29.04 -20.04
CA LYS B 23 42.13 29.84 -19.07
C LYS B 23 40.71 29.88 -19.56
N GLU B 24 39.77 29.48 -18.71
CA GLU B 24 38.37 29.41 -19.11
C GLU B 24 37.55 29.43 -17.83
N GLU B 25 36.23 29.53 -18.02
CA GLU B 25 35.30 29.49 -16.91
C GLU B 25 34.37 28.30 -17.09
N ASP B 26 34.18 27.53 -16.02
CA ASP B 26 33.32 26.35 -16.03
C ASP B 26 32.37 26.41 -14.84
N ILE B 27 31.37 25.53 -14.85
CA ILE B 27 30.23 25.62 -13.94
C ILE B 27 30.31 24.49 -12.92
N TYR B 28 29.97 24.83 -11.67
CA TYR B 28 29.83 23.91 -10.56
C TYR B 28 28.35 23.90 -10.18
N GLY B 29 27.63 22.86 -10.59
CA GLY B 29 26.27 22.66 -10.11
C GLY B 29 26.27 21.87 -8.81
N TYR B 30 26.23 22.57 -7.67
CA TYR B 30 26.47 21.90 -6.40
C TYR B 30 25.21 21.28 -5.80
N GLU B 31 24.06 21.37 -6.48
CA GLU B 31 22.89 20.62 -6.08
C GLU B 31 22.75 19.31 -6.84
N LEU B 32 23.67 19.02 -7.75
CA LEU B 32 23.87 17.70 -8.31
C LEU B 32 24.88 16.95 -7.46
N LEU B 33 24.54 15.74 -7.04
CA LEU B 33 25.50 14.94 -6.26
C LEU B 33 26.80 14.83 -7.04
N TYR B 34 27.91 15.10 -6.39
CA TYR B 34 29.19 15.00 -7.08
C TYR B 34 29.43 13.55 -7.49
N ARG B 35 29.67 13.34 -8.79
CA ARG B 35 29.78 12.00 -9.38
C ARG B 35 28.47 11.22 -9.26
N SER B 36 27.36 11.91 -9.51
CA SER B 36 26.06 11.25 -9.47
C SER B 36 25.99 10.10 -10.48
N ALA B 37 25.20 9.10 -10.14
CA ALA B 37 24.82 8.08 -11.10
C ALA B 37 23.82 8.67 -12.10
N PHE B 38 23.70 8.01 -13.26
CA PHE B 38 22.73 8.44 -14.25
C PHE B 38 22.05 7.24 -14.91
N ALA B 39 20.76 7.39 -15.16
CA ALA B 39 20.00 6.49 -16.03
C ALA B 39 19.23 7.37 -17.01
N SER B 40 18.95 6.82 -18.20
CA SER B 40 18.37 7.66 -19.24
C SER B 40 17.51 6.81 -20.17
N TYR B 41 16.59 7.50 -20.86
CA TYR B 41 15.74 6.85 -21.86
C TYR B 41 15.22 7.91 -22.81
N ILE B 42 15.50 7.76 -24.10
CA ILE B 42 14.91 8.62 -25.12
C ILE B 42 13.77 7.86 -25.79
N ALA B 43 12.70 8.58 -26.13
CA ALA B 43 11.55 7.94 -26.76
C ALA B 43 11.99 7.29 -28.08
N PRO B 44 11.35 6.19 -28.47
CA PRO B 44 11.72 5.54 -29.74
C PRO B 44 11.59 6.45 -30.95
N THR B 45 10.75 7.47 -30.88
CA THR B 45 10.62 8.47 -31.92
C THR B 45 11.56 9.65 -31.74
N GLY B 46 12.20 9.77 -30.58
CA GLY B 46 12.99 10.94 -30.28
C GLY B 46 12.20 12.14 -29.82
N ALA B 47 10.91 11.98 -29.56
CA ALA B 47 10.07 13.13 -29.25
C ALA B 47 10.28 13.67 -27.83
N TRP B 48 10.73 12.83 -26.90
CA TRP B 48 10.98 13.26 -25.52
C TRP B 48 12.11 12.44 -24.90
N ASN B 49 12.69 12.98 -23.84
CA ASN B 49 13.80 12.37 -23.13
C ASN B 49 13.50 12.26 -21.64
N LEU B 50 14.05 11.23 -21.01
CA LEU B 50 14.01 11.08 -19.57
C LEU B 50 15.41 10.80 -19.04
N VAL B 51 15.82 11.54 -18.01
CA VAL B 51 17.11 11.36 -17.37
C VAL B 51 16.88 11.36 -15.85
N TRP B 52 17.46 10.37 -15.17
CA TRP B 52 17.38 10.32 -13.71
C TRP B 52 18.77 10.45 -13.11
N PHE B 53 18.83 11.10 -11.96
CA PHE B 53 20.09 11.38 -11.28
C PHE B 53 19.81 11.58 -9.79
N GLN B 54 20.87 11.71 -9.01
CA GLN B 54 20.77 11.93 -7.58
C GLN B 54 21.22 13.34 -7.25
N ALA B 55 20.38 14.06 -6.52
CA ALA B 55 20.70 15.39 -6.05
C ALA B 55 21.69 15.32 -4.89
N ALA B 56 22.24 16.48 -4.53
CA ALA B 56 23.19 16.54 -3.43
C ALA B 56 22.56 16.05 -2.13
N ASP B 57 21.26 16.29 -1.93
CA ASP B 57 20.57 15.89 -0.72
C ASP B 57 20.15 14.43 -0.71
N GLY B 58 20.58 13.65 -1.71
CA GLY B 58 20.27 12.24 -1.73
C GLY B 58 18.99 11.88 -2.46
N SER B 59 18.12 12.86 -2.72
CA SER B 59 16.92 12.57 -3.46
C SER B 59 17.26 12.18 -4.89
N ILE B 60 16.40 11.36 -5.50
CA ILE B 60 16.52 10.99 -6.90
C ILE B 60 15.61 11.90 -7.71
N LYS B 61 16.17 12.56 -8.71
CA LYS B 61 15.45 13.55 -9.48
C LYS B 61 15.38 13.12 -10.95
N GLN B 62 14.56 13.85 -11.71
CA GLN B 62 14.26 13.52 -13.09
C GLN B 62 14.37 14.76 -13.95
N ALA B 63 15.10 14.64 -15.06
CA ALA B 63 15.12 15.65 -16.11
C ALA B 63 14.30 15.11 -17.27
N ARG B 64 13.25 15.83 -17.64
CA ARG B 64 12.39 15.46 -18.76
C ARG B 64 12.52 16.51 -19.85
N TRP B 65 12.87 16.08 -21.05
CA TRP B 65 12.93 16.98 -22.19
C TRP B 65 11.70 16.76 -23.06
N TYR B 66 11.00 17.86 -23.35
CA TYR B 66 9.94 17.90 -24.36
C TYR B 66 9.90 19.34 -24.84
N GLY B 67 10.76 19.66 -25.81
CA GLY B 67 10.95 21.03 -26.22
C GLY B 67 11.92 21.76 -25.31
N GLU B 68 11.85 21.45 -24.01
CA GLU B 68 12.76 22.03 -23.03
C GLU B 68 12.87 21.07 -21.85
N TRP B 69 13.92 21.27 -21.04
CA TRP B 69 14.15 20.41 -19.89
C TRP B 69 13.34 20.89 -18.69
N VAL B 70 12.71 19.94 -18.01
CA VAL B 70 11.94 20.19 -16.79
C VAL B 70 12.43 19.24 -15.71
N ILE B 71 12.77 19.79 -14.53
CA ILE B 71 13.33 19.01 -13.43
C ILE B 71 12.23 18.75 -12.41
N SER B 72 12.17 17.50 -11.93
CA SER B 72 11.24 17.09 -10.89
C SER B 72 11.93 16.12 -9.94
N THR B 73 11.27 15.84 -8.82
CA THR B 73 11.76 14.89 -7.83
C THR B 73 10.87 13.64 -7.85
N VAL B 74 11.50 12.47 -7.96
CA VAL B 74 10.76 11.21 -7.99
C VAL B 74 10.93 10.41 -6.70
N LEU B 75 12.03 10.57 -5.97
CA LEU B 75 12.24 9.86 -4.71
C LEU B 75 12.83 10.82 -3.69
N ALA B 76 12.18 10.91 -2.53
CA ALA B 76 12.57 11.85 -1.50
C ALA B 76 13.87 11.40 -0.83
N PRO B 77 14.56 12.31 -0.14
CA PRO B 77 15.75 11.92 0.61
C PRO B 77 15.45 10.81 1.61
N GLY B 78 16.39 9.90 1.77
CA GLY B 78 16.22 8.75 2.64
C GLY B 78 15.79 7.48 1.94
N LYS B 79 15.25 7.59 0.72
CA LYS B 79 14.86 6.38 -0.02
C LYS B 79 16.07 5.65 -0.56
N ALA B 80 17.06 6.38 -1.08
CA ALA B 80 18.17 5.79 -1.81
C ALA B 80 19.46 5.96 -1.04
N LEU B 81 20.32 4.94 -1.12
CA LEU B 81 21.71 5.05 -0.72
C LEU B 81 22.34 6.32 -1.27
N GLN B 82 23.10 7.02 -0.43
CA GLN B 82 23.90 8.15 -0.90
C GLN B 82 24.98 7.63 -1.84
N GLY B 83 24.93 8.04 -3.09
CA GLY B 83 25.78 7.47 -4.11
C GLY B 83 25.22 6.21 -4.74
N THR B 84 23.91 6.01 -4.68
CA THR B 84 23.32 4.81 -5.25
C THR B 84 23.62 4.71 -6.75
N PRO B 85 23.74 3.50 -7.28
CA PRO B 85 23.67 3.34 -8.73
C PRO B 85 22.24 3.49 -9.20
N LEU B 86 22.10 3.71 -10.51
CA LEU B 86 20.79 3.89 -11.12
C LEU B 86 20.77 3.18 -12.46
N THR B 87 19.64 2.56 -12.76
CA THR B 87 19.39 2.00 -14.08
C THR B 87 17.88 2.01 -14.32
N ALA B 88 17.49 2.16 -15.58
CA ALA B 88 16.09 2.35 -15.92
C ALA B 88 15.72 1.61 -17.20
N LEU B 89 14.43 1.31 -17.31
CA LEU B 89 13.86 0.76 -18.53
C LEU B 89 12.41 1.23 -18.62
N LEU B 90 11.82 1.04 -19.80
CA LEU B 90 10.42 1.27 -20.04
C LEU B 90 9.84 0.00 -20.65
N TRP B 91 8.71 -0.46 -20.12
CA TRP B 91 8.17 -1.74 -20.56
C TRP B 91 6.67 -1.76 -20.35
N GLY B 92 6.04 -2.79 -20.93
CA GLY B 92 4.69 -3.15 -20.56
C GLY B 92 3.63 -2.42 -21.35
N PRO B 93 2.37 -2.81 -21.12
CA PRO B 93 1.25 -2.18 -21.85
C PRO B 93 1.12 -0.70 -21.57
N GLN B 94 1.50 -0.22 -20.39
CA GLN B 94 1.24 1.16 -19.99
C GLN B 94 2.50 2.03 -20.03
N ASP B 95 3.51 1.64 -20.82
CA ASP B 95 4.73 2.42 -20.99
C ASP B 95 5.31 2.78 -19.62
N THR B 96 5.52 1.76 -18.81
CA THR B 96 5.91 1.95 -17.41
C THR B 96 7.42 2.10 -17.28
N VAL B 97 7.83 3.22 -16.69
CA VAL B 97 9.23 3.39 -16.31
C VAL B 97 9.49 2.59 -15.05
N ALA B 98 10.59 1.83 -15.06
CA ALA B 98 11.08 1.16 -13.86
C ALA B 98 12.49 1.67 -13.60
N LEU B 99 12.68 2.30 -12.45
CA LEU B 99 13.96 2.85 -12.04
C LEU B 99 14.46 2.02 -10.87
N TYR B 100 15.62 1.40 -11.04
CA TYR B 100 16.20 0.55 -10.01
C TYR B 100 17.34 1.29 -9.33
N TYR B 101 17.40 1.15 -8.00
CA TYR B 101 18.39 1.83 -7.19
C TYR B 101 18.63 0.96 -5.94
N LEU B 102 19.55 1.42 -5.09
CA LEU B 102 19.85 0.73 -3.84
C LEU B 102 19.31 1.53 -2.66
N SER B 103 18.73 0.82 -1.70
CA SER B 103 18.34 1.43 -0.44
C SER B 103 19.59 1.78 0.37
N PRO B 104 19.44 2.57 1.44
CA PRO B 104 20.58 2.81 2.33
C PRO B 104 21.10 1.54 3.01
N GLN B 105 20.35 0.43 2.94
CA GLN B 105 20.81 -0.84 3.45
C GLN B 105 21.25 -1.79 2.34
N PHE B 106 21.57 -1.24 1.16
CA PHE B 106 22.13 -2.00 0.04
C PHE B 106 21.19 -3.10 -0.43
N GLU B 107 19.90 -2.80 -0.51
CA GLU B 107 18.91 -3.72 -1.04
C GLU B 107 18.38 -3.16 -2.36
N LEU B 108 18.11 -4.05 -3.32
CA LEU B 108 17.52 -3.64 -4.58
C LEU B 108 16.18 -2.95 -4.33
N GLN B 109 15.97 -1.83 -5.03
CA GLN B 109 14.71 -1.09 -4.95
C GLN B 109 14.24 -0.77 -6.36
N GLU B 110 12.94 -0.51 -6.49
CA GLU B 110 12.32 -0.26 -7.78
C GLU B 110 11.26 0.83 -7.63
N TRP B 111 11.34 1.84 -8.49
CA TRP B 111 10.35 2.90 -8.57
C TRP B 111 9.67 2.84 -9.93
N CYS B 112 8.34 2.85 -9.94
CA CYS B 112 7.59 2.66 -11.17
C CYS B 112 6.71 3.87 -11.47
N TRP B 113 6.56 4.15 -12.76
CA TRP B 113 5.78 5.29 -13.24
C TRP B 113 5.15 4.90 -14.58
N ASP B 114 3.83 4.75 -14.61
CA ASP B 114 3.18 4.50 -15.90
C ASP B 114 3.12 5.80 -16.67
N THR B 115 3.43 5.75 -17.97
CA THR B 115 3.46 6.97 -18.77
C THR B 115 2.58 6.90 -20.02
N LYS B 116 1.59 6.03 -20.05
CA LYS B 116 0.76 5.91 -21.24
C LYS B 116 -0.46 6.81 -21.11
N ASN B 117 -0.76 7.55 -22.17
CA ASN B 117 -1.93 8.42 -22.22
C ASN B 117 -1.93 9.46 -21.10
N GLY B 118 -0.75 10.03 -20.82
CA GLY B 118 -0.64 11.12 -19.86
C GLY B 118 -1.07 10.79 -18.44
N ALA B 119 -0.91 9.56 -17.99
CA ALA B 119 -1.30 9.17 -16.65
C ALA B 119 -0.07 9.26 -15.74
N ASP B 120 -0.24 9.85 -14.56
CA ASP B 120 0.86 9.98 -13.63
C ASP B 120 0.74 9.00 -12.47
N ASN B 121 0.79 7.71 -12.77
CA ASN B 121 0.67 6.66 -11.75
C ASN B 121 2.07 6.25 -11.32
N LYS B 122 2.42 6.52 -10.06
CA LYS B 122 3.76 6.25 -9.55
C LYS B 122 3.69 5.46 -8.25
N TYR B 123 4.55 4.46 -8.12
CA TYR B 123 4.48 3.57 -6.97
C TYR B 123 5.81 2.86 -6.79
N ASP B 124 6.02 2.37 -5.56
CA ASP B 124 7.15 1.49 -5.30
C ASP B 124 6.87 0.12 -5.89
N GLY B 125 7.88 -0.47 -6.53
CA GLY B 125 7.70 -1.77 -7.13
C GLY B 125 7.76 -2.90 -6.13
N ALA B 126 7.26 -4.06 -6.56
CA ALA B 126 7.23 -5.24 -5.71
C ALA B 126 8.63 -5.78 -5.42
N LEU B 127 9.65 -5.36 -6.18
CA LEU B 127 11.00 -5.85 -5.93
C LEU B 127 11.48 -5.45 -4.53
N ASN B 128 11.04 -4.30 -4.02
CA ASN B 128 11.41 -3.88 -2.68
C ASN B 128 11.09 -4.96 -1.65
N ALA B 129 9.96 -5.63 -1.80
CA ALA B 129 9.56 -6.62 -0.80
C ALA B 129 10.47 -7.84 -0.77
N ALA B 130 11.17 -8.12 -1.87
CA ALA B 130 12.08 -9.26 -1.88
C ALA B 130 13.32 -9.03 -1.02
N LYS B 131 13.63 -7.77 -0.71
CA LYS B 131 14.76 -7.40 0.15
C LYS B 131 16.05 -8.10 -0.28
N VAL B 132 16.43 -7.87 -1.54
CA VAL B 132 17.59 -8.54 -2.12
C VAL B 132 18.83 -7.75 -1.71
N LYS B 133 19.65 -8.35 -0.84
CA LYS B 133 20.90 -7.75 -0.40
C LYS B 133 21.99 -7.95 -1.45
N VAL B 134 22.69 -6.86 -1.80
CA VAL B 134 23.72 -6.89 -2.82
C VAL B 134 25.03 -6.40 -2.22
N ALA B 135 26.11 -6.59 -2.97
CA ALA B 135 27.39 -6.03 -2.56
C ALA B 135 27.26 -4.52 -2.40
N PRO B 136 27.86 -3.91 -1.38
CA PRO B 136 27.60 -2.49 -1.12
C PRO B 136 28.05 -1.56 -2.24
N TYR B 137 29.04 -1.97 -3.03
CA TYR B 137 29.55 -1.20 -4.16
C TYR B 137 28.96 -1.66 -5.48
N SER B 138 27.89 -2.45 -5.45
CA SER B 138 27.29 -2.97 -6.67
C SER B 138 26.74 -1.86 -7.55
N LYS B 139 26.93 -2.01 -8.85
CA LYS B 139 26.20 -1.20 -9.83
C LYS B 139 24.96 -1.96 -10.25
N LEU B 140 24.21 -1.41 -11.22
CA LEU B 140 22.95 -2.01 -11.63
C LEU B 140 22.77 -1.96 -13.14
N GLY B 141 22.18 -3.03 -13.67
CA GLY B 141 21.65 -3.03 -15.02
C GLY B 141 20.29 -3.71 -15.04
N ALA B 142 19.59 -3.54 -16.15
CA ALA B 142 18.24 -4.09 -16.27
C ALA B 142 17.79 -4.08 -17.72
N VAL B 143 17.02 -5.09 -18.10
CA VAL B 143 16.41 -5.16 -19.42
C VAL B 143 15.02 -5.77 -19.26
N SER B 144 14.15 -5.45 -20.22
CA SER B 144 12.87 -6.11 -20.39
C SER B 144 12.85 -6.83 -21.73
N PHE B 145 12.31 -8.05 -21.75
CA PHE B 145 12.09 -8.77 -23.00
C PHE B 145 10.69 -9.35 -23.01
N GLY B 146 10.17 -9.57 -24.22
CA GLY B 146 8.93 -10.31 -24.36
C GLY B 146 7.69 -9.61 -23.89
N GLY B 147 7.74 -8.32 -23.60
CA GLY B 147 6.58 -7.57 -23.20
C GLY B 147 6.15 -7.73 -21.75
N ALA B 148 6.52 -8.84 -21.08
CA ALA B 148 6.12 -9.01 -19.69
C ALA B 148 7.18 -9.69 -18.84
N ASN B 149 8.44 -9.65 -19.26
CA ASN B 149 9.55 -10.18 -18.48
C ASN B 149 10.56 -9.08 -18.18
N LEU B 150 11.04 -9.05 -16.94
CA LEU B 150 12.08 -8.13 -16.52
C LEU B 150 13.25 -8.91 -15.95
N ALA B 151 14.44 -8.33 -16.07
CA ALA B 151 15.64 -8.89 -15.45
C ALA B 151 16.47 -7.75 -14.90
N VAL B 152 16.87 -7.86 -13.65
CA VAL B 152 17.76 -6.90 -13.00
C VAL B 152 19.10 -7.58 -12.77
N TYR B 153 20.18 -6.85 -13.04
CA TYR B 153 21.53 -7.37 -12.89
C TYR B 153 22.29 -6.54 -11.87
N TYR B 154 23.05 -7.21 -11.02
CA TYR B 154 23.73 -6.59 -9.89
C TYR B 154 24.91 -7.48 -9.51
N GLN B 155 25.70 -7.01 -8.55
CA GLN B 155 26.86 -7.74 -8.07
C GLN B 155 26.59 -8.25 -6.66
N GLY B 156 26.69 -9.56 -6.47
CA GLY B 156 26.47 -10.15 -5.17
C GLY B 156 27.66 -9.95 -4.24
N THR B 157 27.46 -10.35 -2.99
CA THR B 157 28.49 -10.14 -1.97
C THR B 157 29.74 -10.96 -2.25
N ASN B 158 29.66 -12.02 -3.06
CA ASN B 158 30.85 -12.76 -3.46
C ASN B 158 31.43 -12.24 -4.76
N ASN B 159 30.93 -11.11 -5.25
CA ASN B 159 31.41 -10.31 -6.38
C ASN B 159 31.06 -10.93 -7.73
N LYS B 160 30.31 -12.03 -7.77
N LYS B 160 30.32 -12.04 -7.76
CA LYS B 160 29.76 -12.52 -9.02
CA LYS B 160 29.76 -12.52 -9.02
C LYS B 160 28.60 -11.65 -9.47
C LYS B 160 28.62 -11.62 -9.47
N LEU B 161 28.46 -11.50 -10.79
CA LEU B 161 27.29 -10.82 -11.34
C LEU B 161 26.08 -11.72 -11.20
N GLU B 162 24.97 -11.17 -10.72
CA GLU B 162 23.78 -11.92 -10.40
C GLU B 162 22.57 -11.32 -11.11
N GLU B 163 21.56 -12.15 -11.28
CA GLU B 163 20.32 -11.76 -11.97
C GLU B 163 19.12 -12.00 -11.06
N TYR B 164 18.18 -11.06 -11.07
CA TYR B 164 16.87 -11.23 -10.46
C TYR B 164 15.83 -11.03 -11.55
N THR B 165 14.88 -11.97 -11.65
CA THR B 165 13.93 -11.99 -12.76
C THR B 165 12.51 -11.70 -12.29
N PHE B 166 11.71 -11.17 -13.20
CA PHE B 166 10.29 -10.93 -12.97
C PHE B 166 9.53 -11.32 -14.23
N GLY B 167 8.38 -11.95 -14.06
CA GLY B 167 7.52 -12.29 -15.18
C GLY B 167 7.02 -13.72 -15.11
N GLY B 168 6.27 -14.09 -16.13
CA GLY B 168 5.67 -15.41 -16.17
C GLY B 168 4.73 -15.69 -15.02
N GLY B 169 4.11 -14.65 -14.46
CA GLY B 169 3.23 -14.83 -13.32
C GLY B 169 3.93 -15.29 -12.05
N GLN B 170 5.25 -15.19 -11.99
CA GLN B 170 6.03 -15.68 -10.86
C GLN B 170 6.34 -14.62 -9.82
N GLY B 171 6.32 -13.35 -10.18
CA GLY B 171 6.89 -12.33 -9.33
C GLY B 171 8.41 -12.36 -9.42
N TRP B 172 9.04 -11.65 -8.49
CA TRP B 172 10.50 -11.54 -8.48
C TRP B 172 11.12 -12.79 -7.89
N LYS B 173 12.03 -13.40 -8.64
CA LYS B 173 12.73 -14.62 -8.23
C LYS B 173 14.22 -14.45 -8.50
N LYS B 174 15.03 -15.12 -7.68
CA LYS B 174 16.46 -15.20 -7.96
C LYS B 174 16.68 -15.86 -9.32
N GLY B 175 17.49 -15.23 -10.15
CA GLY B 175 17.82 -15.71 -11.48
C GLY B 175 19.17 -16.35 -11.55
N ALA B 176 19.78 -16.32 -12.74
CA ALA B 176 21.04 -16.97 -12.95
C ALA B 176 22.16 -16.28 -12.18
N THR B 177 23.23 -17.03 -11.93
CA THR B 177 24.51 -16.48 -11.54
C THR B 177 25.38 -16.43 -12.79
N LEU B 178 25.85 -15.25 -13.15
CA LEU B 178 26.56 -15.09 -14.41
C LEU B 178 28.02 -15.55 -14.31
N PRO B 179 28.61 -16.01 -15.41
CA PRO B 179 30.00 -16.47 -15.40
C PRO B 179 30.98 -15.30 -15.37
N GLY B 180 32.27 -15.65 -15.19
CA GLY B 180 33.33 -14.67 -15.19
C GLY B 180 33.67 -14.13 -13.81
N ASP B 181 34.77 -13.40 -13.75
CA ASP B 181 35.30 -12.84 -12.51
C ASP B 181 35.16 -11.32 -12.54
N PRO B 182 34.03 -10.76 -12.12
CA PRO B 182 33.84 -9.32 -12.25
C PRO B 182 34.67 -8.55 -11.24
N LEU B 183 35.19 -7.41 -11.67
CA LEU B 183 35.85 -6.51 -10.74
C LEU B 183 34.87 -6.11 -9.65
N PRO B 184 35.25 -6.16 -8.38
CA PRO B 184 34.36 -5.65 -7.33
C PRO B 184 34.02 -4.18 -7.56
N GLY B 185 32.73 -3.88 -7.59
CA GLY B 185 32.27 -2.54 -7.88
C GLY B 185 32.24 -2.20 -9.35
N THR B 186 32.40 -3.18 -10.24
CA THR B 186 32.42 -2.90 -11.68
C THR B 186 31.14 -2.21 -12.12
N TYR B 187 31.28 -1.24 -13.01
CA TYR B 187 30.13 -0.74 -13.74
C TYR B 187 29.61 -1.83 -14.66
N ILE B 188 28.30 -1.85 -14.85
CA ILE B 188 27.67 -2.85 -15.71
C ILE B 188 26.59 -2.16 -16.54
N SER B 189 26.33 -2.72 -17.72
CA SER B 189 25.27 -2.23 -18.58
C SER B 189 24.78 -3.38 -19.44
N PHE B 190 23.51 -3.71 -19.33
CA PHE B 190 22.91 -4.82 -20.04
C PHE B 190 21.88 -4.28 -21.03
N VAL B 191 21.81 -4.90 -22.21
CA VAL B 191 20.95 -4.44 -23.28
C VAL B 191 20.25 -5.65 -23.92
N ASN B 192 19.05 -5.39 -24.44
CA ASN B 192 18.34 -6.37 -25.25
C ASN B 192 18.74 -6.17 -26.71
N ARG B 193 19.28 -7.22 -27.32
CA ARG B 193 19.83 -7.11 -28.66
C ARG B 193 18.76 -6.88 -29.73
N ASN B 194 17.51 -7.32 -29.47
CA ASN B 194 16.41 -7.20 -30.44
C ASN B 194 15.09 -7.19 -29.65
N LYS B 195 14.65 -6.00 -29.26
CA LYS B 195 13.57 -5.83 -28.29
C LYS B 195 12.16 -6.08 -28.80
N TRP B 196 11.93 -6.51 -30.04
CA TRP B 196 10.54 -6.66 -30.48
C TRP B 196 10.02 -8.06 -30.17
N ASP B 197 9.71 -8.26 -28.88
CA ASP B 197 9.24 -9.52 -28.31
C ASP B 197 9.78 -10.73 -29.05
N ALA B 198 11.09 -10.92 -29.01
CA ALA B 198 11.73 -12.05 -29.66
C ALA B 198 12.05 -13.06 -28.56
N ASN B 199 11.19 -14.07 -28.39
CA ASN B 199 11.44 -15.12 -27.43
C ASN B 199 11.81 -16.39 -28.17
N PRO B 200 12.96 -17.01 -27.87
CA PRO B 200 13.84 -16.58 -26.78
C PRO B 200 14.65 -15.30 -27.06
N PRO B 201 14.89 -14.51 -26.01
CA PRO B 201 15.61 -13.24 -26.15
C PRO B 201 17.10 -13.43 -26.35
N SER B 202 17.74 -12.34 -26.78
CA SER B 202 19.19 -12.27 -26.91
C SER B 202 19.65 -11.07 -26.08
N ILE B 203 20.40 -11.34 -25.01
CA ILE B 203 20.80 -10.31 -24.06
C ILE B 203 22.31 -10.23 -24.02
N ALA B 204 22.85 -9.02 -23.85
CA ALA B 204 24.27 -8.80 -23.73
C ALA B 204 24.55 -7.82 -22.60
N GLY B 205 25.61 -8.10 -21.83
CA GLY B 205 26.02 -7.21 -20.77
C GLY B 205 27.51 -6.92 -20.85
N TYR B 206 27.89 -5.76 -20.32
CA TYR B 206 29.27 -5.32 -20.41
C TYR B 206 29.78 -4.94 -19.01
N PHE B 207 31.01 -5.36 -18.71
CA PHE B 207 31.53 -5.19 -17.36
C PHE B 207 33.05 -5.25 -17.41
N GLN B 208 33.66 -4.93 -16.26
CA GLN B 208 35.11 -4.95 -16.11
C GLN B 208 35.48 -6.14 -15.23
N THR B 209 36.50 -6.88 -15.64
CA THR B 209 36.93 -8.06 -14.91
C THR B 209 37.97 -7.69 -13.86
N VAL B 210 38.34 -8.68 -13.05
CA VAL B 210 39.33 -8.49 -11.99
C VAL B 210 40.72 -8.16 -12.54
N THR B 211 40.97 -8.39 -13.82
CA THR B 211 42.27 -8.02 -14.40
C THR B 211 42.24 -6.63 -15.02
N GLY B 212 41.12 -5.93 -14.98
CA GLY B 212 41.01 -4.63 -15.60
C GLY B 212 40.52 -4.66 -17.02
N SER B 213 40.48 -5.83 -17.65
CA SER B 213 39.94 -5.91 -19.00
CA SER B 213 39.93 -5.90 -18.99
C SER B 213 38.42 -5.71 -18.97
N LEU B 214 37.87 -5.37 -20.14
CA LEU B 214 36.43 -5.31 -20.32
C LEU B 214 35.97 -6.60 -20.97
N ALA B 215 34.84 -7.14 -20.52
CA ALA B 215 34.32 -8.40 -21.02
C ALA B 215 32.83 -8.25 -21.31
N GLU B 216 32.24 -9.32 -21.85
CA GLU B 216 30.86 -9.28 -22.33
C GLU B 216 30.13 -10.52 -21.81
N GLN B 217 28.95 -10.30 -21.24
CA GLN B 217 28.03 -11.37 -20.89
C GLN B 217 27.05 -11.58 -22.03
N VAL B 218 26.78 -12.82 -22.37
CA VAL B 218 25.89 -13.16 -23.47
C VAL B 218 24.89 -14.19 -22.98
N TRP B 219 23.61 -13.92 -23.17
CA TRP B 219 22.58 -14.91 -22.91
C TRP B 219 21.98 -15.38 -24.22
N GLU B 220 22.02 -16.69 -24.42
CA GLU B 220 21.32 -17.37 -25.51
C GLU B 220 20.72 -18.62 -24.91
N THR B 221 19.85 -19.29 -25.66
CA THR B 221 19.23 -20.52 -25.18
C THR B 221 20.29 -21.50 -24.73
N GLY B 222 20.20 -21.89 -23.46
CA GLY B 222 21.12 -22.82 -22.84
C GLY B 222 21.99 -22.22 -21.76
N GLY B 223 22.07 -20.90 -21.66
CA GLY B 223 22.77 -20.30 -20.52
C GLY B 223 23.55 -19.04 -20.83
N TRP B 224 24.12 -18.44 -19.79
CA TRP B 224 24.97 -17.27 -19.96
C TRP B 224 26.37 -17.73 -20.36
N ARG B 225 27.04 -16.92 -21.17
CA ARG B 225 28.37 -17.26 -21.66
C ARG B 225 29.18 -15.97 -21.84
N ILE B 226 30.50 -16.12 -21.92
CA ILE B 226 31.39 -14.97 -22.06
C ILE B 226 31.56 -14.69 -23.55
N GLY B 227 31.14 -13.49 -23.97
CA GLY B 227 31.10 -13.14 -25.36
C GLY B 227 32.44 -12.74 -25.93
N GLN B 228 32.41 -12.35 -27.20
CA GLN B 228 33.62 -12.06 -27.96
C GLN B 228 34.13 -10.64 -27.78
N PHE B 229 33.33 -9.73 -27.21
CA PHE B 229 33.78 -8.36 -26.97
C PHE B 229 34.86 -8.37 -25.89
N VAL B 230 36.05 -7.90 -26.23
CA VAL B 230 37.18 -7.92 -25.30
C VAL B 230 37.98 -6.63 -25.48
N ILE B 231 38.14 -5.89 -24.39
CA ILE B 231 39.06 -4.76 -24.33
C ILE B 231 40.14 -5.13 -23.32
N PRO B 232 41.37 -5.41 -23.76
CA PRO B 232 42.38 -5.97 -22.84
C PRO B 232 42.69 -5.09 -21.64
N ALA B 233 42.61 -3.77 -21.78
CA ALA B 233 42.97 -2.87 -20.69
C ALA B 233 42.05 -1.66 -20.67
N ALA B 234 41.64 -1.26 -19.47
CA ALA B 234 40.76 -0.11 -19.28
C ALA B 234 41.09 0.52 -17.93
N PRO B 235 40.72 1.79 -17.72
CA PRO B 235 40.98 2.42 -16.42
C PRO B 235 40.25 1.70 -15.30
N PHE B 236 40.85 1.75 -14.11
CA PHE B 236 40.27 1.12 -12.93
C PHE B 236 38.89 1.68 -12.63
N LEU B 237 37.90 0.79 -12.55
CA LEU B 237 36.50 1.16 -12.29
C LEU B 237 36.00 2.18 -13.30
N THR B 238 36.30 1.95 -14.58
CA THR B 238 35.81 2.86 -15.60
C THR B 238 34.29 2.76 -15.71
N PRO B 239 33.60 3.88 -15.88
CA PRO B 239 32.18 3.83 -16.23
C PRO B 239 31.98 3.06 -17.52
N ILE B 240 30.84 2.38 -17.60
CA ILE B 240 30.48 1.58 -18.78
C ILE B 240 29.01 1.78 -19.04
N SER B 241 28.65 2.05 -20.29
CA SER B 241 27.25 2.16 -20.67
C SER B 241 27.08 1.63 -22.09
N ALA B 242 25.99 0.90 -22.31
CA ALA B 242 25.68 0.34 -23.62
C ALA B 242 24.25 0.67 -23.99
N THR B 243 24.00 0.75 -25.30
CA THR B 243 22.68 0.97 -25.85
C THR B 243 22.63 0.36 -27.25
N VAL B 244 21.45 -0.13 -27.63
CA VAL B 244 21.24 -0.78 -28.93
C VAL B 244 20.03 -0.18 -29.61
N SER B 245 20.16 0.10 -30.91
CA SER B 245 19.05 0.41 -31.79
C SER B 245 19.36 -0.16 -33.16
N PRO B 246 18.34 -0.53 -33.95
CA PRO B 246 18.61 -1.07 -35.28
C PRO B 246 19.01 0.02 -36.25
N GLU B 247 20.13 -0.18 -36.95
CA GLU B 247 20.55 0.69 -38.03
C GLU B 247 20.48 -0.09 -39.33
N LYS B 248 19.74 0.44 -40.31
CA LYS B 248 19.53 -0.25 -41.58
C LYS B 248 19.02 -1.68 -41.37
N ASP B 249 18.06 -1.81 -40.43
CA ASP B 249 17.40 -3.07 -40.12
C ASP B 249 18.34 -4.12 -39.54
N PHE B 250 19.39 -3.69 -38.83
CA PHE B 250 20.24 -4.63 -38.13
C PHE B 250 20.69 -3.98 -36.81
N PRO B 251 20.72 -4.75 -35.72
CA PRO B 251 21.03 -4.16 -34.41
C PRO B 251 22.41 -3.51 -34.39
N LYS B 252 22.48 -2.29 -33.87
CA LYS B 252 23.73 -1.56 -33.71
C LYS B 252 23.99 -1.41 -32.21
N ILE B 253 24.95 -2.16 -31.70
CA ILE B 253 25.34 -2.10 -30.30
C ILE B 253 26.40 -1.02 -30.12
N HIS B 254 26.17 -0.11 -29.18
CA HIS B 254 27.13 0.93 -28.81
C HIS B 254 27.58 0.69 -27.38
N VAL B 255 28.89 0.61 -27.16
CA VAL B 255 29.46 0.45 -25.83
C VAL B 255 30.37 1.64 -25.56
N TYR B 256 30.16 2.29 -24.41
CA TYR B 256 30.91 3.48 -24.05
C TYR B 256 31.63 3.25 -22.72
N TRP B 257 32.89 3.67 -22.67
CA TRP B 257 33.66 3.72 -21.43
C TRP B 257 34.66 4.86 -21.56
N LEU B 258 35.50 5.02 -20.54
CA LEU B 258 36.42 6.14 -20.48
C LEU B 258 37.86 5.70 -20.72
N SER B 259 38.64 6.60 -21.30
CA SER B 259 40.07 6.42 -21.46
C SER B 259 40.79 6.87 -20.18
N VAL B 260 42.12 6.76 -20.19
CA VAL B 260 42.90 7.29 -19.07
C VAL B 260 42.75 8.80 -18.95
N GLU B 261 42.40 9.49 -20.04
CA GLU B 261 42.14 10.92 -20.00
C GLU B 261 40.70 11.26 -19.66
N SER B 262 39.88 10.26 -19.32
CA SER B 262 38.46 10.43 -19.07
C SER B 262 37.73 11.03 -20.28
N THR B 263 38.19 10.68 -21.48
CA THR B 263 37.43 10.93 -22.69
C THR B 263 36.61 9.68 -23.01
N ILE B 264 35.49 9.87 -23.69
CA ILE B 264 34.56 8.77 -23.91
C ILE B 264 34.98 7.97 -25.13
N ILE B 265 35.11 6.66 -24.94
CA ILE B 265 35.48 5.72 -26.00
C ILE B 265 34.23 4.99 -26.45
N GLU B 266 34.06 4.85 -27.77
CA GLU B 266 32.93 4.15 -28.34
C GLU B 266 33.42 2.93 -29.12
N SER B 267 32.76 1.80 -28.91
CA SER B 267 32.93 0.62 -29.74
C SER B 267 31.56 0.18 -30.22
N VAL B 268 31.42 -0.02 -31.53
CA VAL B 268 30.15 -0.34 -32.14
C VAL B 268 30.17 -1.77 -32.66
N ASN B 269 29.09 -2.49 -32.44
CA ASN B 269 28.88 -3.78 -33.09
C ASN B 269 27.75 -3.63 -34.09
N TRP B 270 28.08 -3.80 -35.38
CA TRP B 270 27.11 -3.74 -36.45
C TRP B 270 27.68 -4.59 -37.58
N HIS B 271 27.21 -5.84 -37.68
CA HIS B 271 27.86 -6.87 -38.50
C HIS B 271 29.33 -7.02 -38.11
N GLY B 272 29.56 -7.19 -36.81
CA GLY B 272 30.90 -7.33 -36.27
C GLY B 272 31.34 -6.11 -35.49
N TRP B 273 32.28 -6.33 -34.58
CA TRP B 273 32.79 -5.25 -33.75
C TRP B 273 33.75 -4.36 -34.52
N LYS B 274 33.60 -3.05 -34.33
CA LYS B 274 34.50 -2.07 -34.90
C LYS B 274 35.53 -1.64 -33.87
N ALA B 275 36.63 -1.08 -34.36
CA ALA B 275 37.70 -0.64 -33.48
C ALA B 275 37.20 0.47 -32.56
N PRO B 276 37.59 0.47 -31.28
CA PRO B 276 37.16 1.54 -30.39
C PRO B 276 37.68 2.89 -30.89
N LYS B 277 36.85 3.92 -30.74
CA LYS B 277 37.29 5.25 -31.11
C LYS B 277 36.73 6.27 -30.13
N GLN B 278 37.55 7.29 -29.88
CA GLN B 278 37.17 8.39 -29.01
C GLN B 278 36.17 9.29 -29.72
N ILE B 279 35.04 9.59 -29.06
CA ILE B 279 34.02 10.37 -29.73
C ILE B 279 34.35 11.86 -29.65
N ASP B 280 35.06 12.29 -28.62
CA ASP B 280 35.62 13.64 -28.55
C ASP B 280 36.72 13.62 -27.50
N ASN B 281 37.55 14.67 -27.51
CA ASN B 281 38.73 14.74 -26.67
C ASN B 281 38.53 15.60 -25.42
N ILE B 282 37.29 15.76 -24.96
CA ILE B 282 36.99 16.54 -23.76
C ILE B 282 36.91 15.59 -22.57
N SER B 283 37.65 15.90 -21.51
CA SER B 283 37.66 15.07 -20.31
C SER B 283 36.41 15.32 -19.48
N VAL B 284 35.63 14.28 -19.25
CA VAL B 284 34.50 14.37 -18.35
C VAL B 284 34.99 14.02 -16.95
N VAL B 285 34.15 14.24 -15.95
CA VAL B 285 34.45 13.75 -14.62
C VAL B 285 34.36 12.23 -14.64
N LYS B 286 35.38 11.57 -14.10
CA LYS B 286 35.40 10.10 -14.10
C LYS B 286 34.27 9.63 -13.19
N ALA B 287 33.13 9.34 -13.79
CA ALA B 287 31.92 9.01 -13.04
C ALA B 287 30.89 8.48 -14.02
N ASP B 288 29.82 7.92 -13.46
CA ASP B 288 28.81 7.20 -14.23
C ASP B 288 28.38 7.98 -15.46
N ILE B 289 28.25 7.27 -16.57
CA ILE B 289 27.65 7.80 -17.79
C ILE B 289 26.50 6.89 -18.20
N SER B 290 25.58 7.44 -18.98
CA SER B 290 24.38 6.71 -19.40
C SER B 290 24.06 7.07 -20.85
N ALA B 291 24.04 6.06 -21.71
CA ALA B 291 23.75 6.23 -23.13
C ALA B 291 22.38 5.65 -23.47
N THR B 292 21.68 6.31 -24.38
CA THR B 292 20.38 5.87 -24.88
C THR B 292 20.30 6.22 -26.35
N SER B 293 19.40 5.55 -27.08
CA SER B 293 19.42 5.68 -28.53
C SER B 293 18.04 5.42 -29.12
N PHE B 294 17.87 5.86 -30.38
CA PHE B 294 16.66 5.58 -31.13
C PHE B 294 17.00 5.61 -32.62
N THR B 295 16.14 4.98 -33.41
CA THR B 295 16.33 4.89 -34.85
C THR B 295 15.47 5.96 -35.53
N ARG B 296 16.08 6.71 -36.43
CA ARG B 296 15.39 7.75 -37.17
C ARG B 296 14.66 7.17 -38.38
N ASP B 297 13.90 8.04 -39.06
CA ASP B 297 13.13 7.61 -40.22
C ASP B 297 14.02 7.08 -41.32
N ASP B 298 15.21 7.67 -41.51
CA ASP B 298 16.12 7.23 -42.56
C ASP B 298 16.93 5.99 -42.17
N GLY B 299 16.61 5.36 -41.05
CA GLY B 299 17.27 4.14 -40.63
C GLY B 299 18.58 4.33 -39.90
N THR B 300 18.98 5.56 -39.60
CA THR B 300 20.18 5.81 -38.81
C THR B 300 19.82 5.98 -37.34
N VAL B 301 20.80 5.72 -36.48
CA VAL B 301 20.58 5.64 -35.04
C VAL B 301 21.19 6.87 -34.37
N ASP B 302 20.34 7.66 -33.71
CA ASP B 302 20.79 8.74 -32.84
C ASP B 302 21.17 8.20 -31.48
N VAL B 303 22.16 8.84 -30.84
CA VAL B 303 22.58 8.50 -29.49
C VAL B 303 22.61 9.77 -28.66
N ARG B 304 22.25 9.63 -27.38
CA ARG B 304 22.46 10.65 -26.36
C ARG B 304 23.24 10.04 -25.21
N ILE B 305 24.26 10.76 -24.72
CA ILE B 305 25.00 10.33 -23.54
C ILE B 305 24.87 11.40 -22.47
N TYR B 306 24.59 10.98 -21.25
CA TYR B 306 24.50 11.85 -20.09
C TYR B 306 25.55 11.45 -19.07
N GLY B 307 26.05 12.44 -18.34
CA GLY B 307 27.02 12.18 -17.30
C GLY B 307 27.47 13.49 -16.67
N THR B 308 28.59 13.44 -15.97
CA THR B 308 29.12 14.60 -15.27
C THR B 308 30.25 15.22 -16.08
N ALA B 309 30.11 16.52 -16.37
CA ALA B 309 31.16 17.30 -17.02
C ALA B 309 31.81 18.23 -16.00
N GLN B 310 33.02 18.69 -16.33
CA GLN B 310 33.70 19.69 -15.52
C GLN B 310 32.84 20.95 -15.42
N LEU B 311 32.72 21.49 -14.22
CA LEU B 311 33.32 20.94 -13.00
C LEU B 311 32.38 19.94 -12.33
N ASN B 312 31.09 20.29 -12.28
CA ASN B 312 30.08 19.33 -11.86
C ASN B 312 28.74 19.72 -12.46
N VAL B 313 28.54 19.43 -13.73
CA VAL B 313 27.27 19.69 -14.41
C VAL B 313 26.87 18.44 -15.17
N LEU B 314 25.57 18.29 -15.38
CA LEU B 314 25.02 17.19 -16.16
C LEU B 314 25.14 17.54 -17.64
N PHE B 315 25.99 16.83 -18.37
CA PHE B 315 26.17 17.10 -19.79
C PHE B 315 25.23 16.25 -20.63
N GLU B 316 24.98 16.70 -21.86
CA GLU B 316 24.31 15.90 -22.89
C GLU B 316 25.14 15.92 -24.15
N ARG B 317 25.68 14.77 -24.54
CA ARG B 317 26.37 14.61 -25.81
C ARG B 317 25.39 14.02 -26.83
N ILE B 318 25.39 14.59 -28.03
CA ILE B 318 24.39 14.30 -29.04
C ILE B 318 25.08 13.73 -30.27
N PHE B 319 24.72 12.50 -30.62
CA PHE B 319 25.08 11.92 -31.91
C PHE B 319 23.83 11.96 -32.77
N ARG B 320 23.84 12.80 -33.80
CA ARG B 320 22.64 13.07 -34.58
C ARG B 320 23.03 13.13 -36.05
N TYR B 321 22.37 12.31 -36.86
CA TYR B 321 22.65 12.23 -38.29
C TYR B 321 24.13 11.98 -38.56
N GLY B 322 24.71 11.06 -37.79
CA GLY B 322 26.03 10.56 -38.07
C GLY B 322 27.19 11.38 -37.53
N VAL B 323 26.94 12.44 -36.77
CA VAL B 323 28.02 13.25 -36.22
C VAL B 323 27.76 13.51 -34.74
N TRP B 324 28.82 13.48 -33.95
CA TRP B 324 28.76 14.00 -32.60
C TRP B 324 28.82 15.51 -32.69
N GLU B 325 27.77 16.18 -32.19
CA GLU B 325 27.69 17.62 -32.31
C GLU B 325 28.70 18.29 -31.40
N GLU B 326 29.31 19.36 -31.91
CA GLU B 326 30.44 19.99 -31.24
C GLU B 326 30.03 20.71 -29.96
N LYS B 327 28.86 21.34 -29.94
CA LYS B 327 28.39 22.01 -28.74
C LYS B 327 27.82 20.99 -27.78
N ILE B 328 28.39 20.91 -26.58
CA ILE B 328 27.95 19.97 -25.56
C ILE B 328 27.13 20.75 -24.54
N HIS B 329 25.83 20.52 -24.56
CA HIS B 329 24.91 21.15 -23.62
C HIS B 329 25.17 20.67 -22.18
N SER B 330 24.76 21.49 -21.23
CA SER B 330 24.59 21.04 -19.85
C SER B 330 23.16 21.33 -19.42
N ILE B 331 22.62 20.44 -18.59
CA ILE B 331 21.25 20.53 -18.11
C ILE B 331 21.29 20.97 -16.65
N SER B 332 20.83 22.19 -16.40
CA SER B 332 20.87 22.74 -15.04
C SER B 332 19.90 22.00 -14.14
N VAL B 333 20.37 21.59 -12.96
CA VAL B 333 19.55 20.84 -12.03
C VAL B 333 19.45 21.53 -10.67
N GLY B 334 19.90 22.77 -10.57
CA GLY B 334 19.89 23.48 -9.30
C GLY B 334 20.84 24.67 -9.35
N LYS B 335 21.18 25.18 -8.17
CA LYS B 335 22.02 26.35 -8.08
C LYS B 335 23.42 26.05 -8.60
N GLU B 336 24.03 27.06 -9.22
CA GLU B 336 25.32 26.89 -9.87
C GLU B 336 26.20 28.09 -9.56
N ILE B 337 27.50 27.86 -9.60
CA ILE B 337 28.46 28.96 -9.51
C ILE B 337 29.49 28.83 -10.62
N PRO B 338 29.88 29.92 -11.26
CA PRO B 338 30.96 29.86 -12.25
C PRO B 338 32.31 29.98 -11.57
N ILE B 339 33.28 29.23 -12.08
CA ILE B 339 34.63 29.20 -11.50
C ILE B 339 35.64 29.27 -12.63
N GLU B 340 36.67 30.11 -12.45
CA GLU B 340 37.75 30.16 -13.42
C GLU B 340 38.64 28.93 -13.31
N VAL B 341 39.04 28.39 -14.45
CA VAL B 341 39.86 27.20 -14.55
C VAL B 341 41.14 27.54 -15.32
N VAL B 342 42.28 27.12 -14.79
CA VAL B 342 43.57 27.36 -15.45
C VAL B 342 44.29 26.02 -15.66
N GLY B 343 44.89 25.87 -16.84
CA GLY B 343 45.67 24.69 -17.15
C GLY B 343 47.05 24.77 -16.54
N VAL B 344 47.47 23.71 -15.86
CA VAL B 344 48.72 23.67 -15.13
C VAL B 344 49.48 22.42 -15.55
N ALA B 345 50.80 22.53 -15.66
CA ALA B 345 51.65 21.44 -16.14
C ALA B 345 52.03 20.47 -15.01
N ALA B 346 52.91 20.91 -14.11
CA ALA B 346 53.29 20.07 -12.97
C ALA B 346 52.70 20.59 -11.66
N PRO C 3 -44.54 10.46 1.84
CA PRO C 3 -45.05 9.11 2.14
C PRO C 3 -44.11 8.02 1.60
N VAL C 4 -44.34 6.78 2.02
CA VAL C 4 -43.67 5.64 1.39
C VAL C 4 -44.57 5.07 0.32
N GLU C 5 -43.97 4.59 -0.76
CA GLU C 5 -44.72 4.05 -1.88
C GLU C 5 -44.93 2.55 -1.69
N PHE C 6 -46.10 2.08 -2.12
CA PHE C 6 -46.52 0.69 -2.02
C PHE C 6 -47.28 0.36 -3.29
N PRO C 7 -47.18 -0.88 -3.79
CA PRO C 7 -47.92 -1.24 -5.01
C PRO C 7 -49.41 -1.05 -4.81
N LYS C 8 -50.02 -0.26 -5.68
CA LYS C 8 -51.42 0.11 -5.46
C LYS C 8 -52.37 -1.08 -5.63
N SER C 9 -51.92 -2.14 -6.31
CA SER C 9 -52.73 -3.35 -6.45
C SER C 9 -52.66 -4.24 -5.22
N LEU C 10 -51.83 -3.89 -4.23
CA LEU C 10 -51.69 -4.67 -3.01
C LEU C 10 -52.30 -3.92 -1.85
N ARG C 11 -52.80 -4.68 -0.87
CA ARG C 11 -53.32 -4.11 0.37
C ARG C 11 -52.25 -4.24 1.45
N ALA C 12 -51.92 -3.12 2.09
CA ALA C 12 -50.87 -3.09 3.10
C ALA C 12 -51.37 -3.39 4.51
N SER C 13 -52.68 -3.26 4.76
CA SER C 13 -53.22 -3.46 6.09
C SER C 13 -54.70 -3.81 5.95
N SER C 14 -55.31 -4.17 7.09
CA SER C 14 -56.72 -4.49 7.10
C SER C 14 -57.60 -3.27 6.87
N HIS C 15 -57.07 -2.05 7.02
CA HIS C 15 -57.81 -0.84 6.74
C HIS C 15 -57.46 -0.25 5.37
N SER C 16 -56.79 -1.01 4.51
CA SER C 16 -56.57 -0.58 3.14
C SER C 16 -57.89 -0.61 2.37
N SER C 17 -57.93 0.15 1.28
CA SER C 17 -59.11 0.12 0.42
C SER C 17 -59.32 -1.28 -0.15
N GLU C 18 -60.58 -1.54 -0.51
CA GLU C 18 -60.95 -2.89 -0.97
C GLU C 18 -60.11 -3.32 -2.16
N GLY C 19 -59.89 -2.44 -3.12
CA GLY C 19 -59.19 -2.76 -4.34
C GLY C 19 -57.68 -2.62 -4.28
N GLY C 20 -57.12 -2.29 -3.12
CA GLY C 20 -55.69 -2.06 -3.01
C GLY C 20 -55.39 -0.87 -2.14
N THR C 21 -54.11 -0.54 -1.98
CA THR C 21 -53.72 0.57 -1.13
C THR C 21 -53.88 1.89 -1.89
N THR C 22 -54.58 2.85 -1.29
CA THR C 22 -54.71 4.18 -1.87
C THR C 22 -53.89 5.17 -1.06
N LYS C 23 -54.41 5.57 0.10
CA LYS C 23 -53.73 6.48 1.00
C LYS C 23 -54.09 6.05 2.41
N GLU C 24 -53.07 5.80 3.24
CA GLU C 24 -53.32 5.29 4.59
C GLU C 24 -52.09 5.53 5.44
N GLU C 25 -52.22 5.21 6.73
CA GLU C 25 -51.15 5.33 7.69
C GLU C 25 -50.78 3.94 8.20
N ASP C 26 -49.48 3.65 8.24
CA ASP C 26 -48.99 2.37 8.75
C ASP C 26 -47.86 2.65 9.73
N ILE C 27 -47.48 1.61 10.48
CA ILE C 27 -46.60 1.74 11.64
C ILE C 27 -45.26 1.09 11.32
N TYR C 28 -44.18 1.74 11.76
CA TYR C 28 -42.82 1.22 11.71
C TYR C 28 -42.35 1.02 13.15
N GLY C 29 -42.35 -0.22 13.61
CA GLY C 29 -41.73 -0.53 14.89
C GLY C 29 -40.26 -0.81 14.69
N TYR C 30 -39.40 0.18 14.87
CA TYR C 30 -38.00 0.04 14.49
C TYR C 30 -37.13 -0.62 15.56
N GLU C 31 -37.69 -1.03 16.69
CA GLU C 31 -36.94 -1.84 17.63
C GLU C 31 -37.22 -3.33 17.43
N LEU C 32 -38.07 -3.68 16.48
CA LEU C 32 -38.19 -5.05 15.99
C LEU C 32 -37.23 -5.21 14.82
N LEU C 33 -36.41 -6.26 14.86
CA LEU C 33 -35.52 -6.53 13.73
C LEU C 33 -36.32 -6.65 12.44
N TYR C 34 -35.90 -5.94 11.42
CA TYR C 34 -36.60 -6.00 10.14
C TYR C 34 -36.50 -7.41 9.56
N ARG C 35 -37.66 -8.02 9.29
CA ARG C 35 -37.75 -9.41 8.87
C ARG C 35 -37.26 -10.35 9.97
N SER C 36 -37.66 -10.06 11.21
CA SER C 36 -37.30 -10.92 12.33
C SER C 36 -37.86 -12.32 12.12
N ALA C 37 -37.15 -13.31 12.67
CA ALA C 37 -37.72 -14.64 12.78
C ALA C 37 -38.79 -14.66 13.88
N PHE C 38 -39.67 -15.65 13.82
CA PHE C 38 -40.70 -15.80 14.83
C PHE C 38 -40.88 -17.26 15.18
N ALA C 39 -41.06 -17.52 16.47
CA ALA C 39 -41.51 -18.79 17.00
C ALA C 39 -42.64 -18.51 17.98
N SER C 40 -43.55 -19.47 18.12
CA SER C 40 -44.74 -19.23 18.92
C SER C 40 -45.23 -20.52 19.54
N TYR C 41 -46.01 -20.37 20.60
CA TYR C 41 -46.65 -21.50 21.27
C TYR C 41 -47.85 -20.98 22.03
N ILE C 42 -49.03 -21.48 21.69
CA ILE C 42 -50.26 -21.16 22.41
C ILE C 42 -50.61 -22.33 23.32
N ALA C 43 -51.14 -22.02 24.50
CA ALA C 43 -51.48 -23.05 25.47
C ALA C 43 -52.49 -24.03 24.87
N PRO C 44 -52.44 -25.31 25.28
CA PRO C 44 -53.42 -26.28 24.76
C PRO C 44 -54.85 -25.89 25.03
N THR C 45 -55.11 -25.11 26.07
CA THR C 45 -56.43 -24.63 26.40
C THR C 45 -56.75 -23.28 25.77
N GLY C 46 -55.76 -22.64 25.14
CA GLY C 46 -55.94 -21.29 24.64
C GLY C 46 -55.82 -20.21 25.70
N ALA C 47 -55.40 -20.56 26.92
CA ALA C 47 -55.41 -19.62 28.02
C ALA C 47 -54.28 -18.59 27.94
N TRP C 48 -53.15 -18.94 27.30
CA TRP C 48 -52.05 -17.99 27.17
C TRP C 48 -51.26 -18.28 25.90
N ASN C 49 -50.51 -17.27 25.46
CA ASN C 49 -49.71 -17.33 24.24
C ASN C 49 -48.28 -16.93 24.54
N LEU C 50 -47.34 -17.54 23.81
CA LEU C 50 -45.93 -17.16 23.84
C LEU C 50 -45.44 -16.98 22.42
N VAL C 51 -44.75 -15.86 22.18
CA VAL C 51 -44.17 -15.54 20.88
C VAL C 51 -42.75 -15.06 21.11
N TRP C 52 -41.80 -15.59 20.34
CA TRP C 52 -40.42 -15.16 20.40
C TRP C 52 -40.00 -14.51 19.09
N PHE C 53 -39.14 -13.50 19.22
CA PHE C 53 -38.70 -12.71 18.07
C PHE C 53 -37.34 -12.10 18.42
N GLN C 54 -36.73 -11.45 17.44
CA GLN C 54 -35.44 -10.80 17.63
C GLN C 54 -35.60 -9.29 17.55
N ALA C 55 -35.09 -8.60 18.57
CA ALA C 55 -35.11 -7.14 18.56
C ALA C 55 -34.03 -6.61 17.63
N ALA C 56 -34.10 -5.30 17.34
CA ALA C 56 -33.13 -4.70 16.43
C ALA C 56 -31.71 -4.83 16.97
N ASP C 57 -31.52 -4.80 18.29
CA ASP C 57 -30.18 -4.90 18.85
C ASP C 57 -29.67 -6.34 18.94
N GLY C 58 -30.38 -7.31 18.36
CA GLY C 58 -29.93 -8.67 18.33
C GLY C 58 -30.41 -9.54 19.48
N SER C 59 -30.93 -8.94 20.54
CA SER C 59 -31.47 -9.73 21.65
C SER C 59 -32.70 -10.51 21.19
N ILE C 60 -32.93 -11.64 21.84
CA ILE C 60 -34.13 -12.43 21.62
C ILE C 60 -35.14 -12.08 22.71
N LYS C 61 -36.33 -11.70 22.30
CA LYS C 61 -37.36 -11.23 23.21
C LYS C 61 -38.57 -12.14 23.13
N GLN C 62 -39.49 -11.94 24.07
CA GLN C 62 -40.65 -12.79 24.24
C GLN C 62 -41.89 -11.94 24.43
N ALA C 63 -42.95 -12.25 23.68
CA ALA C 63 -44.27 -11.68 23.91
C ALA C 63 -45.14 -12.74 24.58
N ARG C 64 -45.64 -12.43 25.79
CA ARG C 64 -46.49 -13.34 26.54
C ARG C 64 -47.86 -12.72 26.69
N TRP C 65 -48.90 -13.44 26.26
CA TRP C 65 -50.27 -12.99 26.40
C TRP C 65 -50.96 -13.74 27.53
N TYR C 66 -51.57 -12.99 28.44
CA TYR C 66 -52.49 -13.52 29.45
C TYR C 66 -53.41 -12.35 29.79
N GLY C 67 -54.45 -12.18 28.98
CA GLY C 67 -55.29 -11.01 29.06
C GLY C 67 -54.71 -9.84 28.30
N GLU C 68 -53.39 -9.68 28.35
CA GLU C 68 -52.69 -8.64 27.61
C GLU C 68 -51.27 -9.11 27.32
N TRP C 69 -50.63 -8.42 26.39
CA TRP C 69 -49.27 -8.75 25.97
C TRP C 69 -48.25 -8.09 26.87
N VAL C 70 -47.24 -8.86 27.28
CA VAL C 70 -46.13 -8.38 28.08
C VAL C 70 -44.83 -8.80 27.39
N ILE C 71 -43.94 -7.84 27.17
CA ILE C 71 -42.68 -8.07 26.45
C ILE C 71 -41.55 -8.20 27.45
N SER C 72 -40.70 -9.20 27.26
CA SER C 72 -39.52 -9.37 28.09
C SER C 72 -38.36 -9.83 27.21
N THR C 73 -37.17 -9.83 27.78
CA THR C 73 -35.95 -10.26 27.09
C THR C 73 -35.49 -11.59 27.67
N VAL C 74 -35.28 -12.58 26.80
CA VAL C 74 -34.83 -13.90 27.22
C VAL C 74 -33.38 -14.16 26.87
N LEU C 75 -32.84 -13.51 25.84
CA LEU C 75 -31.44 -13.67 25.46
C LEU C 75 -30.85 -12.31 25.15
N ALA C 76 -29.72 -12.00 25.79
CA ALA C 76 -29.08 -10.71 25.63
C ALA C 76 -28.37 -10.62 24.28
N PRO C 77 -28.08 -9.40 23.83
CA PRO C 77 -27.31 -9.25 22.58
C PRO C 77 -25.98 -9.99 22.65
N GLY C 78 -25.58 -10.56 21.52
CA GLY C 78 -24.37 -11.35 21.45
C GLY C 78 -24.61 -12.84 21.53
N LYS C 79 -25.76 -13.27 22.05
CA LYS C 79 -26.05 -14.70 22.15
CA LYS C 79 -26.05 -14.69 22.15
C LYS C 79 -26.41 -15.28 20.79
N ALA C 80 -27.24 -14.59 20.03
CA ALA C 80 -27.80 -15.11 18.79
C ALA C 80 -27.24 -14.37 17.57
N LEU C 81 -27.04 -15.12 16.50
CA LEU C 81 -26.79 -14.56 15.18
C LEU C 81 -27.78 -13.45 14.87
N GLN C 82 -27.27 -12.35 14.30
CA GLN C 82 -28.16 -11.32 13.79
C GLN C 82 -28.96 -11.89 12.61
N GLY C 83 -30.28 -11.97 12.77
CA GLY C 83 -31.10 -12.67 11.81
C GLY C 83 -31.20 -14.17 12.07
N THR C 84 -30.99 -14.63 13.30
CA THR C 84 -31.08 -16.04 13.60
C THR C 84 -32.48 -16.58 13.27
N PRO C 85 -32.59 -17.85 12.90
CA PRO C 85 -33.89 -18.51 12.90
C PRO C 85 -34.31 -18.87 14.31
N LEU C 86 -35.61 -19.10 14.48
CA LEU C 86 -36.17 -19.44 15.78
C LEU C 86 -37.22 -20.52 15.60
N THR C 87 -37.22 -21.47 16.53
CA THR C 87 -38.28 -22.45 16.63
C THR C 87 -38.35 -22.91 18.08
N ALA C 88 -39.55 -23.29 18.53
CA ALA C 88 -39.77 -23.59 19.93
C ALA C 88 -40.70 -24.78 20.09
N LEU C 89 -40.60 -25.42 21.25
CA LEU C 89 -41.50 -26.49 21.64
C LEU C 89 -41.65 -26.48 23.16
N LEU C 90 -42.63 -27.23 23.65
CA LEU C 90 -42.82 -27.44 25.07
C LEU C 90 -42.88 -28.94 25.33
N TRP C 91 -42.13 -29.41 26.32
CA TRP C 91 -42.02 -30.84 26.56
C TRP C 91 -41.66 -31.09 28.03
N GLY C 92 -41.75 -32.37 28.42
CA GLY C 92 -41.10 -32.83 29.62
C GLY C 92 -41.91 -32.70 30.90
N PRO C 93 -41.34 -33.22 31.99
CA PRO C 93 -42.07 -33.22 33.28
C PRO C 93 -42.40 -31.84 33.81
N GLN C 94 -41.57 -30.82 33.57
CA GLN C 94 -41.77 -29.50 34.14
C GLN C 94 -42.23 -28.48 33.10
N ASP C 95 -42.89 -28.92 32.02
CA ASP C 95 -43.45 -28.04 31.00
C ASP C 95 -42.37 -27.09 30.47
N THR C 96 -41.30 -27.70 29.97
CA THR C 96 -40.12 -26.94 29.59
C THR C 96 -40.28 -26.37 28.18
N VAL C 97 -40.20 -25.05 28.07
CA VAL C 97 -40.07 -24.42 26.77
C VAL C 97 -38.62 -24.56 26.33
N ALA C 98 -38.42 -24.99 25.10
CA ALA C 98 -37.10 -25.04 24.49
C ALA C 98 -37.12 -24.14 23.27
N LEU C 99 -36.26 -23.14 23.25
CA LEU C 99 -36.14 -22.21 22.14
C LEU C 99 -34.82 -22.47 21.45
N TYR C 100 -34.87 -22.82 20.16
CA TYR C 100 -33.69 -23.12 19.38
C TYR C 100 -33.37 -21.96 18.45
N TYR C 101 -32.08 -21.63 18.38
CA TYR C 101 -31.59 -20.50 17.59
C TYR C 101 -30.16 -20.84 17.18
N LEU C 102 -29.56 -19.93 16.41
CA LEU C 102 -28.17 -20.06 15.99
C LEU C 102 -27.30 -19.05 16.71
N SER C 103 -26.12 -19.49 17.13
CA SER C 103 -25.14 -18.58 17.66
C SER C 103 -24.57 -17.73 16.52
N PRO C 104 -23.82 -16.66 16.82
CA PRO C 104 -23.16 -15.92 15.75
C PRO C 104 -22.17 -16.76 14.95
N GLN C 105 -21.81 -17.95 15.43
CA GLN C 105 -20.93 -18.86 14.70
C GLN C 105 -21.71 -20.00 14.04
N PHE C 106 -23.02 -19.82 13.85
CA PHE C 106 -23.86 -20.77 13.10
C PHE C 106 -23.86 -22.15 13.74
N GLU C 107 -23.91 -22.21 15.06
CA GLU C 107 -24.06 -23.46 15.78
C GLU C 107 -25.43 -23.52 16.44
N LEU C 108 -26.02 -24.71 16.47
CA LEU C 108 -27.29 -24.89 17.16
C LEU C 108 -27.18 -24.47 18.61
N GLN C 109 -28.18 -23.74 19.09
CA GLN C 109 -28.26 -23.33 20.48
C GLN C 109 -29.65 -23.59 21.02
N GLU C 110 -29.74 -23.69 22.34
CA GLU C 110 -31.00 -24.03 23.01
C GLU C 110 -31.12 -23.24 24.30
N TRP C 111 -32.26 -22.58 24.47
CA TRP C 111 -32.59 -21.87 25.70
C TRP C 111 -33.81 -22.55 26.31
N CYS C 112 -33.73 -22.88 27.60
CA CYS C 112 -34.77 -23.65 28.26
C CYS C 112 -35.39 -22.88 29.42
N TRP C 113 -36.68 -23.09 29.62
CA TRP C 113 -37.45 -22.40 30.63
C TRP C 113 -38.53 -23.36 31.13
N ASP C 114 -38.39 -23.85 32.35
CA ASP C 114 -39.45 -24.68 32.91
C ASP C 114 -40.60 -23.76 33.33
N THR C 115 -41.83 -24.16 33.03
CA THR C 115 -42.98 -23.32 33.36
C THR C 115 -44.01 -24.07 34.21
N LYS C 116 -43.59 -25.08 34.94
CA LYS C 116 -44.51 -25.86 35.76
C LYS C 116 -44.55 -25.25 37.15
N ASN C 117 -45.77 -25.06 37.68
CA ASN C 117 -45.98 -24.51 39.01
C ASN C 117 -45.34 -23.12 39.14
N GLY C 118 -45.47 -22.31 38.09
CA GLY C 118 -45.02 -20.93 38.15
C GLY C 118 -43.55 -20.72 38.47
N ALA C 119 -42.69 -21.65 38.07
CA ALA C 119 -41.26 -21.55 38.38
C ALA C 119 -40.55 -20.92 37.20
N ASP C 120 -39.66 -19.97 37.49
CA ASP C 120 -38.91 -19.28 36.45
C ASP C 120 -37.46 -19.76 36.41
N ASN C 121 -37.28 -21.04 36.08
CA ASN C 121 -35.95 -21.63 35.98
C ASN C 121 -35.53 -21.60 34.52
N LYS C 122 -34.50 -20.82 34.20
CA LYS C 122 -34.06 -20.60 32.83
C LYS C 122 -32.56 -20.92 32.70
N TYR C 123 -32.21 -21.63 31.63
CA TYR C 123 -30.87 -22.16 31.50
C TYR C 123 -30.58 -22.52 30.05
N ASP C 124 -29.30 -22.61 29.74
CA ASP C 124 -28.86 -23.12 28.44
C ASP C 124 -29.05 -24.63 28.38
N GLY C 125 -29.55 -25.11 27.25
CA GLY C 125 -29.73 -26.53 27.06
C GLY C 125 -28.42 -27.24 26.73
N ALA C 126 -28.45 -28.56 26.88
CA ALA C 126 -27.27 -29.35 26.62
C ALA C 126 -26.87 -29.33 25.14
N LEU C 127 -27.79 -28.91 24.26
CA LEU C 127 -27.48 -28.90 22.83
C LEU C 127 -26.28 -27.99 22.53
N ASN C 128 -26.13 -26.90 23.29
CA ASN C 128 -25.02 -25.98 23.05
C ASN C 128 -23.68 -26.71 23.04
N ALA C 129 -23.51 -27.68 23.95
CA ALA C 129 -22.24 -28.37 24.08
C ALA C 129 -21.91 -29.24 22.88
N ALA C 130 -22.91 -29.66 22.10
CA ALA C 130 -22.63 -30.47 20.93
C ALA C 130 -21.95 -29.69 19.82
N LYS C 131 -22.05 -28.36 19.84
CA LYS C 131 -21.43 -27.47 18.85
C LYS C 131 -21.71 -27.93 17.43
N VAL C 132 -23.00 -28.01 17.11
CA VAL C 132 -23.43 -28.49 15.79
C VAL C 132 -23.39 -27.32 14.81
N LYS C 133 -22.43 -27.35 13.90
CA LYS C 133 -22.32 -26.34 12.85
C LYS C 133 -23.32 -26.63 11.74
N VAL C 134 -24.05 -25.61 11.32
CA VAL C 134 -25.05 -25.73 10.27
C VAL C 134 -24.72 -24.76 9.14
N ALA C 135 -25.42 -24.93 8.02
CA ALA C 135 -25.31 -23.96 6.94
C ALA C 135 -25.67 -22.57 7.47
N PRO C 136 -24.93 -21.54 7.08
CA PRO C 136 -25.17 -20.21 7.68
C PRO C 136 -26.56 -19.65 7.42
N TYR C 137 -27.22 -20.09 6.35
CA TYR C 137 -28.58 -19.66 6.03
C TYR C 137 -29.64 -20.66 6.49
N SER C 138 -29.25 -21.64 7.32
CA SER C 138 -30.18 -22.66 7.76
C SER C 138 -31.33 -22.07 8.56
N LYS C 139 -32.53 -22.62 8.35
CA LYS C 139 -33.66 -22.39 9.25
C LYS C 139 -33.69 -23.51 10.28
N LEU C 140 -34.72 -23.51 11.13
CA LEU C 140 -34.78 -24.48 12.22
C LEU C 140 -36.21 -24.99 12.40
N GLY C 141 -36.33 -26.29 12.67
CA GLY C 141 -37.56 -26.86 13.17
C GLY C 141 -37.24 -27.80 14.33
N ALA C 142 -38.29 -28.17 15.07
CA ALA C 142 -38.10 -29.00 16.25
C ALA C 142 -39.43 -29.60 16.68
N VAL C 143 -39.36 -30.83 17.20
CA VAL C 143 -40.53 -31.54 17.71
C VAL C 143 -40.14 -32.33 18.96
N SER C 144 -41.14 -32.56 19.83
CA SER C 144 -41.01 -33.49 20.94
C SER C 144 -41.93 -34.67 20.71
N PHE C 145 -41.44 -35.86 21.06
CA PHE C 145 -42.23 -37.07 20.97
C PHE C 145 -41.80 -38.02 22.08
N GLY C 146 -42.67 -38.99 22.38
CA GLY C 146 -42.28 -40.08 23.26
C GLY C 146 -42.06 -39.74 24.72
N GLY C 147 -42.55 -38.59 25.19
CA GLY C 147 -42.43 -38.24 26.58
C GLY C 147 -41.08 -37.69 27.02
N ALA C 148 -40.00 -38.01 26.31
CA ALA C 148 -38.70 -37.46 26.65
C ALA C 148 -37.73 -37.48 25.48
N ASN C 149 -38.24 -37.48 24.25
CA ASN C 149 -37.41 -37.45 23.06
C ASN C 149 -37.60 -36.15 22.30
N LEU C 150 -36.49 -35.55 21.86
CA LEU C 150 -36.52 -34.34 21.05
C LEU C 150 -35.79 -34.57 19.75
N ALA C 151 -36.17 -33.80 18.73
CA ALA C 151 -35.47 -33.77 17.47
C ALA C 151 -35.45 -32.34 16.96
N VAL C 152 -34.26 -31.86 16.61
CA VAL C 152 -34.07 -30.55 16.00
C VAL C 152 -33.72 -30.77 14.54
N TYR C 153 -34.33 -29.98 13.66
CA TYR C 153 -34.14 -30.11 12.24
C TYR C 153 -33.51 -28.84 11.69
N TYR C 154 -32.56 -29.00 10.78
CA TYR C 154 -31.75 -27.90 10.29
C TYR C 154 -31.21 -28.27 8.91
N GLN C 155 -30.51 -27.35 8.29
CA GLN C 155 -29.92 -27.57 6.98
C GLN C 155 -28.41 -27.66 7.14
N GLY C 156 -27.84 -28.79 6.71
CA GLY C 156 -26.42 -28.98 6.80
C GLY C 156 -25.69 -28.20 5.72
N THR C 157 -24.36 -28.20 5.83
CA THR C 157 -23.53 -27.39 4.94
C THR C 157 -23.62 -27.86 3.48
N ASN C 158 -24.03 -29.10 3.23
CA ASN C 158 -24.29 -29.58 1.88
C ASN C 158 -25.74 -29.38 1.46
N ASN C 159 -26.52 -28.67 2.26
CA ASN C 159 -27.89 -28.22 2.01
C ASN C 159 -28.94 -29.31 2.17
N LYS C 160 -28.57 -30.52 2.58
CA LYS C 160 -29.56 -31.51 2.97
C LYS C 160 -30.20 -31.13 4.30
N LEU C 161 -31.47 -31.50 4.45
CA LEU C 161 -32.09 -31.41 5.77
C LEU C 161 -31.48 -32.47 6.69
N GLU C 162 -31.12 -32.06 7.91
CA GLU C 162 -30.44 -32.93 8.85
C GLU C 162 -31.20 -32.95 10.16
N GLU C 163 -30.97 -34.01 10.93
CA GLU C 163 -31.66 -34.23 12.20
C GLU C 163 -30.65 -34.41 13.32
N TYR C 164 -30.91 -33.80 14.47
CA TYR C 164 -30.19 -34.07 15.71
C TYR C 164 -31.21 -34.52 16.74
N THR C 165 -30.94 -35.65 17.40
CA THR C 165 -31.91 -36.27 18.29
C THR C 165 -31.44 -36.23 19.74
N PHE C 166 -32.42 -36.24 20.64
CA PHE C 166 -32.19 -36.28 22.07
C PHE C 166 -33.17 -37.27 22.70
N GLY C 167 -32.66 -38.08 23.63
CA GLY C 167 -33.49 -39.00 24.38
C GLY C 167 -32.90 -40.39 24.41
N GLY C 168 -33.65 -41.30 25.02
CA GLY C 168 -33.21 -42.68 25.16
C GLY C 168 -31.92 -42.84 25.92
N GLY C 169 -31.63 -41.93 26.85
CA GLY C 169 -30.38 -41.97 27.60
C GLY C 169 -29.12 -41.71 26.80
N GLN C 170 -29.24 -41.19 25.58
CA GLN C 170 -28.08 -40.97 24.73
C GLN C 170 -27.54 -39.55 24.79
N GLY C 171 -28.35 -38.58 25.20
CA GLY C 171 -27.98 -37.19 24.99
C GLY C 171 -28.20 -36.80 23.53
N TRP C 172 -27.61 -35.68 23.15
CA TRP C 172 -27.76 -35.20 21.79
C TRP C 172 -26.84 -35.97 20.85
N LYS C 173 -27.42 -36.53 19.79
CA LYS C 173 -26.66 -37.28 18.79
C LYS C 173 -27.09 -36.86 17.39
N LYS C 174 -26.17 -36.93 16.44
CA LYS C 174 -26.52 -36.74 15.04
C LYS C 174 -27.53 -37.80 14.61
N GLY C 175 -28.61 -37.35 13.98
CA GLY C 175 -29.64 -38.24 13.50
C GLY C 175 -29.52 -38.47 12.02
N ALA C 176 -30.65 -38.84 11.40
CA ALA C 176 -30.66 -39.19 10.00
C ALA C 176 -30.39 -37.98 9.12
N THR C 177 -29.95 -38.27 7.90
CA THR C 177 -29.95 -37.29 6.82
C THR C 177 -31.23 -37.51 6.03
N LEU C 178 -32.08 -36.50 5.97
CA LEU C 178 -33.41 -36.69 5.41
C LEU C 178 -33.37 -36.74 3.88
N PRO C 179 -34.31 -37.44 3.25
CA PRO C 179 -34.32 -37.52 1.79
C PRO C 179 -34.76 -36.20 1.16
N GLY C 180 -34.65 -36.15 -0.16
CA GLY C 180 -35.04 -34.97 -0.90
C GLY C 180 -33.88 -34.03 -1.15
N ASP C 181 -34.17 -32.93 -1.83
CA ASP C 181 -33.15 -32.01 -2.33
C ASP C 181 -33.58 -30.60 -1.94
N PRO C 182 -33.32 -30.19 -0.70
CA PRO C 182 -33.87 -28.92 -0.21
C PRO C 182 -33.21 -27.71 -0.84
N LEU C 183 -34.03 -26.69 -1.11
CA LEU C 183 -33.51 -25.40 -1.53
C LEU C 183 -32.57 -24.85 -0.46
N PRO C 184 -31.39 -24.36 -0.83
CA PRO C 184 -30.52 -23.71 0.16
C PRO C 184 -31.22 -22.54 0.83
N GLY C 185 -31.24 -22.57 2.16
CA GLY C 185 -31.92 -21.56 2.93
C GLY C 185 -33.42 -21.73 3.04
N THR C 186 -33.96 -22.88 2.64
CA THR C 186 -35.40 -23.07 2.70
C THR C 186 -35.91 -22.89 4.12
N TYR C 187 -37.07 -22.27 4.23
CA TYR C 187 -37.80 -22.36 5.49
C TYR C 187 -38.25 -23.79 5.71
N ILE C 188 -38.30 -24.20 6.97
CA ILE C 188 -38.71 -25.55 7.32
C ILE C 188 -39.64 -25.45 8.52
N SER C 189 -40.52 -26.43 8.66
CA SER C 189 -41.43 -26.50 9.80
C SER C 189 -41.84 -27.96 9.99
N PHE C 190 -41.55 -28.51 11.16
CA PHE C 190 -41.85 -29.90 11.48
C PHE C 190 -42.87 -29.97 12.62
N VAL C 191 -43.77 -30.94 12.52
CA VAL C 191 -44.85 -31.07 13.50
C VAL C 191 -45.00 -32.53 13.90
N ASN C 192 -45.43 -32.73 15.14
CA ASN C 192 -45.86 -34.02 15.63
C ASN C 192 -47.35 -34.14 15.34
N ARG C 193 -47.73 -35.15 14.56
CA ARG C 193 -49.12 -35.24 14.10
C ARG C 193 -50.08 -35.50 15.26
N ASN C 194 -49.63 -36.16 16.32
CA ASN C 194 -50.48 -36.42 17.48
C ASN C 194 -49.56 -36.68 18.67
N LYS C 195 -49.53 -35.76 19.63
CA LYS C 195 -48.54 -35.86 20.69
C LYS C 195 -48.84 -36.98 21.70
N TRP C 196 -49.95 -37.68 21.54
CA TRP C 196 -50.27 -38.83 22.39
C TRP C 196 -49.78 -40.13 21.77
N ASP C 197 -49.73 -40.20 20.44
CA ASP C 197 -49.32 -41.41 19.73
C ASP C 197 -47.80 -41.39 19.71
N ALA C 198 -47.20 -41.99 20.73
CA ALA C 198 -45.75 -42.03 20.87
C ALA C 198 -45.11 -43.38 20.55
N ASN C 199 -45.88 -44.46 20.58
CA ASN C 199 -45.33 -45.79 20.32
C ASN C 199 -45.84 -46.40 19.02
N PRO C 200 -45.24 -46.11 17.86
CA PRO C 200 -44.28 -45.11 17.36
C PRO C 200 -44.90 -43.75 17.02
N PRO C 201 -44.09 -42.68 17.08
CA PRO C 201 -44.58 -41.34 16.78
C PRO C 201 -44.79 -41.14 15.28
N SER C 202 -45.52 -40.08 14.93
CA SER C 202 -45.74 -39.69 13.54
C SER C 202 -45.38 -38.21 13.37
N ILE C 203 -44.37 -37.93 12.55
CA ILE C 203 -43.82 -36.59 12.38
C ILE C 203 -43.95 -36.20 10.90
N ALA C 204 -44.18 -34.90 10.66
CA ALA C 204 -44.23 -34.35 9.31
C ALA C 204 -43.47 -33.03 9.26
N GLY C 205 -42.73 -32.83 8.18
CA GLY C 205 -42.02 -31.58 7.97
C GLY C 205 -42.29 -31.04 6.58
N TYR C 206 -42.19 -29.72 6.45
CA TYR C 206 -42.49 -29.03 5.20
C TYR C 206 -41.33 -28.12 4.84
N PHE C 207 -40.99 -28.09 3.55
CA PHE C 207 -39.82 -27.34 3.07
C PHE C 207 -39.97 -27.06 1.60
N GLN C 208 -39.04 -26.26 1.07
CA GLN C 208 -38.99 -25.93 -0.35
C GLN C 208 -37.79 -26.62 -0.99
N THR C 209 -38.01 -27.22 -2.16
CA THR C 209 -36.97 -27.94 -2.87
C THR C 209 -36.22 -27.01 -3.83
N VAL C 210 -35.14 -27.56 -4.41
CA VAL C 210 -34.32 -26.80 -5.35
C VAL C 210 -35.04 -26.42 -6.63
N THR C 211 -36.21 -27.01 -6.91
CA THR C 211 -36.99 -26.59 -8.06
C THR C 211 -38.04 -25.54 -7.71
N GLY C 212 -38.13 -25.13 -6.45
CA GLY C 212 -39.13 -24.18 -6.03
C GLY C 212 -40.42 -24.79 -5.53
N SER C 213 -40.60 -26.10 -5.71
CA SER C 213 -41.79 -26.76 -5.19
CA SER C 213 -41.79 -26.75 -5.19
C SER C 213 -41.73 -26.84 -3.67
N LEU C 214 -42.89 -27.06 -3.06
CA LEU C 214 -42.97 -27.37 -1.64
C LEU C 214 -43.12 -28.87 -1.50
N ALA C 215 -42.39 -29.44 -0.54
CA ALA C 215 -42.38 -30.88 -0.33
C ALA C 215 -42.57 -31.16 1.15
N GLU C 216 -42.70 -32.45 1.46
CA GLU C 216 -43.04 -32.90 2.80
C GLU C 216 -42.17 -34.06 3.23
N GLN C 217 -41.61 -33.97 4.43
CA GLN C 217 -40.94 -35.09 5.06
C GLN C 217 -41.92 -35.81 5.97
N VAL C 218 -41.90 -37.14 5.93
CA VAL C 218 -42.81 -37.93 6.76
C VAL C 218 -42.00 -38.99 7.49
N TRP C 219 -42.08 -39.00 8.81
CA TRP C 219 -41.47 -40.06 9.62
C TRP C 219 -42.60 -40.93 10.16
N GLU C 220 -42.59 -42.20 9.78
CA GLU C 220 -43.47 -43.20 10.35
C GLU C 220 -42.74 -44.52 10.45
N THR C 221 -43.05 -45.26 11.51
CA THR C 221 -42.68 -46.67 11.69
C THR C 221 -41.31 -47.01 11.09
N GLY C 222 -40.29 -46.33 11.59
CA GLY C 222 -38.93 -46.72 11.27
C GLY C 222 -38.10 -45.73 10.47
N GLY C 223 -38.66 -44.65 9.92
CA GLY C 223 -37.82 -43.71 9.24
C GLY C 223 -38.54 -42.77 8.30
N TRP C 224 -37.73 -41.86 7.73
CA TRP C 224 -38.18 -40.75 6.90
C TRP C 224 -38.37 -41.11 5.43
N ARG C 225 -39.42 -40.56 4.81
CA ARG C 225 -39.59 -40.65 3.37
CA ARG C 225 -39.63 -40.67 3.38
C ARG C 225 -40.35 -39.42 2.91
N ILE C 226 -40.37 -39.23 1.59
CA ILE C 226 -41.02 -38.06 1.00
C ILE C 226 -42.53 -38.27 0.96
N GLY C 227 -43.28 -37.35 1.56
CA GLY C 227 -44.71 -37.50 1.66
C GLY C 227 -45.44 -37.10 0.38
N GLN C 228 -46.76 -37.17 0.45
CA GLN C 228 -47.60 -36.92 -0.72
C GLN C 228 -47.92 -35.45 -0.93
N PHE C 229 -47.67 -34.60 0.07
CA PHE C 229 -47.93 -33.17 -0.06
C PHE C 229 -46.96 -32.56 -1.06
N VAL C 230 -47.50 -32.00 -2.14
CA VAL C 230 -46.69 -31.44 -3.23
C VAL C 230 -47.35 -30.15 -3.69
N ILE C 231 -46.60 -29.06 -3.65
CA ILE C 231 -47.00 -27.78 -4.23
C ILE C 231 -46.05 -27.49 -5.39
N PRO C 232 -46.50 -27.57 -6.65
CA PRO C 232 -45.56 -27.50 -7.78
C PRO C 232 -44.76 -26.20 -7.86
N ALA C 233 -45.32 -25.07 -7.45
CA ALA C 233 -44.64 -23.79 -7.58
C ALA C 233 -44.96 -22.90 -6.39
N ALA C 234 -43.94 -22.21 -5.90
CA ALA C 234 -44.09 -21.29 -4.77
C ALA C 234 -43.03 -20.20 -4.91
N PRO C 235 -43.24 -19.06 -4.26
CA PRO C 235 -42.25 -17.97 -4.35
C PRO C 235 -40.90 -18.40 -3.78
N PHE C 236 -39.84 -17.81 -4.33
CA PHE C 236 -38.47 -18.13 -3.93
C PHE C 236 -38.26 -17.85 -2.45
N LEU C 237 -37.81 -18.86 -1.71
CA LEU C 237 -37.57 -18.76 -0.27
C LEU C 237 -38.81 -18.24 0.46
N THR C 238 -39.96 -18.79 0.09
CA THR C 238 -41.18 -18.40 0.76
C THR C 238 -41.13 -18.84 2.22
N PRO C 239 -41.62 -18.02 3.14
CA PRO C 239 -41.82 -18.48 4.51
C PRO C 239 -42.77 -19.67 4.56
N ILE C 240 -42.52 -20.57 5.51
CA ILE C 240 -43.31 -21.78 5.68
C ILE C 240 -43.52 -22.00 7.17
N SER C 241 -44.76 -22.28 7.58
CA SER C 241 -45.06 -22.63 8.96
C SER C 241 -46.20 -23.63 8.99
N ALA C 242 -46.08 -24.62 9.86
CA ALA C 242 -47.08 -25.66 9.99
C ALA C 242 -47.48 -25.83 11.44
N THR C 243 -48.73 -26.23 11.66
CA THR C 243 -49.22 -26.51 13.00
C THR C 243 -50.34 -27.54 12.90
N VAL C 244 -50.47 -28.38 13.93
CA VAL C 244 -51.48 -29.42 13.95
C VAL C 244 -52.21 -29.38 15.30
N SER C 245 -53.52 -29.49 15.24
CA SER C 245 -54.38 -29.72 16.40
C SER C 245 -55.54 -30.61 15.96
N PRO C 246 -56.09 -31.40 16.88
CA PRO C 246 -57.21 -32.27 16.49
C PRO C 246 -58.49 -31.48 16.29
N GLU C 247 -59.12 -31.69 15.14
CA GLU C 247 -60.45 -31.18 14.84
C GLU C 247 -61.39 -32.37 14.77
N LYS C 248 -62.46 -32.32 15.56
CA LYS C 248 -63.39 -33.44 15.70
C LYS C 248 -62.63 -34.70 16.08
N ASP C 249 -61.65 -34.55 16.98
CA ASP C 249 -60.87 -35.66 17.51
C ASP C 249 -60.06 -36.35 16.43
N PHE C 250 -59.65 -35.61 15.40
CA PHE C 250 -58.76 -36.14 14.37
C PHE C 250 -57.75 -35.06 13.97
N PRO C 251 -56.49 -35.43 13.79
CA PRO C 251 -55.45 -34.42 13.54
C PRO C 251 -55.73 -33.59 12.29
N LYS C 252 -55.62 -32.27 12.45
CA LYS C 252 -55.76 -31.31 11.37
C LYS C 252 -54.42 -30.61 11.17
N ILE C 253 -53.74 -30.91 10.07
CA ILE C 253 -52.48 -30.26 9.74
C ILE C 253 -52.78 -28.98 8.98
N HIS C 254 -52.18 -27.88 9.41
CA HIS C 254 -52.24 -26.60 8.71
C HIS C 254 -50.84 -26.26 8.22
N VAL C 255 -50.70 -25.99 6.94
CA VAL C 255 -49.44 -25.57 6.34
C VAL C 255 -49.66 -24.20 5.71
N TYR C 256 -48.82 -23.24 6.06
CA TYR C 256 -48.94 -21.86 5.59
C TYR C 256 -47.68 -21.45 4.85
N TRP C 257 -47.88 -20.78 3.71
CA TRP C 257 -46.79 -20.15 2.99
C TRP C 257 -47.36 -18.93 2.28
N LEU C 258 -46.53 -18.25 1.50
CA LEU C 258 -46.90 -16.97 0.89
C LEU C 258 -47.10 -17.12 -0.61
N SER C 259 -48.02 -16.31 -1.14
CA SER C 259 -48.21 -16.21 -2.58
C SER C 259 -47.19 -15.21 -3.15
N VAL C 260 -47.26 -15.01 -4.47
CA VAL C 260 -46.42 -13.97 -5.10
C VAL C 260 -46.78 -12.59 -4.60
N GLU C 261 -48.00 -12.39 -4.08
CA GLU C 261 -48.43 -11.14 -3.49
C GLU C 261 -48.08 -11.04 -2.02
N SER C 262 -47.36 -12.02 -1.47
CA SER C 262 -47.05 -12.08 -0.05
C SER C 262 -48.33 -12.11 0.78
N THR C 263 -49.37 -12.73 0.25
CA THR C 263 -50.54 -13.10 1.02
C THR C 263 -50.36 -14.54 1.50
N ILE C 264 -50.98 -14.85 2.63
CA ILE C 264 -50.76 -16.14 3.29
C ILE C 264 -51.71 -17.17 2.69
N ILE C 265 -51.15 -18.28 2.21
CA ILE C 265 -51.90 -19.39 1.63
C ILE C 265 -51.95 -20.52 2.66
N GLU C 266 -53.12 -21.12 2.81
CA GLU C 266 -53.31 -22.22 3.75
C GLU C 266 -53.68 -23.48 3.00
N SER C 267 -53.04 -24.59 3.37
CA SER C 267 -53.45 -25.92 2.92
C SER C 267 -53.64 -26.80 4.15
N VAL C 268 -54.79 -27.46 4.22
CA VAL C 268 -55.18 -28.25 5.39
C VAL C 268 -55.21 -29.73 5.00
N ASN C 269 -54.67 -30.56 5.88
CA ASN C 269 -54.83 -32.01 5.78
C ASN C 269 -55.76 -32.45 6.90
N TRP C 270 -56.91 -33.01 6.53
CA TRP C 270 -57.88 -33.52 7.49
C TRP C 270 -58.66 -34.60 6.75
N HIS C 271 -58.26 -35.86 6.95
CA HIS C 271 -58.71 -36.97 6.12
C HIS C 271 -58.44 -36.67 4.65
N GLY C 272 -57.20 -36.30 4.36
CA GLY C 272 -56.82 -35.91 3.02
C GLY C 272 -56.55 -34.42 2.93
N TRP C 273 -55.72 -34.07 1.93
CA TRP C 273 -55.36 -32.68 1.70
C TRP C 273 -56.49 -31.92 1.02
N LYS C 274 -56.72 -30.70 1.48
CA LYS C 274 -57.67 -29.80 0.81
C LYS C 274 -56.91 -28.83 -0.08
N ALA C 275 -57.64 -28.23 -1.03
CA ALA C 275 -57.02 -27.32 -1.97
C ALA C 275 -56.46 -26.10 -1.25
N PRO C 276 -55.28 -25.61 -1.63
CA PRO C 276 -54.74 -24.41 -1.00
C PRO C 276 -55.65 -23.21 -1.23
N LYS C 277 -55.83 -22.41 -0.20
CA LYS C 277 -56.63 -21.20 -0.33
C LYS C 277 -56.04 -20.07 0.47
N GLN C 278 -56.19 -18.86 -0.07
CA GLN C 278 -55.71 -17.65 0.55
C GLN C 278 -56.58 -17.28 1.74
N ILE C 279 -55.97 -17.01 2.90
CA ILE C 279 -56.76 -16.71 4.09
C ILE C 279 -57.17 -15.24 4.15
N ASP C 280 -56.39 -14.34 3.56
CA ASP C 280 -56.78 -12.95 3.40
C ASP C 280 -55.91 -12.35 2.31
N ASN C 281 -56.34 -11.19 1.81
CA ASN C 281 -55.69 -10.58 0.66
C ASN C 281 -54.74 -9.45 1.05
N ILE C 282 -54.26 -9.45 2.29
CA ILE C 282 -53.35 -8.42 2.78
C ILE C 282 -51.92 -8.90 2.64
N SER C 283 -51.07 -8.08 2.02
CA SER C 283 -49.67 -8.41 1.81
C SER C 283 -48.89 -8.20 3.11
N VAL C 284 -48.27 -9.27 3.60
CA VAL C 284 -47.37 -9.17 4.75
C VAL C 284 -45.98 -8.86 4.22
N VAL C 285 -45.05 -8.55 5.13
CA VAL C 285 -43.64 -8.49 4.73
C VAL C 285 -43.16 -9.90 4.47
N LYS C 286 -42.50 -10.10 3.32
CA LYS C 286 -42.01 -11.43 2.96
C LYS C 286 -40.89 -11.78 3.94
N ALA C 287 -41.24 -12.50 4.98
CA ALA C 287 -40.34 -12.81 6.08
C ALA C 287 -41.02 -13.86 6.95
N ASP C 288 -40.24 -14.39 7.89
CA ASP C 288 -40.66 -15.53 8.71
C ASP C 288 -42.06 -15.35 9.27
N ILE C 289 -42.85 -16.42 9.22
CA ILE C 289 -44.12 -16.49 9.93
C ILE C 289 -44.10 -17.70 10.84
N SER C 290 -44.96 -17.67 11.86
CA SER C 290 -45.06 -18.75 12.83
C SER C 290 -46.53 -18.98 13.18
N ALA C 291 -46.99 -20.20 12.95
CA ALA C 291 -48.38 -20.57 13.22
C ALA C 291 -48.44 -21.51 14.40
N THR C 292 -49.47 -21.34 15.23
CA THR C 292 -49.72 -22.20 16.37
C THR C 292 -51.22 -22.36 16.53
N SER C 293 -51.64 -23.43 17.22
CA SER C 293 -53.05 -23.77 17.23
C SER C 293 -53.42 -24.53 18.49
N PHE C 294 -54.72 -24.58 18.76
CA PHE C 294 -55.27 -25.35 19.87
C PHE C 294 -56.71 -25.72 19.55
N THR C 295 -57.22 -26.71 20.27
CA THR C 295 -58.57 -27.23 20.08
C THR C 295 -59.50 -26.65 21.14
N ARG C 296 -60.67 -26.19 20.72
CA ARG C 296 -61.66 -25.68 21.65
C ARG C 296 -62.51 -26.82 22.23
N ASP C 297 -63.39 -26.45 23.18
CA ASP C 297 -64.29 -27.43 23.79
C ASP C 297 -65.22 -28.07 22.77
N ASP C 298 -65.62 -27.32 21.75
CA ASP C 298 -66.52 -27.84 20.72
C ASP C 298 -65.81 -28.67 19.66
N GLY C 299 -64.51 -28.93 19.81
CA GLY C 299 -63.80 -29.74 18.85
C GLY C 299 -63.31 -29.00 17.62
N THR C 300 -63.42 -27.68 17.58
CA THR C 300 -62.90 -26.88 16.49
C THR C 300 -61.52 -26.35 16.85
N VAL C 301 -60.73 -26.04 15.82
CA VAL C 301 -59.34 -25.68 15.98
C VAL C 301 -59.17 -24.18 15.74
N ASP C 302 -58.70 -23.48 16.76
CA ASP C 302 -58.25 -22.10 16.61
C ASP C 302 -56.82 -22.09 16.07
N VAL C 303 -56.50 -21.07 15.27
CA VAL C 303 -55.14 -20.87 14.78
C VAL C 303 -54.71 -19.44 15.07
N ARG C 304 -53.43 -19.26 15.38
CA ARG C 304 -52.80 -17.95 15.45
C ARG C 304 -51.58 -17.96 14.55
N ILE C 305 -51.41 -16.90 13.76
CA ILE C 305 -50.22 -16.71 12.94
C ILE C 305 -49.56 -15.41 13.34
N TYR C 306 -48.25 -15.47 13.53
CA TYR C 306 -47.45 -14.28 13.84
C TYR C 306 -46.43 -14.07 12.74
N GLY C 307 -46.12 -12.79 12.50
CA GLY C 307 -45.14 -12.45 11.48
C GLY C 307 -45.01 -10.95 11.39
N THR C 308 -44.42 -10.49 10.29
CA THR C 308 -44.15 -9.07 10.07
C THR C 308 -45.17 -8.49 9.09
N ALA C 309 -45.88 -7.46 9.53
CA ALA C 309 -46.78 -6.74 8.66
C ALA C 309 -46.19 -5.38 8.32
N GLN C 310 -46.67 -4.81 7.21
CA GLN C 310 -46.25 -3.46 6.83
C GLN C 310 -46.55 -2.48 7.96
N LEU C 311 -45.61 -1.58 8.23
CA LEU C 311 -44.34 -1.52 7.51
C LEU C 311 -43.30 -2.42 8.18
N ASN C 312 -43.28 -2.41 9.52
CA ASN C 312 -42.50 -3.40 10.27
C ASN C 312 -43.14 -3.54 11.65
N VAL C 313 -44.22 -4.32 11.72
CA VAL C 313 -44.88 -4.60 12.99
C VAL C 313 -45.18 -6.08 13.10
N LEU C 314 -45.23 -6.57 14.35
CA LEU C 314 -45.56 -7.96 14.64
C LEU C 314 -47.08 -8.12 14.61
N PHE C 315 -47.59 -8.83 13.61
CA PHE C 315 -49.03 -9.00 13.49
C PHE C 315 -49.48 -10.27 14.20
N GLU C 316 -50.76 -10.30 14.53
CA GLU C 316 -51.43 -11.53 14.96
C GLU C 316 -52.70 -11.72 14.13
N ARG C 317 -52.72 -12.79 13.34
CA ARG C 317 -53.91 -13.20 12.61
C ARG C 317 -54.63 -14.29 13.40
N ILE C 318 -55.95 -14.18 13.50
CA ILE C 318 -56.75 -15.00 14.40
C ILE C 318 -57.74 -15.80 13.58
N PHE C 319 -57.63 -17.12 13.65
CA PHE C 319 -58.65 -18.02 13.12
C PHE C 319 -59.44 -18.55 14.31
N ARG C 320 -60.68 -18.11 14.42
CA ARG C 320 -61.49 -18.39 15.61
C ARG C 320 -62.91 -18.71 15.18
N TYR C 321 -63.41 -19.85 15.64
CA TYR C 321 -64.77 -20.30 15.31
C TYR C 321 -64.99 -20.35 13.80
N GLY C 322 -63.98 -20.85 13.09
CA GLY C 322 -64.13 -21.14 11.67
C GLY C 322 -63.93 -19.98 10.73
N VAL C 323 -63.56 -18.80 11.24
CA VAL C 323 -63.34 -17.63 10.39
C VAL C 323 -62.04 -16.94 10.78
N TRP C 324 -61.35 -16.40 9.78
CA TRP C 324 -60.25 -15.48 10.01
C TRP C 324 -60.81 -14.10 10.33
N GLU C 325 -60.49 -13.56 11.51
CA GLU C 325 -61.05 -12.28 11.91
C GLU C 325 -60.48 -11.15 11.06
N GLU C 326 -61.34 -10.20 10.70
CA GLU C 326 -60.97 -9.18 9.71
C GLU C 326 -59.97 -8.18 10.27
N LYS C 327 -60.12 -7.80 11.54
CA LYS C 327 -59.17 -6.91 12.20
C LYS C 327 -57.91 -7.68 12.57
N ILE C 328 -56.77 -7.22 12.09
CA ILE C 328 -55.48 -7.85 12.35
C ILE C 328 -54.75 -7.04 13.42
N HIS C 329 -54.63 -7.64 14.60
CA HIS C 329 -53.93 -7.04 15.73
C HIS C 329 -52.44 -6.88 15.41
N SER C 330 -51.80 -5.90 16.04
CA SER C 330 -50.34 -5.85 16.10
C SER C 330 -49.89 -5.75 17.55
N ILE C 331 -48.75 -6.37 17.84
CA ILE C 331 -48.20 -6.43 19.19
C ILE C 331 -47.00 -5.51 19.24
N SER C 332 -47.12 -4.41 19.98
CA SER C 332 -46.04 -3.44 20.06
C SER C 332 -44.87 -4.03 20.84
N VAL C 333 -43.66 -3.90 20.30
CA VAL C 333 -42.47 -4.43 20.95
C VAL C 333 -41.42 -3.36 21.20
N GLY C 334 -41.76 -2.09 21.03
CA GLY C 334 -40.80 -1.02 21.21
C GLY C 334 -41.31 0.27 20.58
N LYS C 335 -40.37 1.18 20.35
CA LYS C 335 -40.71 2.48 19.80
C LYS C 335 -41.20 2.36 18.36
N GLU C 336 -42.14 3.23 18.00
CA GLU C 336 -42.80 3.17 16.71
C GLU C 336 -42.94 4.58 16.15
N ILE C 337 -42.99 4.67 14.82
CA ILE C 337 -43.34 5.92 14.17
C ILE C 337 -44.43 5.61 13.15
N PRO C 338 -45.44 6.45 13.02
CA PRO C 338 -46.42 6.27 11.95
C PRO C 338 -45.91 6.90 10.67
N ILE C 339 -46.20 6.26 9.54
CA ILE C 339 -45.74 6.74 8.25
C ILE C 339 -46.89 6.67 7.27
N GLU C 340 -47.07 7.75 6.50
CA GLU C 340 -48.08 7.75 5.46
CA GLU C 340 -48.09 7.77 5.45
C GLU C 340 -47.64 6.86 4.30
N VAL C 341 -48.56 6.04 3.80
CA VAL C 341 -48.32 5.15 2.68
C VAL C 341 -49.24 5.55 1.53
N VAL C 342 -48.72 5.54 0.31
CA VAL C 342 -49.50 5.83 -0.88
C VAL C 342 -49.35 4.68 -1.87
N GLY C 343 -50.46 4.23 -2.43
CA GLY C 343 -50.42 3.22 -3.47
C GLY C 343 -50.00 3.86 -4.79
N VAL C 344 -49.03 3.24 -5.46
CA VAL C 344 -48.44 3.76 -6.68
C VAL C 344 -48.44 2.65 -7.74
N ALA C 345 -48.79 3.02 -8.97
CA ALA C 345 -48.85 2.09 -10.08
C ALA C 345 -47.50 1.96 -10.77
N ALA C 346 -47.41 1.02 -11.70
CA ALA C 346 -46.21 0.83 -12.49
C ALA C 346 -45.95 2.06 -13.37
N ALA C 347 -44.74 2.11 -13.92
CA ALA C 347 -44.33 3.22 -14.77
C ALA C 347 -45.16 3.26 -16.06
N PRO D 3 -41.11 -25.03 -10.28
CA PRO D 3 -40.54 -23.70 -10.50
C PRO D 3 -40.78 -22.77 -9.31
N VAL D 4 -40.10 -21.63 -9.26
CA VAL D 4 -40.45 -20.58 -8.29
C VAL D 4 -41.38 -19.61 -8.99
N GLU D 5 -42.30 -19.06 -8.20
CA GLU D 5 -43.27 -18.10 -8.72
C GLU D 5 -42.71 -16.69 -8.59
N PHE D 6 -43.03 -15.86 -9.58
CA PHE D 6 -42.60 -14.47 -9.67
C PHE D 6 -43.75 -13.66 -10.24
N PRO D 7 -43.91 -12.40 -9.82
CA PRO D 7 -45.01 -11.58 -10.35
C PRO D 7 -44.90 -11.43 -11.87
N LYS D 8 -45.96 -11.83 -12.56
CA LYS D 8 -45.93 -11.89 -14.02
C LYS D 8 -45.81 -10.52 -14.67
N SER D 9 -46.19 -9.45 -13.98
CA SER D 9 -46.03 -8.10 -14.54
C SER D 9 -44.62 -7.56 -14.40
N LEU D 10 -43.73 -8.27 -13.73
CA LEU D 10 -42.35 -7.85 -13.55
C LEU D 10 -41.42 -8.70 -14.40
N ARG D 11 -40.31 -8.12 -14.82
CA ARG D 11 -39.26 -8.83 -15.53
C ARG D 11 -38.15 -9.18 -14.54
N ALA D 12 -37.80 -10.46 -14.47
CA ALA D 12 -36.81 -10.92 -13.50
C ALA D 12 -35.39 -10.83 -14.01
N SER D 13 -35.19 -10.75 -15.32
CA SER D 13 -33.84 -10.77 -15.88
C SER D 13 -33.88 -10.10 -17.25
N SER D 14 -32.69 -9.97 -17.85
CA SER D 14 -32.57 -9.40 -19.20
C SER D 14 -33.17 -10.31 -20.25
N HIS D 15 -33.36 -11.59 -19.95
CA HIS D 15 -33.98 -12.51 -20.89
C HIS D 15 -35.44 -12.79 -20.57
N SER D 16 -36.04 -11.98 -19.69
CA SER D 16 -37.48 -12.07 -19.47
C SER D 16 -38.22 -11.54 -20.70
N SER D 17 -39.48 -11.94 -20.82
CA SER D 17 -40.31 -11.43 -21.89
C SER D 17 -40.46 -9.91 -21.75
N GLU D 18 -40.82 -9.27 -22.87
CA GLU D 18 -40.94 -7.82 -22.89
C GLU D 18 -42.03 -7.35 -21.93
N GLY D 19 -43.12 -8.10 -21.83
CA GLY D 19 -44.23 -7.70 -20.98
C GLY D 19 -44.17 -8.21 -19.57
N GLY D 20 -43.10 -8.90 -19.18
CA GLY D 20 -43.00 -9.48 -17.86
C GLY D 20 -42.42 -10.89 -17.91
N THR D 21 -42.33 -11.53 -16.76
CA THR D 21 -41.78 -12.87 -16.70
C THR D 21 -42.83 -13.89 -17.13
N THR D 22 -42.46 -14.75 -18.07
CA THR D 22 -43.36 -15.82 -18.46
C THR D 22 -42.80 -17.16 -17.97
N LYS D 23 -41.76 -17.64 -18.63
CA LYS D 23 -41.10 -18.89 -18.26
C LYS D 23 -39.62 -18.74 -18.58
N GLU D 24 -38.76 -18.91 -17.59
CA GLU D 24 -37.33 -18.66 -17.80
C GLU D 24 -36.54 -19.34 -16.70
N GLU D 25 -35.21 -19.29 -16.83
CA GLU D 25 -34.26 -19.85 -15.88
C GLU D 25 -33.42 -18.73 -15.28
N ASP D 26 -33.29 -18.75 -13.95
CA ASP D 26 -32.46 -17.79 -13.23
C ASP D 26 -31.58 -18.51 -12.22
N ILE D 27 -30.61 -17.80 -11.67
CA ILE D 27 -29.52 -18.38 -10.90
C ILE D 27 -29.65 -17.99 -9.44
N TYR D 28 -29.39 -18.95 -8.56
CA TYR D 28 -29.31 -18.76 -7.12
C TYR D 28 -27.86 -18.98 -6.71
N GLY D 29 -27.13 -17.89 -6.47
CA GLY D 29 -25.81 -18.00 -5.91
C GLY D 29 -25.90 -18.04 -4.40
N TYR D 30 -25.94 -19.24 -3.81
CA TYR D 30 -26.27 -19.35 -2.40
C TYR D 30 -25.08 -19.18 -1.47
N GLU D 31 -23.89 -18.92 -2.00
CA GLU D 31 -22.76 -18.52 -1.18
C GLU D 31 -22.61 -17.00 -1.13
N LEU D 32 -23.49 -16.27 -1.80
CA LEU D 32 -23.66 -14.84 -1.58
C LEU D 32 -24.72 -14.65 -0.50
N LEU D 33 -24.40 -13.85 0.53
CA LEU D 33 -25.40 -13.57 1.55
C LEU D 33 -26.64 -13.01 0.89
N TYR D 34 -27.80 -13.55 1.22
CA TYR D 34 -29.02 -13.06 0.63
C TYR D 34 -29.23 -11.61 1.06
N ARG D 35 -29.39 -10.72 0.07
CA ARG D 35 -29.47 -9.27 0.28
C ARG D 35 -28.17 -8.72 0.88
N SER D 36 -27.04 -9.18 0.36
CA SER D 36 -25.75 -8.70 0.83
C SER D 36 -25.62 -7.19 0.63
N ALA D 37 -24.86 -6.56 1.52
CA ALA D 37 -24.43 -5.19 1.28
C ALA D 37 -23.38 -5.15 0.18
N PHE D 38 -23.22 -3.98 -0.43
CA PHE D 38 -22.21 -3.81 -1.47
C PHE D 38 -21.53 -2.46 -1.33
N ALA D 39 -20.21 -2.45 -1.56
CA ALA D 39 -19.45 -1.23 -1.78
C ALA D 39 -18.61 -1.43 -3.03
N SER D 40 -18.30 -0.33 -3.72
CA SER D 40 -17.64 -0.45 -5.02
C SER D 40 -16.76 0.76 -5.28
N TYR D 41 -15.79 0.57 -6.17
CA TYR D 41 -14.92 1.65 -6.61
C TYR D 41 -14.30 1.25 -7.93
N ILE D 42 -14.53 2.04 -8.97
CA ILE D 42 -13.86 1.85 -10.26
C ILE D 42 -12.72 2.86 -10.36
N ALA D 43 -11.60 2.43 -10.94
CA ALA D 43 -10.44 3.30 -11.06
C ALA D 43 -10.82 4.56 -11.84
N PRO D 44 -10.18 5.69 -11.55
CA PRO D 44 -10.48 6.92 -12.29
C PRO D 44 -10.31 6.78 -13.79
N THR D 45 -9.47 5.85 -14.24
CA THR D 45 -9.29 5.57 -15.65
C THR D 45 -10.19 4.47 -16.18
N GLY D 46 -10.90 3.76 -15.30
CA GLY D 46 -11.67 2.60 -15.71
C GLY D 46 -10.88 1.33 -15.90
N ALA D 47 -9.60 1.31 -15.52
CA ALA D 47 -8.75 0.17 -15.82
C ALA D 47 -9.01 -1.02 -14.90
N TRP D 48 -9.50 -0.79 -13.68
CA TRP D 48 -9.76 -1.89 -12.76
C TRP D 48 -10.94 -1.51 -11.87
N ASN D 49 -11.55 -2.54 -11.26
CA ASN D 49 -12.71 -2.40 -10.39
C ASN D 49 -12.45 -3.09 -9.06
N LEU D 50 -13.06 -2.55 -8.01
CA LEU D 50 -13.10 -3.21 -6.71
C LEU D 50 -14.53 -3.24 -6.21
N VAL D 51 -14.99 -4.41 -5.78
CA VAL D 51 -16.33 -4.57 -5.22
C VAL D 51 -16.24 -5.44 -3.97
N TRP D 52 -16.85 -5.00 -2.87
CA TRP D 52 -16.89 -5.76 -1.64
C TRP D 52 -18.32 -6.16 -1.28
N PHE D 53 -18.44 -7.33 -0.68
CA PHE D 53 -19.73 -7.92 -0.35
C PHE D 53 -19.52 -8.90 0.80
N GLN D 54 -20.63 -9.43 1.30
CA GLN D 54 -20.61 -10.39 2.39
C GLN D 54 -21.05 -11.76 1.89
N ALA D 55 -20.23 -12.76 2.14
CA ALA D 55 -20.58 -14.12 1.78
C ALA D 55 -21.62 -14.66 2.76
N ALA D 56 -22.21 -15.80 2.40
CA ALA D 56 -23.24 -16.41 3.25
C ALA D 56 -22.70 -16.72 4.63
N ASP D 57 -21.42 -17.09 4.75
CA ASP D 57 -20.84 -17.41 6.04
C ASP D 57 -20.41 -16.19 6.85
N GLY D 58 -20.74 -14.99 6.38
CA GLY D 58 -20.46 -13.77 7.11
C GLY D 58 -19.13 -13.12 6.79
N SER D 59 -18.22 -13.81 6.13
CA SER D 59 -16.96 -13.18 5.76
C SER D 59 -17.20 -12.09 4.73
N ILE D 60 -16.32 -11.10 4.71
CA ILE D 60 -16.36 -10.03 3.72
C ILE D 60 -15.40 -10.39 2.60
N LYS D 61 -15.90 -10.39 1.38
CA LYS D 61 -15.15 -10.82 0.21
C LYS D 61 -15.00 -9.66 -0.76
N GLN D 62 -14.14 -9.86 -1.76
CA GLN D 62 -13.77 -8.82 -2.70
C GLN D 62 -13.80 -9.38 -4.11
N ALA D 63 -14.48 -8.67 -5.01
CA ALA D 63 -14.41 -8.95 -6.44
C ALA D 63 -13.54 -7.88 -7.07
N ARG D 64 -12.43 -8.29 -7.66
CA ARG D 64 -11.50 -7.38 -8.32
C ARG D 64 -11.50 -7.67 -9.81
N TRP D 65 -11.80 -6.67 -10.62
CA TRP D 65 -11.78 -6.81 -12.06
C TRP D 65 -10.52 -6.17 -12.63
N TYR D 66 -9.78 -6.95 -13.41
CA TYR D 66 -8.68 -6.43 -14.24
C TYR D 66 -8.59 -7.39 -15.42
N GLY D 67 -9.39 -7.13 -16.44
CA GLY D 67 -9.54 -8.06 -17.55
C GLY D 67 -10.55 -9.14 -17.23
N GLU D 68 -10.56 -9.59 -15.98
CA GLU D 68 -11.51 -10.58 -15.52
C GLU D 68 -11.72 -10.38 -14.02
N TRP D 69 -12.81 -10.95 -13.50
CA TRP D 69 -13.12 -10.85 -12.08
C TRP D 69 -12.39 -11.94 -11.30
N VAL D 70 -11.80 -11.55 -10.17
CA VAL D 70 -11.15 -12.48 -9.26
C VAL D 70 -11.71 -12.25 -7.86
N ILE D 71 -12.15 -13.33 -7.21
CA ILE D 71 -12.79 -13.27 -5.91
C ILE D 71 -11.77 -13.64 -4.84
N SER D 72 -11.73 -12.87 -3.76
CA SER D 72 -10.86 -13.14 -2.63
C SER D 72 -11.62 -12.82 -1.35
N THR D 73 -11.02 -13.20 -0.21
CA THR D 73 -11.56 -12.92 1.11
C THR D 73 -10.69 -11.89 1.82
N VAL D 74 -11.32 -10.82 2.33
CA VAL D 74 -10.58 -9.79 3.03
C VAL D 74 -10.83 -9.80 4.54
N LEU D 75 -11.97 -10.31 5.00
CA LEU D 75 -12.26 -10.37 6.42
C LEU D 75 -12.87 -11.73 6.73
N ALA D 76 -12.29 -12.43 7.69
CA ALA D 76 -12.71 -13.77 8.02
C ALA D 76 -14.06 -13.75 8.74
N PRO D 77 -14.77 -14.89 8.77
CA PRO D 77 -16.02 -14.94 9.54
C PRO D 77 -15.79 -14.54 10.99
N GLY D 78 -16.76 -13.84 11.56
CA GLY D 78 -16.66 -13.34 12.90
C GLY D 78 -16.21 -11.89 13.01
N LYS D 79 -15.62 -11.34 11.95
CA LYS D 79 -15.20 -9.95 11.99
C LYS D 79 -16.38 -9.01 11.88
N ALA D 80 -17.35 -9.33 11.03
CA ALA D 80 -18.42 -8.41 10.67
C ALA D 80 -19.78 -8.93 11.13
N LEU D 81 -20.63 -8.01 11.58
CA LEU D 81 -22.04 -8.29 11.78
C LEU D 81 -22.62 -9.04 10.60
N GLN D 82 -23.44 -10.06 10.88
CA GLN D 82 -24.18 -10.72 9.82
C GLN D 82 -25.19 -9.74 9.23
N GLY D 83 -25.03 -9.41 7.96
CA GLY D 83 -25.82 -8.34 7.37
C GLY D 83 -25.24 -6.98 7.58
N THR D 84 -23.92 -6.86 7.81
CA THR D 84 -23.32 -5.58 8.03
C THR D 84 -23.54 -4.67 6.82
N PRO D 85 -23.63 -3.37 7.03
CA PRO D 85 -23.49 -2.44 5.91
C PRO D 85 -22.03 -2.33 5.51
N LEU D 86 -21.80 -1.84 4.29
CA LEU D 86 -20.45 -1.67 3.78
C LEU D 86 -20.35 -0.34 3.04
N THR D 87 -19.23 0.34 3.24
CA THR D 87 -18.88 1.51 2.46
C THR D 87 -17.37 1.61 2.42
N ALA D 88 -16.86 2.17 1.33
CA ALA D 88 -15.43 2.18 1.08
C ALA D 88 -15.02 3.51 0.48
N LEU D 89 -13.73 3.80 0.61
CA LEU D 89 -13.13 4.93 -0.08
C LEU D 89 -11.70 4.57 -0.42
N LEU D 90 -11.12 5.37 -1.30
CA LEU D 90 -9.72 5.28 -1.67
C LEU D 90 -9.13 6.67 -1.45
N TRP D 91 -7.98 6.72 -0.78
CA TRP D 91 -7.43 7.99 -0.34
C TRP D 91 -5.92 7.90 -0.28
N GLY D 92 -5.29 9.06 -0.06
CA GLY D 92 -3.90 9.13 0.26
C GLY D 92 -3.07 9.25 -0.99
N PRO D 93 -1.77 9.45 -0.83
CA PRO D 93 -0.91 9.61 -2.01
C PRO D 93 -0.85 8.37 -2.87
N GLN D 94 -0.87 7.19 -2.25
CA GLN D 94 -0.64 5.93 -2.96
C GLN D 94 -1.86 5.00 -3.00
N ASP D 95 -3.07 5.58 -3.06
CA ASP D 95 -4.32 4.82 -3.24
C ASP D 95 -4.59 3.79 -2.13
N THR D 96 -4.75 4.29 -0.92
CA THR D 96 -5.04 3.44 0.23
C THR D 96 -6.55 3.15 0.27
N VAL D 97 -6.91 1.87 0.25
CA VAL D 97 -8.29 1.45 0.44
C VAL D 97 -8.65 1.44 1.92
N ALA D 98 -9.81 2.00 2.26
CA ALA D 98 -10.43 1.87 3.57
C ALA D 98 -11.84 1.29 3.40
N LEU D 99 -12.11 0.14 4.02
CA LEU D 99 -13.42 -0.50 3.97
C LEU D 99 -14.05 -0.42 5.36
N TYR D 100 -15.22 0.22 5.45
CA TYR D 100 -15.92 0.40 6.72
C TYR D 100 -17.08 -0.57 6.85
N TYR D 101 -17.24 -1.14 8.04
CA TYR D 101 -18.28 -2.12 8.30
C TYR D 101 -18.62 -2.07 9.78
N LEU D 102 -19.61 -2.89 10.18
CA LEU D 102 -20.01 -2.99 11.58
C LEU D 102 -19.56 -4.33 12.15
N SER D 103 -19.04 -4.30 13.38
CA SER D 103 -18.73 -5.49 14.12
C SER D 103 -20.03 -6.16 14.58
N PRO D 104 -19.97 -7.40 15.06
CA PRO D 104 -21.19 -8.03 15.62
C PRO D 104 -21.75 -7.31 16.83
N GLN D 105 -21.02 -6.36 17.42
CA GLN D 105 -21.52 -5.55 18.51
C GLN D 105 -21.88 -4.13 18.07
N PHE D 106 -22.11 -3.95 16.76
CA PHE D 106 -22.61 -2.67 16.23
C PHE D 106 -21.65 -1.52 16.52
N GLU D 107 -20.36 -1.78 16.34
CA GLU D 107 -19.35 -0.75 16.45
C GLU D 107 -18.70 -0.51 15.09
N LEU D 108 -18.38 0.75 14.80
CA LEU D 108 -17.68 1.07 13.57
C LEU D 108 -16.35 0.32 13.49
N GLN D 109 -16.08 -0.26 12.34
CA GLN D 109 -14.83 -0.95 12.08
C GLN D 109 -14.27 -0.46 10.75
N GLU D 110 -12.96 -0.66 10.59
CA GLU D 110 -12.26 -0.18 9.40
C GLU D 110 -11.24 -1.22 8.98
N TRP D 111 -11.26 -1.59 7.71
CA TRP D 111 -10.26 -2.49 7.13
C TRP D 111 -9.46 -1.71 6.09
N CYS D 112 -8.14 -1.78 6.19
CA CYS D 112 -7.23 -0.97 5.39
C CYS D 112 -6.33 -1.86 4.53
N TRP D 113 -5.99 -1.36 3.34
CA TRP D 113 -5.17 -2.12 2.40
C TRP D 113 -4.23 -1.17 1.66
N ASP D 114 -2.97 -1.14 2.10
CA ASP D 114 -1.85 -0.43 1.49
C ASP D 114 -1.07 -1.29 0.50
N THR D 115 -0.32 -0.60 -0.34
CA THR D 115 0.66 -1.19 -1.24
C THR D 115 1.98 -0.50 -0.91
N LYS D 116 2.36 -0.55 0.36
CA LYS D 116 3.52 0.17 0.87
C LYS D 116 4.79 -0.65 0.69
N ASN D 117 5.83 0.00 0.16
CA ASN D 117 7.13 -0.64 -0.04
C ASN D 117 6.98 -1.90 -0.89
N GLY D 118 6.10 -1.81 -1.89
CA GLY D 118 5.78 -2.92 -2.77
C GLY D 118 5.25 -4.13 -2.04
N ALA D 119 4.73 -3.93 -0.83
CA ALA D 119 4.13 -4.96 0.00
C ALA D 119 2.61 -4.81 -0.02
N ASP D 120 1.91 -5.94 -0.01
CA ASP D 120 0.44 -5.97 -0.05
C ASP D 120 -0.02 -6.02 1.41
N ASN D 121 0.09 -4.87 2.07
CA ASN D 121 -0.11 -4.72 3.51
C ASN D 121 -1.58 -4.44 3.84
N LYS D 122 -2.19 -5.32 4.64
CA LYS D 122 -3.59 -5.26 5.02
C LYS D 122 -3.67 -5.28 6.55
N TYR D 123 -4.51 -4.43 7.13
CA TYR D 123 -4.52 -4.27 8.57
C TYR D 123 -5.82 -3.63 9.03
N ASP D 124 -6.12 -3.79 10.32
CA ASP D 124 -7.25 -3.09 10.91
C ASP D 124 -6.92 -1.61 11.08
N GLY D 125 -7.90 -0.75 10.77
CA GLY D 125 -7.71 0.67 10.94
C GLY D 125 -7.83 1.09 12.39
N ALA D 126 -7.34 2.30 12.67
CA ALA D 126 -7.39 2.82 14.03
C ALA D 126 -8.80 3.12 14.50
N LEU D 127 -9.78 3.21 13.58
CA LEU D 127 -11.14 3.53 13.96
C LEU D 127 -11.71 2.48 14.91
N ASN D 128 -11.28 1.22 14.79
CA ASN D 128 -11.76 0.17 15.67
C ASN D 128 -11.58 0.53 17.13
N ALA D 129 -10.43 1.14 17.47
CA ALA D 129 -10.12 1.44 18.87
C ALA D 129 -11.05 2.49 19.45
N ALA D 130 -11.68 3.30 18.61
CA ALA D 130 -12.62 4.30 19.12
C ALA D 130 -13.90 3.68 19.65
N LYS D 131 -14.21 2.44 19.25
CA LYS D 131 -15.38 1.69 19.72
C LYS D 131 -16.66 2.52 19.64
N VAL D 132 -16.97 2.97 18.43
CA VAL D 132 -18.11 3.84 18.19
C VAL D 132 -19.36 2.98 18.04
N LYS D 133 -20.24 3.00 19.04
CA LYS D 133 -21.50 2.28 18.98
C LYS D 133 -22.48 3.05 18.11
N VAL D 134 -23.14 2.36 17.19
CA VAL D 134 -24.10 2.97 16.29
C VAL D 134 -25.44 2.26 16.46
N ALA D 135 -26.48 2.84 15.89
CA ALA D 135 -27.77 2.17 15.87
C ALA D 135 -27.59 0.81 15.19
N PRO D 136 -28.21 -0.26 15.70
CA PRO D 136 -27.93 -1.60 15.17
C PRO D 136 -28.32 -1.77 13.71
N TYR D 137 -29.27 -0.98 13.21
CA TYR D 137 -29.69 -1.00 11.82
C TYR D 137 -29.03 0.11 11.01
N SER D 138 -28.00 0.76 11.55
CA SER D 138 -27.36 1.87 10.86
C SER D 138 -26.77 1.43 9.52
N LYS D 139 -26.91 2.28 8.51
CA LYS D 139 -26.17 2.10 7.28
C LYS D 139 -24.87 2.88 7.38
N LEU D 140 -24.09 2.89 6.30
CA LEU D 140 -22.79 3.55 6.34
C LEU D 140 -22.52 4.30 5.05
N GLY D 141 -21.92 5.49 5.20
CA GLY D 141 -21.30 6.19 4.09
C GLY D 141 -19.96 6.74 4.52
N ALA D 142 -19.18 7.19 3.54
CA ALA D 142 -17.84 7.69 3.84
C ALA D 142 -17.29 8.46 2.65
N VAL D 143 -16.50 9.49 2.93
CA VAL D 143 -15.83 10.29 1.91
C VAL D 143 -14.43 10.66 2.38
N SER D 144 -13.53 10.88 1.43
CA SER D 144 -12.24 11.49 1.69
C SER D 144 -12.17 12.83 0.96
N PHE D 145 -11.63 13.84 1.64
CA PHE D 145 -11.45 15.16 1.03
C PHE D 145 -10.04 15.68 1.32
N GLY D 146 -9.26 15.88 0.26
CA GLY D 146 -7.97 16.52 0.37
C GLY D 146 -6.85 15.72 0.99
N GLY D 147 -6.55 14.58 0.36
CA GLY D 147 -5.41 13.79 0.78
C GLY D 147 -5.57 12.92 1.99
N ALA D 148 -5.40 13.50 3.19
CA ALA D 148 -5.39 12.73 4.44
C ALA D 148 -6.55 13.06 5.37
N ASN D 149 -7.70 13.46 4.84
CA ASN D 149 -8.88 13.69 5.66
C ASN D 149 -9.96 12.69 5.28
N LEU D 150 -10.54 12.05 6.30
CA LEU D 150 -11.60 11.07 6.12
C LEU D 150 -12.81 11.45 6.95
N ALA D 151 -14.00 11.05 6.49
CA ALA D 151 -15.21 11.21 7.26
C ALA D 151 -16.10 9.99 7.05
N VAL D 152 -16.57 9.41 8.15
CA VAL D 152 -17.51 8.29 8.11
C VAL D 152 -18.87 8.78 8.60
N TYR D 153 -19.93 8.36 7.91
CA TYR D 153 -21.28 8.76 8.23
C TYR D 153 -22.11 7.53 8.58
N TYR D 154 -22.93 7.67 9.61
CA TYR D 154 -23.65 6.55 10.18
C TYR D 154 -24.88 7.10 10.91
N GLN D 155 -25.69 6.19 11.44
CA GLN D 155 -26.90 6.57 12.16
C GLN D 155 -26.67 6.29 13.64
N GLY D 156 -26.82 7.32 14.47
CA GLY D 156 -26.66 7.17 15.90
C GLY D 156 -27.86 6.50 16.54
N THR D 157 -27.69 6.18 17.83
CA THR D 157 -28.73 5.46 18.56
C THR D 157 -30.02 6.24 18.69
N ASN D 158 -29.98 7.57 18.54
CA ASN D 158 -31.19 8.38 18.52
C ASN D 158 -31.71 8.62 17.11
N ASN D 159 -31.14 7.93 16.12
CA ASN D 159 -31.54 7.88 14.71
C ASN D 159 -31.14 9.13 13.93
N LYS D 160 -30.42 10.06 14.54
CA LYS D 160 -29.80 11.14 13.79
C LYS D 160 -28.63 10.61 12.97
N LEU D 161 -28.35 11.27 11.84
CA LEU D 161 -27.15 10.97 11.07
C LEU D 161 -25.95 11.62 11.76
N GLU D 162 -24.86 10.87 11.89
CA GLU D 162 -23.69 11.31 12.63
C GLU D 162 -22.44 11.19 11.75
N GLU D 163 -21.43 11.96 12.11
CA GLU D 163 -20.16 11.99 11.39
C GLU D 163 -19.00 11.68 12.34
N TYR D 164 -18.05 10.88 11.85
CA TYR D 164 -16.77 10.66 12.52
C TYR D 164 -15.66 11.03 11.55
N THR D 165 -14.68 11.82 12.01
CA THR D 165 -13.65 12.37 11.14
C THR D 165 -12.26 11.85 11.51
N PHE D 166 -11.38 11.85 10.51
CA PHE D 166 -9.98 11.49 10.67
C PHE D 166 -9.14 12.48 9.87
N GLY D 167 -8.01 12.89 10.44
CA GLY D 167 -7.07 13.74 9.75
C GLY D 167 -6.63 14.92 10.60
N GLY D 168 -5.81 15.76 9.98
CA GLY D 168 -5.24 16.89 10.69
C GLY D 168 -4.40 16.51 11.90
N GLY D 169 -3.78 15.33 11.85
CA GLY D 169 -2.97 14.85 12.96
C GLY D 169 -3.72 14.59 14.25
N GLN D 170 -5.05 14.52 14.19
CA GLN D 170 -5.86 14.35 15.39
C GLN D 170 -6.25 12.90 15.67
N GLY D 171 -6.21 12.03 14.66
CA GLY D 171 -6.83 10.73 14.77
C GLY D 171 -8.33 10.84 14.61
N TRP D 172 -9.01 9.75 14.99
CA TRP D 172 -10.45 9.70 14.83
C TRP D 172 -11.15 10.47 15.94
N LYS D 173 -12.02 11.40 15.55
CA LYS D 173 -12.76 12.23 16.48
C LYS D 173 -14.22 12.27 16.07
N LYS D 174 -15.10 12.40 17.05
CA LYS D 174 -16.50 12.64 16.75
C LYS D 174 -16.65 13.93 15.95
N GLY D 175 -17.40 13.86 14.86
CA GLY D 175 -17.65 14.97 13.97
C GLY D 175 -19.02 15.58 14.18
N ALA D 176 -19.55 16.19 13.13
CA ALA D 176 -20.83 16.89 13.24
C ALA D 176 -21.98 15.91 13.47
N THR D 177 -23.07 16.44 14.04
CA THR D 177 -24.38 15.80 14.03
C THR D 177 -25.21 16.44 12.92
N LEU D 178 -25.66 15.62 11.97
CA LEU D 178 -26.31 16.17 10.78
C LEU D 178 -27.78 16.53 11.05
N PRO D 179 -28.31 17.54 10.35
CA PRO D 179 -29.70 17.94 10.55
C PRO D 179 -30.68 16.99 9.88
N GLY D 180 -31.97 17.23 10.15
CA GLY D 180 -33.02 16.43 9.55
C GLY D 180 -33.47 15.27 10.43
N ASP D 181 -34.50 14.56 9.93
CA ASP D 181 -35.15 13.49 10.66
CA ASP D 181 -35.15 13.49 10.66
C ASP D 181 -35.02 12.20 9.85
N PRO D 182 -33.90 11.49 9.99
CA PRO D 182 -33.68 10.30 9.14
C PRO D 182 -34.55 9.12 9.56
N LEU D 183 -35.03 8.40 8.57
CA LEU D 183 -35.73 7.15 8.82
C LEU D 183 -34.80 6.20 9.56
N PRO D 184 -35.25 5.56 10.64
CA PRO D 184 -34.41 4.54 11.29
C PRO D 184 -34.05 3.43 10.31
N GLY D 185 -32.75 3.18 10.18
CA GLY D 185 -32.25 2.20 9.23
C GLY D 185 -32.16 2.68 7.80
N THR D 186 -32.31 3.99 7.55
CA THR D 186 -32.24 4.50 6.18
C THR D 186 -30.91 4.16 5.54
N TYR D 187 -30.96 3.81 4.25
CA TYR D 187 -29.74 3.77 3.46
C TYR D 187 -29.20 5.19 3.29
N ILE D 188 -27.89 5.30 3.23
CA ILE D 188 -27.24 6.60 3.10
C ILE D 188 -26.12 6.46 2.08
N SER D 189 -25.79 7.58 1.43
CA SER D 189 -24.70 7.61 0.48
C SER D 189 -24.18 9.04 0.41
N PHE D 190 -22.89 9.22 0.73
CA PHE D 190 -22.27 10.52 0.75
C PHE D 190 -21.19 10.59 -0.31
N VAL D 191 -21.09 11.75 -0.96
CA VAL D 191 -20.17 11.94 -2.07
C VAL D 191 -19.48 13.29 -1.91
N ASN D 192 -18.25 13.37 -2.42
CA ASN D 192 -17.54 14.64 -2.52
C ASN D 192 -17.83 15.29 -3.86
N ARG D 193 -18.39 16.51 -3.83
CA ARG D 193 -18.81 17.17 -5.07
C ARG D 193 -17.61 17.52 -5.95
N ASN D 194 -16.43 17.75 -5.35
CA ASN D 194 -15.25 18.16 -6.11
C ASN D 194 -14.02 17.69 -5.32
N LYS D 195 -13.71 16.41 -5.47
CA LYS D 195 -12.65 15.76 -4.68
C LYS D 195 -11.26 16.02 -5.24
N TRP D 196 -11.08 17.18 -5.88
CA TRP D 196 -9.80 17.53 -6.51
C TRP D 196 -8.87 18.23 -5.54
N ASP D 197 -8.78 17.76 -4.30
CA ASP D 197 -8.03 18.44 -3.24
C ASP D 197 -8.54 19.87 -3.11
N ALA D 198 -9.85 19.98 -3.04
CA ALA D 198 -10.53 21.28 -2.98
C ALA D 198 -10.91 21.52 -1.51
N ASN D 199 -10.05 22.25 -0.81
CA ASN D 199 -10.32 22.62 0.57
C ASN D 199 -10.61 24.11 0.58
N PRO D 200 -11.79 24.54 1.08
CA PRO D 200 -12.78 23.68 1.73
C PRO D 200 -13.58 22.77 0.79
N PRO D 201 -13.91 21.58 1.27
CA PRO D 201 -14.65 20.60 0.47
C PRO D 201 -16.12 20.94 0.32
N SER D 202 -16.76 20.28 -0.64
CA SER D 202 -18.20 20.37 -0.84
C SER D 202 -18.74 18.94 -0.82
N ILE D 203 -19.56 18.62 0.20
CA ILE D 203 -20.03 17.26 0.43
C ILE D 203 -21.55 17.23 0.35
N ALA D 204 -22.07 16.12 -0.18
CA ALA D 204 -23.51 15.89 -0.23
C ALA D 204 -23.80 14.44 0.16
N GLY D 205 -24.86 14.25 0.93
CA GLY D 205 -25.32 12.92 1.28
C GLY D 205 -26.80 12.78 1.03
N TYR D 206 -27.23 11.54 0.76
CA TYR D 206 -28.60 11.27 0.38
C TYR D 206 -29.19 10.20 1.28
N PHE D 207 -30.43 10.42 1.71
CA PHE D 207 -31.04 9.56 2.72
C PHE D 207 -32.56 9.66 2.62
N GLN D 208 -33.23 8.80 3.37
CA GLN D 208 -34.68 8.76 3.46
C GLN D 208 -35.11 9.27 4.84
N THR D 209 -36.12 10.13 4.85
CA THR D 209 -36.60 10.72 6.10
C THR D 209 -37.69 9.84 6.71
N VAL D 210 -38.13 10.22 7.91
CA VAL D 210 -39.18 9.48 8.59
C VAL D 210 -40.51 9.52 7.87
N THR D 211 -40.67 10.42 6.89
CA THR D 211 -41.89 10.45 6.11
C THR D 211 -41.82 9.62 4.83
N GLY D 212 -40.69 8.99 4.54
CA GLY D 212 -40.53 8.24 3.32
C GLY D 212 -39.95 9.04 2.17
N SER D 213 -39.93 10.36 2.28
CA SER D 213 -39.30 11.18 1.26
CA SER D 213 -39.30 11.19 1.27
C SER D 213 -37.78 11.01 1.29
N LEU D 214 -37.16 11.26 0.14
CA LEU D 214 -35.72 11.30 0.06
C LEU D 214 -35.26 12.75 0.24
N ALA D 215 -34.20 12.95 1.00
CA ALA D 215 -33.69 14.28 1.32
C ALA D 215 -32.19 14.29 1.08
N GLU D 216 -31.58 15.47 1.26
CA GLU D 216 -30.19 15.67 0.92
C GLU D 216 -29.48 16.39 2.05
N GLN D 217 -28.34 15.86 2.46
CA GLN D 217 -27.43 16.55 3.37
C GLN D 217 -26.40 17.29 2.55
N VAL D 218 -26.11 18.52 2.94
CA VAL D 218 -25.14 19.36 2.24
C VAL D 218 -24.18 19.98 3.25
N TRP D 219 -22.88 19.79 3.03
CA TRP D 219 -21.87 20.50 3.80
C TRP D 219 -21.18 21.54 2.95
N GLU D 220 -21.19 22.77 3.45
CA GLU D 220 -20.42 23.87 2.91
C GLU D 220 -19.85 24.59 4.11
N THR D 221 -18.89 25.47 3.87
CA THR D 221 -18.35 26.30 4.94
C THR D 221 -19.49 26.90 5.74
N GLY D 222 -19.45 26.68 7.05
CA GLY D 222 -20.50 27.14 7.94
C GLY D 222 -21.33 26.04 8.55
N GLY D 223 -21.23 24.80 8.06
CA GLY D 223 -21.90 23.68 8.66
C GLY D 223 -22.81 22.94 7.69
N TRP D 224 -23.42 21.88 8.21
CA TRP D 224 -24.30 21.04 7.42
C TRP D 224 -25.67 21.67 7.29
N ARG D 225 -26.37 21.35 6.21
CA ARG D 225 -27.69 21.92 5.93
C ARG D 225 -28.48 20.95 5.07
N ILE D 226 -29.79 21.20 4.97
CA ILE D 226 -30.68 20.34 4.19
C ILE D 226 -30.78 20.91 2.78
N GLY D 227 -30.37 20.12 1.80
CA GLY D 227 -30.27 20.58 0.43
C GLY D 227 -31.59 20.58 -0.33
N GLN D 228 -31.47 20.91 -1.62
CA GLN D 228 -32.62 21.09 -2.50
C GLN D 228 -33.12 19.81 -3.14
N PHE D 229 -32.33 18.72 -3.12
CA PHE D 229 -32.78 17.45 -3.69
C PHE D 229 -33.91 16.87 -2.83
N VAL D 230 -35.09 16.69 -3.44
CA VAL D 230 -36.27 16.22 -2.72
C VAL D 230 -37.05 15.25 -3.59
N ILE D 231 -37.28 14.04 -3.08
CA ILE D 231 -38.18 13.07 -3.70
C ILE D 231 -39.35 12.87 -2.74
N PRO D 232 -40.55 13.35 -3.05
CA PRO D 232 -41.62 13.34 -2.04
C PRO D 232 -41.98 11.96 -1.51
N ALA D 233 -41.86 10.92 -2.33
CA ALA D 233 -42.24 9.57 -1.93
C ALA D 233 -41.29 8.55 -2.56
N ALA D 234 -40.91 7.56 -1.75
CA ALA D 234 -40.03 6.48 -2.18
C ALA D 234 -40.40 5.24 -1.38
N PRO D 235 -40.03 4.04 -1.86
CA PRO D 235 -40.35 2.83 -1.10
C PRO D 235 -39.69 2.82 0.27
N PHE D 236 -40.36 2.16 1.21
CA PHE D 236 -39.88 2.05 2.58
C PHE D 236 -38.50 1.38 2.60
N LEU D 237 -37.54 2.07 3.22
CA LEU D 237 -36.16 1.59 3.30
C LEU D 237 -35.60 1.26 1.93
N THR D 238 -35.85 2.15 0.96
CA THR D 238 -35.31 1.92 -0.37
C THR D 238 -33.79 2.02 -0.34
N PRO D 239 -33.09 1.12 -1.04
CA PRO D 239 -31.65 1.30 -1.24
C PRO D 239 -31.38 2.64 -1.93
N ILE D 240 -30.27 3.26 -1.55
CA ILE D 240 -29.86 4.57 -2.07
C ILE D 240 -28.35 4.52 -2.30
N SER D 241 -27.92 4.99 -3.46
CA SER D 241 -26.50 5.07 -3.76
C SER D 241 -26.26 6.29 -4.62
N ALA D 242 -25.15 6.99 -4.37
CA ALA D 242 -24.78 8.17 -5.13
C ALA D 242 -23.33 8.07 -5.57
N THR D 243 -23.02 8.71 -6.70
CA THR D 243 -21.66 8.79 -7.20
C THR D 243 -21.52 10.06 -8.03
N VAL D 244 -20.32 10.66 -8.00
CA VAL D 244 -20.07 11.92 -8.70
C VAL D 244 -18.79 11.78 -9.52
N SER D 245 -18.84 12.22 -10.77
CA SER D 245 -17.68 12.42 -11.62
C SER D 245 -17.92 13.63 -12.51
N PRO D 246 -16.87 14.33 -12.90
CA PRO D 246 -17.06 15.52 -13.75
C PRO D 246 -17.39 15.11 -15.17
N GLU D 247 -18.47 15.67 -15.72
CA GLU D 247 -18.84 15.52 -17.12
C GLU D 247 -18.75 16.89 -17.78
N LYS D 248 -17.98 16.98 -18.87
CA LYS D 248 -17.72 18.25 -19.55
C LYS D 248 -17.19 19.29 -18.56
N ASP D 249 -16.30 18.84 -17.67
CA ASP D 249 -15.63 19.70 -16.70
C ASP D 249 -16.59 20.34 -15.70
N PHE D 250 -17.69 19.65 -15.38
CA PHE D 250 -18.59 20.08 -14.32
C PHE D 250 -19.12 18.86 -13.57
N PRO D 251 -19.21 18.94 -12.24
CA PRO D 251 -19.59 17.77 -11.44
C PRO D 251 -20.97 17.23 -11.84
N LYS D 252 -21.03 15.91 -12.04
CA LYS D 252 -22.27 15.21 -12.38
C LYS D 252 -22.63 14.28 -11.23
N ILE D 253 -23.66 14.64 -10.47
CA ILE D 253 -24.17 13.81 -9.38
C ILE D 253 -25.19 12.83 -9.94
N HIS D 254 -25.01 11.55 -9.64
CA HIS D 254 -25.99 10.52 -9.94
C HIS D 254 -26.52 9.96 -8.63
N VAL D 255 -27.84 9.93 -8.46
CA VAL D 255 -28.47 9.35 -7.30
C VAL D 255 -29.39 8.23 -7.75
N TYR D 256 -29.23 7.06 -7.15
CA TYR D 256 -30.00 5.88 -7.53
C TYR D 256 -30.80 5.36 -6.35
N TRP D 257 -32.05 4.99 -6.62
CA TRP D 257 -32.88 4.28 -5.65
C TRP D 257 -33.84 3.38 -6.42
N LEU D 258 -34.76 2.74 -5.70
CA LEU D 258 -35.67 1.76 -6.28
C LEU D 258 -37.09 2.28 -6.34
N SER D 259 -37.84 1.82 -7.34
CA SER D 259 -39.27 2.07 -7.44
C SER D 259 -40.03 1.01 -6.63
N VAL D 260 -41.37 1.10 -6.63
CA VAL D 260 -42.18 0.05 -6.01
C VAL D 260 -42.03 -1.28 -6.72
N GLU D 261 -41.62 -1.26 -7.99
CA GLU D 261 -41.36 -2.48 -8.74
C GLU D 261 -39.95 -2.98 -8.56
N SER D 262 -39.16 -2.35 -7.69
CA SER D 262 -37.75 -2.66 -7.49
C SER D 262 -36.94 -2.50 -8.77
N THR D 263 -37.32 -1.54 -9.61
CA THR D 263 -36.46 -1.10 -10.70
C THR D 263 -35.65 0.11 -10.23
N ILE D 264 -34.48 0.29 -10.84
CA ILE D 264 -33.55 1.32 -10.38
C ILE D 264 -33.90 2.66 -11.02
N ILE D 265 -34.09 3.67 -10.17
CA ILE D 265 -34.39 5.03 -10.60
C ILE D 265 -33.13 5.88 -10.48
N GLU D 266 -32.88 6.71 -11.50
CA GLU D 266 -31.73 7.60 -11.51
C GLU D 266 -32.20 9.05 -11.57
N SER D 267 -31.60 9.89 -10.74
CA SER D 267 -31.78 11.33 -10.83
C SER D 267 -30.39 11.96 -10.92
N VAL D 268 -30.19 12.83 -11.90
CA VAL D 268 -28.89 13.42 -12.21
C VAL D 268 -28.90 14.89 -11.85
N ASN D 269 -27.82 15.35 -11.22
CA ASN D 269 -27.57 16.78 -11.05
C ASN D 269 -26.38 17.19 -11.92
N TRP D 270 -26.64 18.05 -12.89
CA TRP D 270 -25.58 18.57 -13.76
C TRP D 270 -26.11 19.91 -14.28
N HIS D 271 -25.66 20.99 -13.67
CA HIS D 271 -26.27 22.31 -13.83
C HIS D 271 -27.76 22.24 -13.50
N GLY D 272 -28.07 21.69 -12.34
CA GLY D 272 -29.44 21.55 -11.90
C GLY D 272 -29.91 20.10 -11.93
N TRP D 273 -30.89 19.80 -11.09
CA TRP D 273 -31.41 18.44 -11.00
C TRP D 273 -32.33 18.12 -12.16
N LYS D 274 -32.15 16.94 -12.75
CA LYS D 274 -33.00 16.43 -13.81
C LYS D 274 -34.06 15.49 -13.25
N ALA D 275 -35.10 15.27 -14.04
CA ALA D 275 -36.21 14.44 -13.60
C ALA D 275 -35.77 12.99 -13.38
N PRO D 276 -36.27 12.33 -12.33
CA PRO D 276 -35.93 10.91 -12.12
C PRO D 276 -36.45 10.05 -13.27
N LYS D 277 -35.64 9.08 -13.68
CA LYS D 277 -36.08 8.18 -14.74
C LYS D 277 -35.52 6.78 -14.50
N GLN D 278 -36.32 5.79 -14.90
CA GLN D 278 -35.96 4.39 -14.76
C GLN D 278 -34.87 4.02 -15.76
N ILE D 279 -33.77 3.43 -15.27
CA ILE D 279 -32.66 3.13 -16.17
C ILE D 279 -32.91 1.85 -16.95
N ASP D 280 -33.67 0.91 -16.38
CA ASP D 280 -34.16 -0.27 -17.07
C ASP D 280 -35.32 -0.81 -16.25
N ASN D 281 -36.13 -1.67 -16.88
CA ASN D 281 -37.37 -2.14 -16.27
C ASN D 281 -37.24 -3.54 -15.66
N ILE D 282 -36.04 -3.96 -15.32
CA ILE D 282 -35.84 -5.28 -14.71
C ILE D 282 -35.85 -5.12 -13.20
N SER D 283 -36.66 -5.94 -12.52
CA SER D 283 -36.78 -5.88 -11.07
C SER D 283 -35.59 -6.56 -10.41
N VAL D 284 -34.83 -5.80 -9.61
CA VAL D 284 -33.76 -6.38 -8.82
C VAL D 284 -34.33 -6.83 -7.48
N VAL D 285 -33.52 -7.55 -6.69
CA VAL D 285 -33.88 -7.83 -5.31
C VAL D 285 -33.80 -6.55 -4.52
N LYS D 286 -34.84 -6.27 -3.74
CA LYS D 286 -34.87 -5.05 -2.93
C LYS D 286 -33.80 -5.19 -1.87
N ALA D 287 -32.62 -4.64 -2.14
CA ALA D 287 -31.46 -4.82 -1.29
C ALA D 287 -30.39 -3.84 -1.77
N ASP D 288 -29.35 -3.70 -0.95
CA ASP D 288 -28.32 -2.68 -1.16
C ASP D 288 -27.82 -2.66 -2.60
N ILE D 289 -27.68 -1.46 -3.16
CA ILE D 289 -27.00 -1.25 -4.43
C ILE D 289 -25.87 -0.26 -4.19
N SER D 290 -24.88 -0.31 -5.07
CA SER D 290 -23.69 0.52 -4.96
C SER D 290 -23.29 0.99 -6.35
N ALA D 291 -23.23 2.30 -6.54
CA ALA D 291 -22.86 2.89 -7.81
C ALA D 291 -21.48 3.55 -7.70
N THR D 292 -20.70 3.44 -8.78
CA THR D 292 -19.39 4.08 -8.88
C THR D 292 -19.21 4.56 -10.31
N SER D 293 -18.31 5.54 -10.49
CA SER D 293 -18.23 6.21 -11.78
C SER D 293 -16.83 6.75 -12.02
N PHE D 294 -16.57 7.08 -13.29
CA PHE D 294 -15.31 7.72 -13.67
C PHE D 294 -15.54 8.49 -14.98
N THR D 295 -14.64 9.42 -15.25
CA THR D 295 -14.73 10.25 -16.45
C THR D 295 -13.80 9.70 -17.53
N ARG D 296 -14.33 9.57 -18.74
CA ARG D 296 -13.53 9.10 -19.87
C ARG D 296 -12.74 10.26 -20.49
N ASP D 297 -11.88 9.90 -21.44
CA ASP D 297 -11.06 10.90 -22.12
C ASP D 297 -11.92 11.90 -22.88
N ASP D 298 -13.05 11.46 -23.43
CA ASP D 298 -13.94 12.35 -24.17
C ASP D 298 -14.85 13.18 -23.27
N GLY D 299 -14.65 13.14 -21.95
CA GLY D 299 -15.43 13.94 -21.03
C GLY D 299 -16.77 13.36 -20.63
N THR D 300 -17.07 12.14 -21.03
CA THR D 300 -18.31 11.49 -20.63
C THR D 300 -18.07 10.62 -19.39
N VAL D 301 -19.16 10.38 -18.64
CA VAL D 301 -19.07 9.70 -17.35
C VAL D 301 -19.65 8.30 -17.49
N ASP D 302 -18.81 7.30 -17.25
CA ASP D 302 -19.24 5.91 -17.11
C ASP D 302 -19.76 5.68 -15.70
N VAL D 303 -20.76 4.80 -15.59
CA VAL D 303 -21.29 4.37 -14.29
C VAL D 303 -21.33 2.86 -14.25
N ARG D 304 -21.07 2.30 -13.07
CA ARG D 304 -21.30 0.89 -12.77
C ARG D 304 -22.16 0.81 -11.51
N ILE D 305 -23.18 -0.04 -11.52
CA ILE D 305 -24.00 -0.31 -10.34
C ILE D 305 -23.91 -1.79 -10.02
N TYR D 306 -23.70 -2.10 -8.75
CA TYR D 306 -23.66 -3.48 -8.27
C TYR D 306 -24.79 -3.69 -7.28
N GLY D 307 -25.31 -4.91 -7.25
CA GLY D 307 -26.38 -5.25 -6.32
C GLY D 307 -26.83 -6.68 -6.55
N THR D 308 -28.00 -7.00 -6.02
CA THR D 308 -28.54 -8.35 -6.08
C THR D 308 -29.64 -8.43 -7.14
N ALA D 309 -29.47 -9.37 -8.08
CA ALA D 309 -30.48 -9.67 -9.09
C ALA D 309 -31.14 -11.00 -8.76
N GLN D 310 -32.33 -11.21 -9.33
CA GLN D 310 -32.99 -12.50 -9.22
C GLN D 310 -32.08 -13.59 -9.78
N LEU D 311 -32.00 -14.71 -9.08
CA LEU D 311 -32.70 -14.92 -7.81
C LEU D 311 -31.86 -14.44 -6.64
N ASN D 312 -30.56 -14.74 -6.68
CA ASN D 312 -29.60 -14.18 -5.75
C ASN D 312 -28.22 -14.22 -6.43
N VAL D 313 -27.99 -13.25 -7.31
CA VAL D 313 -26.71 -13.11 -7.98
C VAL D 313 -26.27 -11.65 -7.88
N LEU D 314 -24.96 -11.45 -7.92
CA LEU D 314 -24.36 -10.13 -7.92
C LEU D 314 -24.36 -9.61 -9.35
N PHE D 315 -25.16 -8.58 -9.62
CA PHE D 315 -25.22 -8.03 -10.98
C PHE D 315 -24.25 -6.88 -11.15
N GLU D 316 -23.90 -6.60 -12.41
CA GLU D 316 -23.18 -5.38 -12.77
C GLU D 316 -23.94 -4.70 -13.90
N ARG D 317 -24.47 -3.51 -13.62
CA ARG D 317 -25.10 -2.67 -14.64
C ARG D 317 -24.10 -1.65 -15.14
N ILE D 318 -24.03 -1.47 -16.45
CA ILE D 318 -22.98 -0.70 -17.10
C ILE D 318 -23.61 0.44 -17.88
N PHE D 319 -23.26 1.66 -17.50
CA PHE D 319 -23.56 2.84 -18.30
C PHE D 319 -22.26 3.24 -18.99
N ARG D 320 -22.19 3.04 -20.30
CA ARG D 320 -20.95 3.22 -21.04
C ARG D 320 -21.26 3.93 -22.34
N TYR D 321 -20.59 5.05 -22.57
CA TYR D 321 -20.79 5.86 -23.77
C TYR D 321 -22.25 6.27 -23.91
N GLY D 322 -22.85 6.66 -22.80
CA GLY D 322 -24.16 7.29 -22.81
C GLY D 322 -25.34 6.34 -22.83
N VAL D 323 -25.12 5.02 -22.77
CA VAL D 323 -26.21 4.06 -22.79
C VAL D 323 -25.99 3.02 -21.69
N TRP D 324 -27.09 2.60 -21.07
CA TRP D 324 -27.10 1.42 -20.22
C TRP D 324 -27.13 0.19 -21.11
N GLU D 325 -26.12 -0.65 -20.99
CA GLU D 325 -26.01 -1.82 -21.85
C GLU D 325 -27.11 -2.82 -21.52
N GLU D 326 -27.68 -3.44 -22.56
CA GLU D 326 -28.88 -4.24 -22.38
C GLU D 326 -28.59 -5.55 -21.66
N LYS D 327 -27.45 -6.17 -21.96
CA LYS D 327 -27.03 -7.38 -21.25
C LYS D 327 -26.45 -7.00 -19.90
N ILE D 328 -27.02 -7.55 -18.84
CA ILE D 328 -26.59 -7.29 -17.48
C ILE D 328 -25.77 -8.50 -17.02
N HIS D 329 -24.47 -8.30 -16.83
CA HIS D 329 -23.60 -9.37 -16.33
C HIS D 329 -23.97 -9.75 -14.90
N SER D 330 -23.60 -10.97 -14.54
CA SER D 330 -23.55 -11.37 -13.14
C SER D 330 -22.14 -11.86 -12.83
N ILE D 331 -21.69 -11.60 -11.61
CA ILE D 331 -20.35 -11.97 -11.17
C ILE D 331 -20.50 -13.13 -10.20
N SER D 332 -20.06 -14.31 -10.61
CA SER D 332 -20.18 -15.48 -9.76
C SER D 332 -19.23 -15.35 -8.57
N VAL D 333 -19.76 -15.61 -7.37
CA VAL D 333 -18.99 -15.51 -6.14
C VAL D 333 -18.96 -16.83 -5.37
N GLY D 334 -19.40 -17.93 -5.99
CA GLY D 334 -19.45 -19.21 -5.31
C GLY D 334 -20.38 -20.16 -6.06
N LYS D 335 -20.78 -21.22 -5.35
CA LYS D 335 -21.61 -22.26 -5.95
C LYS D 335 -22.99 -21.73 -6.31
N GLU D 336 -23.55 -22.27 -7.39
CA GLU D 336 -24.80 -21.78 -7.93
C GLU D 336 -25.68 -22.95 -8.37
N ILE D 337 -26.99 -22.72 -8.35
CA ILE D 337 -27.95 -23.65 -8.92
C ILE D 337 -28.91 -22.91 -9.83
N PRO D 338 -29.28 -23.48 -10.98
CA PRO D 338 -30.32 -22.88 -11.81
C PRO D 338 -31.70 -23.31 -11.37
N ILE D 339 -32.65 -22.40 -11.46
CA ILE D 339 -34.03 -22.64 -11.03
C ILE D 339 -34.98 -22.10 -12.09
N GLU D 340 -35.96 -22.90 -12.46
CA GLU D 340 -37.02 -22.44 -13.34
C GLU D 340 -37.90 -21.42 -12.63
N VAL D 341 -38.21 -20.33 -13.34
CA VAL D 341 -39.05 -19.25 -12.82
C VAL D 341 -40.26 -19.11 -13.73
N VAL D 342 -41.44 -18.97 -13.12
CA VAL D 342 -42.69 -18.78 -13.84
CA VAL D 342 -42.70 -18.79 -13.83
C VAL D 342 -43.38 -17.53 -13.34
N GLY D 343 -43.99 -16.77 -14.25
CA GLY D 343 -44.70 -15.57 -13.90
C GLY D 343 -46.15 -15.88 -13.57
N VAL D 344 -46.61 -15.36 -12.43
CA VAL D 344 -47.94 -15.68 -11.93
C VAL D 344 -48.66 -14.40 -11.54
N ALA D 345 -49.94 -14.32 -11.90
CA ALA D 345 -50.79 -13.19 -11.52
C ALA D 345 -51.53 -13.51 -10.23
N ALA D 346 -52.72 -12.93 -10.06
CA ALA D 346 -53.61 -13.22 -8.93
C ALA D 346 -54.93 -12.47 -9.09
#